data_9AVV
#
_entry.id   9AVV
#
_cell.length_a   1.00
_cell.length_b   1.00
_cell.length_c   1.00
_cell.angle_alpha   90.00
_cell.angle_beta   90.00
_cell.angle_gamma   90.00
#
_symmetry.space_group_name_H-M   'P 1'
#
loop_
_entity.id
_entity.type
_entity.pdbx_description
1 polymer 'Acetylcholine receptor subunit alpha'
2 polymer 'Acetylcholine receptor subunit beta'
3 polymer 'Acetylcholine receptor subunit delta'
4 polymer 'Acetylcholine receptor subunit epsilon'
5 polymer Toxin
6 branched alpha-D-mannopyranose-(1-2)-alpha-D-mannopyranose-(1-3)-[alpha-D-mannopyranose-(1-2)-alpha-D-mannopyranose-(1-6)]alpha-D-mannopyranose-(1-6)-[alpha-D-mannopyranose-(1-2)-alpha-D-mannopyranose-(1-3)]beta-D-mannopyranose-(1-4)-2-acetamido-2-deoxy-beta-D-glucopyranose-(1-4)-2-acetamido-2-deoxy-beta-D-glucopyranose
7 branched alpha-D-mannopyranose-(1-6)-beta-D-mannopyranose-(1-4)-2-acetamido-2-deoxy-beta-D-glucopyranose-(1-4)-2-acetamido-2-deoxy-beta-D-glucopyranose
8 branched alpha-D-mannopyranose-(1-2)-alpha-D-mannopyranose-(1-2)-alpha-D-mannopyranose-(1-3)-[alpha-D-mannopyranose-(1-2)-alpha-D-mannopyranose-(1-3)-[alpha-D-mannopyranose-(1-2)-alpha-D-mannopyranose-(1-6)]alpha-D-mannopyranose-(1-6)]beta-D-mannopyranose-(1-4)-2-acetamido-2-deoxy-beta-D-glucopyranose-(1-4)-2-acetamido-2-deoxy-beta-D-glucopyranose
9 branched alpha-D-mannopyranose-(1-3)-alpha-D-mannopyranose-(1-6)-[alpha-D-mannopyranose-(1-3)]beta-D-mannopyranose-(1-4)-2-acetamido-2-deoxy-beta-D-glucopyranose-(1-4)-2-acetamido-2-deoxy-beta-D-glucopyranose
10 non-polymer '(2S)-3-(hexadecanoyloxy)-2-[(9Z)-octadec-9-enoyloxy]propyl 2-(trimethylammonio)ethyl phosphate'
11 non-polymer 2-acetamido-2-deoxy-beta-D-glucopyranose
#
loop_
_entity_poly.entity_id
_entity_poly.type
_entity_poly.pdbx_seq_one_letter_code
_entity_poly.pdbx_strand_id
1 'polypeptide(L)'
;SEHETRLVAKLFEDYNSVVRPVEDHRQAVEVTVGLQLIQLINVDEVNQIVTTNVRLKQQWVDYNLKWNPDDYGGVKKIHI
PSEKIWRPDLVLYNNADGDFAIVKFTKVLLDYTGHITWTPPAIFKSYCEIIVTHFPFDEQNCSMKLGTWTYDGSVVVINP
ESDQPDLSNFMESGEWVIKESRGWKHWVFYACCPSTPYLDITYHFVMQRLPLYFIVNVIIPCLLFSFLTGLVFYLPTDSG
EKMTLSISVLLSLTVFLLVIVELIPSTSSAVPLIGKYMLFTMVFVIASIIITVIVINTHHRSPSTHVMPEWVRKVFIDTI
PNIMFFSTMKRPSREKQDKKIFTEDIDISDISGKPGPPPMGFHSPLIKHPEVKSAIEGIKYIAETMKSDQESNNAAEEWK
YVAMVMDHILLAVFMLVCIIGTLAVFAGRLIELNQQG
;
A,C
2 'polypeptide(L)'
;SEAEGRLREKLFSGYDSTVRPAREVGDRVWVSIGLTLAQLISLNEKDEEMSTKVYLDLEWTDYRLSWDPEEHEGIDSLRI
SAESVWLPDVVLLNNNDGNFDVALDINVVVSSDGSMRWQPPGIYRSSCSIQVTYFPFDWQNCTMVFSSYSYDSSEVSLQT
GLSPEGQERQEVYIHEGTFIENGQWEIIHKPSRLIQPSVDPRGGGEGRREEVTFYLIIRRKPLFYLVNVIAPCILITLLA
IFVFYLPPDAGEKMGLSIFALLTLTVFLLLLADKVPETSLSVPIIIKYLMFTMVLVTFSVILSVVVLNLHHRSPHTHQMP
LWVRQIFIHKLPLYLGLKRPKPERDQMQEPPSIAPRDSPGSGWGRGTDEYFIRKPPNDFLFPKPNRFQPELSAPDLRRFI
DGPNRAVGLPPELREVVSSISYIARQLQEQEDHDVLKEDWQFVAMVVDRLFLWTFIIFTSVGTLVIFLDATYHLPPADPF
P
;
E
3 'polypeptide(L)'
;LNEEERLIRHLFEEKAYNKELRPAAHKESVEISLALTLSNLISLKEVEETLTTNVWIEQGWTDSRLQWDAEDFGNISVLR
LPADMVWLPEIVLENNNDGSFQISYSCNVLIYPSGSVYWLPPAIFRSSCPISVTYFPFDWQNCSLKFSSLKYTTKEITLS
LKQAEEDGRSYPVEWIIIDPEGFTENGEWEIVHRPARVNVDPSVPLDSPNRQDVTFYLIIRRKPLFYVINILVPCVLISF
MINLVFYLPADCGEKTSMAISVLLAQSVFLLLISKRLPATSMAIPLIGKFLLFGMVLVTMVVVICVIVLNIHFRTPSTHV
LSEPVKKLFLETLPEILHMSRPAEDGPSPGTLIRRSSSLGYISKAEEYFSLKSRSDLMFEKQSERHGLARRLTTARRPPA
GSEQAQQELFSELKPAVDGANFIVNHMKDQNNYNEEKDCWNRVARTVDRLCLFVVTPIMVVGTAWIFLQGAYNQPPPQPF
PGDPFSYLEKDKRFI
;
D
4 'polypeptide(L)'
;KNEELRLYHYLFDTYDPGRRPVQEPEDTVTISLKVTLTNLISLNEKEETLTTSVWIGIDWQDYRLNYSKGDFGGVETLRV
PSELVWLPEIVLENNIDGQFGVAYEANVLVSEGGYLSWLPPAIYRSTCAVEVTYFPFDWQNCSLVFRSQTYNAEEVEFVF
AVDDEGKTISKIDIDTEAYTENGEWAIDFCPGVIRRHDGDSAGGPGETDVIYSLIIRRKPLFYVINIIVPCVLISGLVLL
AYFLPAQAGGQKCTVSINVLLAQTVFLFLIAQKTPETSLSVPLLGRYLIFVMVVATLIVMNCVIVLNVSLRTPTTHAMSP
RLRYVLLELLPQLLGSGAPPEIPRAASPPRRASSLGLLLRAEELILKKPRSELVFEQQRHRHGTWTATLCQNLGAAAPEI
RCCVDAVNFVASSTRDQEATGEEVSDWVRMGKALDSICFWAALVLFLVGSSLIFLGAYFNRVPQLPYPPCM
;
B
5 'polypeptide(L)' GSMICYNQQSSQPPTTKTCSETSCYKKTWRDHRGTIIERGCGCPKVKPGIKLHCCRTDKCNN F,G
#
# COMPACT_ATOMS: atom_id res chain seq x y z
N SER A 1 -35.40 44.28 8.34
CA SER A 1 -34.39 44.15 7.26
C SER A 1 -34.82 44.78 5.94
N GLU A 2 -35.80 45.68 5.98
CA GLU A 2 -36.22 46.36 4.76
C GLU A 2 -35.30 47.54 4.46
N HIS A 3 -34.73 48.15 5.51
CA HIS A 3 -33.71 49.18 5.32
C HIS A 3 -32.49 48.60 4.62
N GLU A 4 -32.01 47.43 5.08
CA GLU A 4 -30.87 46.80 4.45
C GLU A 4 -31.21 46.21 3.09
N THR A 5 -32.46 45.81 2.87
CA THR A 5 -32.88 45.42 1.53
C THR A 5 -32.80 46.60 0.57
N ARG A 6 -33.28 47.77 1.02
CA ARG A 6 -33.17 48.98 0.21
C ARG A 6 -31.71 49.31 -0.07
N LEU A 7 -30.86 49.22 0.97
CA LEU A 7 -29.46 49.57 0.81
C LEU A 7 -28.75 48.65 -0.16
N VAL A 8 -29.01 47.34 -0.06
CA VAL A 8 -28.34 46.38 -0.94
C VAL A 8 -28.83 46.57 -2.37
N ALA A 9 -30.12 46.87 -2.55
CA ALA A 9 -30.60 47.18 -3.90
C ALA A 9 -29.96 48.44 -4.45
N LYS A 10 -29.77 49.47 -3.62
CA LYS A 10 -29.17 50.72 -4.08
C LYS A 10 -27.70 50.53 -4.43
N LEU A 11 -26.97 49.73 -3.65
CA LEU A 11 -25.52 49.70 -3.79
C LEU A 11 -25.08 48.97 -5.05
N PHE A 12 -25.88 48.02 -5.55
CA PHE A 12 -25.54 47.18 -6.69
C PHE A 12 -26.50 47.39 -7.85
N GLU A 13 -26.92 48.64 -8.08
CA GLU A 13 -27.73 48.99 -9.23
C GLU A 13 -26.93 49.56 -10.39
N ASP A 14 -25.76 50.15 -10.11
CA ASP A 14 -24.83 50.63 -11.13
C ASP A 14 -23.41 50.21 -10.80
N TYR A 15 -23.24 49.10 -10.08
CA TYR A 15 -21.94 48.70 -9.59
C TYR A 15 -21.20 47.88 -10.65
N ASN A 16 -19.89 48.08 -10.71
CA ASN A 16 -19.01 47.32 -11.61
C ASN A 16 -17.93 46.64 -10.77
N SER A 17 -17.80 45.33 -10.94
CA SER A 17 -16.83 44.54 -10.19
C SER A 17 -15.53 44.29 -10.95
N VAL A 18 -15.43 44.72 -12.21
CA VAL A 18 -14.22 44.47 -13.00
C VAL A 18 -13.15 45.49 -12.64
N VAL A 19 -13.48 46.77 -12.67
CA VAL A 19 -12.48 47.82 -12.50
C VAL A 19 -12.19 48.04 -11.02
N ARG A 20 -11.04 48.65 -10.75
CA ARG A 20 -10.56 48.77 -9.38
C ARG A 20 -11.44 49.76 -8.60
N PRO A 21 -11.61 49.57 -7.27
CA PRO A 21 -12.51 50.49 -6.52
C PRO A 21 -11.80 51.75 -6.04
N VAL A 22 -11.54 52.67 -6.97
CA VAL A 22 -10.88 53.93 -6.65
C VAL A 22 -11.70 55.06 -7.26
N GLU A 23 -11.57 56.24 -6.66
CA GLU A 23 -12.15 57.44 -7.26
C GLU A 23 -11.47 57.75 -8.58
N ASP A 24 -10.14 57.75 -8.58
CA ASP A 24 -9.32 58.07 -9.74
C ASP A 24 -8.43 56.88 -10.05
N HIS A 25 -8.24 56.59 -11.33
CA HIS A 25 -7.43 55.45 -11.74
C HIS A 25 -5.96 55.60 -11.39
N ARG A 26 -5.48 56.81 -11.10
CA ARG A 26 -4.08 57.00 -10.73
C ARG A 26 -3.79 56.62 -9.28
N GLN A 27 -4.82 56.31 -8.48
CA GLN A 27 -4.62 55.84 -7.11
C GLN A 27 -4.55 54.33 -7.08
N ALA A 28 -3.67 53.80 -6.24
CA ALA A 28 -3.58 52.37 -6.00
C ALA A 28 -4.61 51.95 -4.96
N VAL A 29 -5.09 50.72 -5.07
CA VAL A 29 -5.96 50.14 -4.06
C VAL A 29 -5.08 49.63 -2.92
N GLU A 30 -5.31 50.12 -1.71
CA GLU A 30 -4.53 49.74 -0.55
C GLU A 30 -5.19 48.54 0.11
N VAL A 31 -4.49 47.41 0.11
CA VAL A 31 -4.98 46.15 0.67
C VAL A 31 -4.09 45.77 1.84
N THR A 32 -4.71 45.37 2.95
CA THR A 32 -4.00 44.86 4.12
C THR A 32 -4.22 43.36 4.18
N VAL A 33 -3.13 42.60 4.21
CA VAL A 33 -3.15 41.15 4.12
C VAL A 33 -2.59 40.58 5.42
N GLY A 34 -3.35 39.67 6.03
CA GLY A 34 -2.87 38.93 7.19
C GLY A 34 -3.17 37.46 7.03
N LEU A 35 -2.26 36.63 7.50
CA LEU A 35 -2.36 35.18 7.42
C LEU A 35 -2.56 34.62 8.83
N GLN A 36 -3.60 33.81 8.99
CA GLN A 36 -3.88 33.11 10.23
C GLN A 36 -3.66 31.62 9.97
N LEU A 37 -2.78 31.00 10.75
CA LEU A 37 -2.48 29.57 10.62
C LEU A 37 -3.31 28.81 11.66
N ILE A 38 -4.27 28.04 11.19
CA ILE A 38 -5.14 27.27 12.09
C ILE A 38 -4.54 25.91 12.40
N GLN A 39 -3.97 25.24 11.40
CA GLN A 39 -3.46 23.88 11.60
C GLN A 39 -2.40 23.56 10.55
N LEU A 40 -1.26 23.07 11.00
CA LEU A 40 -0.27 22.47 10.11
C LEU A 40 -0.70 21.03 9.82
N ILE A 41 -1.19 20.77 8.60
CA ILE A 41 -1.79 19.49 8.30
C ILE A 41 -0.72 18.43 8.05
N ASN A 42 0.23 18.72 7.15
CA ASN A 42 1.19 17.71 6.74
C ASN A 42 2.47 18.36 6.24
N VAL A 43 3.57 17.61 6.37
CA VAL A 43 4.86 17.97 5.78
C VAL A 43 5.29 16.74 5.00
N ASP A 44 5.10 16.76 3.67
CA ASP A 44 5.47 15.65 2.81
C ASP A 44 6.88 15.92 2.28
N GLU A 45 7.83 15.20 2.86
CA GLU A 45 9.26 15.33 2.59
C GLU A 45 9.71 14.67 1.29
N VAL A 46 8.91 13.77 0.72
CA VAL A 46 9.28 13.18 -0.57
C VAL A 46 8.98 14.14 -1.70
N ASN A 47 7.74 14.60 -1.80
CA ASN A 47 7.34 15.56 -2.83
C ASN A 47 7.57 17.01 -2.40
N GLN A 48 8.05 17.23 -1.18
CA GLN A 48 8.44 18.57 -0.72
C GLN A 48 7.26 19.54 -0.73
N ILE A 49 6.20 19.16 -0.02
CA ILE A 49 4.96 19.94 0.04
C ILE A 49 4.54 20.08 1.50
N VAL A 50 4.25 21.31 1.92
CA VAL A 50 3.70 21.59 3.24
C VAL A 50 2.22 21.92 3.06
N THR A 51 1.36 21.15 3.72
CA THR A 51 -0.08 21.34 3.67
C THR A 51 -0.52 22.00 4.97
N THR A 52 -1.12 23.19 4.87
CA THR A 52 -1.57 23.96 6.01
C THR A 52 -3.03 24.39 5.81
N ASN A 53 -3.69 24.64 6.93
CA ASN A 53 -5.03 25.21 6.99
C ASN A 53 -4.89 26.67 7.42
N VAL A 54 -5.39 27.59 6.59
CA VAL A 54 -5.15 29.01 6.78
C VAL A 54 -6.43 29.80 6.60
N ARG A 55 -6.42 31.02 7.13
CA ARG A 55 -7.41 32.05 6.82
C ARG A 55 -6.66 33.26 6.32
N LEU A 56 -7.10 33.82 5.19
CA LEU A 56 -6.39 34.92 4.51
C LEU A 56 -7.21 36.20 4.65
N LYS A 57 -7.00 36.92 5.74
CA LYS A 57 -7.76 38.13 5.99
C LYS A 57 -7.26 39.25 5.07
N GLN A 58 -8.18 39.84 4.32
CA GLN A 58 -7.89 40.91 3.38
C GLN A 58 -8.81 42.08 3.69
N GLN A 59 -8.22 43.27 3.82
CA GLN A 59 -8.96 44.49 4.15
C GLN A 59 -8.70 45.56 3.12
N TRP A 60 -9.75 46.18 2.60
CA TRP A 60 -9.55 47.28 1.66
C TRP A 60 -10.80 48.15 1.59
N VAL A 61 -10.65 49.34 1.03
CA VAL A 61 -11.74 50.31 0.93
C VAL A 61 -12.29 50.26 -0.49
N ASP A 62 -13.60 50.04 -0.60
CA ASP A 62 -14.33 50.21 -1.85
C ASP A 62 -14.95 51.59 -1.90
N TYR A 63 -14.52 52.41 -2.86
CA TYR A 63 -14.97 53.80 -2.93
C TYR A 63 -16.46 53.90 -3.20
N ASN A 64 -17.02 52.92 -3.91
CA ASN A 64 -18.40 52.99 -4.41
C ASN A 64 -19.40 52.21 -3.56
N LEU A 65 -18.99 51.73 -2.37
CA LEU A 65 -19.84 50.95 -1.50
C LEU A 65 -20.05 51.65 -0.15
N LYS A 66 -20.09 52.99 -0.18
CA LYS A 66 -20.32 53.81 1.01
C LYS A 66 -21.77 54.27 1.02
N TRP A 67 -22.27 54.57 2.22
CA TRP A 67 -23.64 55.06 2.35
C TRP A 67 -23.78 55.86 3.63
N ASN A 68 -24.85 56.65 3.70
CA ASN A 68 -25.21 57.38 4.91
C ASN A 68 -26.07 56.48 5.79
N PRO A 69 -25.64 56.11 7.00
CA PRO A 69 -26.50 55.24 7.82
C PRO A 69 -27.84 55.86 8.19
N ASP A 70 -27.93 57.19 8.24
CA ASP A 70 -29.19 57.83 8.59
C ASP A 70 -30.25 57.67 7.52
N ASP A 71 -29.86 57.39 6.28
CA ASP A 71 -30.81 57.16 5.19
C ASP A 71 -31.32 55.73 5.14
N TYR A 72 -30.80 54.83 5.97
CA TYR A 72 -31.15 53.42 5.95
C TYR A 72 -31.34 52.89 7.38
N GLY A 73 -32.02 53.68 8.22
CA GLY A 73 -32.42 53.21 9.52
C GLY A 73 -31.32 53.09 10.55
N GLY A 74 -30.14 53.63 10.28
CA GLY A 74 -29.01 53.47 11.17
C GLY A 74 -28.15 52.25 10.88
N VAL A 75 -28.35 51.60 9.73
CA VAL A 75 -27.55 50.44 9.37
C VAL A 75 -26.15 50.90 9.03
N LYS A 76 -25.15 50.34 9.71
CA LYS A 76 -23.76 50.72 9.55
C LYS A 76 -22.85 49.62 9.02
N LYS A 77 -23.27 48.36 9.10
CA LYS A 77 -22.31 47.26 9.09
C LYS A 77 -23.06 46.06 8.54
N ILE A 78 -22.82 45.70 7.27
CA ILE A 78 -23.61 44.68 6.57
C ILE A 78 -22.71 43.52 6.14
N HIS A 79 -23.35 42.43 5.75
CA HIS A 79 -22.70 41.25 5.20
C HIS A 79 -23.23 41.02 3.78
N ILE A 80 -22.32 40.92 2.82
CA ILE A 80 -22.70 40.74 1.41
C ILE A 80 -21.91 39.57 0.84
N PRO A 81 -22.40 38.93 -0.23
CA PRO A 81 -21.58 37.92 -0.89
C PRO A 81 -20.32 38.53 -1.50
N SER A 82 -19.26 37.74 -1.54
CA SER A 82 -17.99 38.16 -2.11
C SER A 82 -17.93 38.03 -3.62
N GLU A 83 -18.84 37.28 -4.23
CA GLU A 83 -18.77 37.02 -5.67
C GLU A 83 -19.09 38.23 -6.51
N LYS A 84 -19.78 39.23 -5.96
CA LYS A 84 -20.34 40.33 -6.75
C LYS A 84 -19.52 41.61 -6.65
N ILE A 85 -18.42 41.62 -5.88
CA ILE A 85 -17.58 42.80 -5.72
C ILE A 85 -16.19 42.52 -6.30
N TRP A 86 -15.45 43.60 -6.52
CA TRP A 86 -14.03 43.49 -6.84
C TRP A 86 -13.28 42.96 -5.63
N ARG A 87 -12.30 42.10 -5.89
CA ARG A 87 -11.42 41.53 -4.88
C ARG A 87 -9.99 41.57 -5.39
N PRO A 88 -8.99 41.54 -4.50
CA PRO A 88 -7.64 41.24 -4.95
C PRO A 88 -7.54 39.81 -5.46
N ASP A 89 -6.66 39.60 -6.42
CA ASP A 89 -6.41 38.25 -6.96
C ASP A 89 -5.17 37.68 -6.29
N LEU A 90 -5.28 37.48 -4.97
CA LEU A 90 -4.15 36.98 -4.20
C LEU A 90 -3.91 35.52 -4.57
N VAL A 91 -2.71 35.24 -5.07
CA VAL A 91 -2.28 33.90 -5.48
C VAL A 91 -1.10 33.50 -4.63
N LEU A 92 -1.08 32.21 -4.26
CA LEU A 92 0.06 31.60 -3.59
C LEU A 92 1.07 31.20 -4.67
N TYR A 93 2.18 31.94 -4.75
CA TYR A 93 3.09 31.79 -5.88
C TYR A 93 3.76 30.43 -5.91
N ASN A 94 4.03 29.87 -4.73
CA ASN A 94 4.75 28.60 -4.59
C ASN A 94 3.78 27.47 -4.26
N ASN A 95 2.58 27.51 -4.83
CA ASN A 95 1.60 26.44 -4.67
C ASN A 95 2.10 25.18 -5.36
N ALA A 96 2.10 24.06 -4.64
CA ALA A 96 2.66 22.83 -5.17
C ALA A 96 1.67 22.09 -6.06
N ASP A 97 0.55 21.63 -5.49
CA ASP A 97 -0.45 20.88 -6.25
C ASP A 97 -1.87 21.21 -5.81
N GLY A 98 -2.09 22.24 -5.02
CA GLY A 98 -3.41 22.58 -4.54
C GLY A 98 -4.07 23.68 -5.37
N ASP A 99 -4.62 24.68 -4.69
CA ASP A 99 -5.29 25.80 -5.33
C ASP A 99 -4.36 27.00 -5.32
N PHE A 100 -4.25 27.68 -6.47
CA PHE A 100 -3.38 28.85 -6.55
C PHE A 100 -4.00 30.05 -5.84
N ALA A 101 -5.31 30.22 -5.93
CA ALA A 101 -6.02 31.35 -5.34
C ALA A 101 -7.12 30.85 -4.40
N ILE A 102 -7.86 31.79 -3.83
CA ILE A 102 -8.95 31.47 -2.93
C ILE A 102 -10.11 30.91 -3.77
N VAL A 103 -10.59 29.72 -3.38
CA VAL A 103 -11.75 29.10 -4.00
C VAL A 103 -12.97 29.07 -3.09
N LYS A 104 -12.82 29.35 -1.80
CA LYS A 104 -13.94 29.40 -0.85
C LYS A 104 -14.34 30.86 -0.70
N PHE A 105 -15.44 31.25 -1.36
CA PHE A 105 -15.88 32.64 -1.41
C PHE A 105 -16.89 32.88 -0.28
N THR A 106 -16.37 33.13 0.92
CA THR A 106 -17.19 33.43 2.07
C THR A 106 -17.64 34.90 2.01
N LYS A 107 -18.36 35.33 3.04
CA LYS A 107 -19.01 36.64 3.00
C LYS A 107 -18.04 37.77 3.29
N VAL A 108 -18.35 38.94 2.73
CA VAL A 108 -17.63 40.19 2.98
C VAL A 108 -18.38 40.99 4.03
N LEU A 109 -17.65 41.47 5.02
CA LEU A 109 -18.16 42.42 6.01
C LEU A 109 -17.86 43.83 5.52
N LEU A 110 -18.91 44.65 5.39
CA LEU A 110 -18.82 45.95 4.74
C LEU A 110 -19.33 47.05 5.68
N ASP A 111 -18.47 48.01 5.99
CA ASP A 111 -18.81 49.21 6.75
C ASP A 111 -19.51 50.22 5.85
N TYR A 112 -20.13 51.21 6.50
CA TYR A 112 -20.74 52.32 5.77
C TYR A 112 -19.70 53.27 5.16
N THR A 113 -18.45 53.18 5.58
CA THR A 113 -17.35 53.96 5.00
C THR A 113 -16.73 53.28 3.79
N GLY A 114 -17.29 52.16 3.33
CA GLY A 114 -16.72 51.40 2.24
C GLY A 114 -15.63 50.42 2.65
N HIS A 115 -15.32 50.32 3.94
CA HIS A 115 -14.30 49.38 4.36
C HIS A 115 -14.82 47.94 4.26
N ILE A 116 -13.98 47.07 3.73
CA ILE A 116 -14.29 45.68 3.43
C ILE A 116 -13.32 44.83 4.21
N THR A 117 -13.84 43.86 4.97
CA THR A 117 -13.08 42.79 5.58
C THR A 117 -13.55 41.48 4.95
N TRP A 118 -12.60 40.69 4.43
CA TRP A 118 -12.90 39.41 3.80
C TRP A 118 -11.89 38.40 4.32
N THR A 119 -12.37 37.36 5.02
CA THR A 119 -11.52 36.36 5.66
C THR A 119 -11.92 34.97 5.16
N PRO A 120 -11.59 34.63 3.93
CA PRO A 120 -11.87 33.30 3.43
C PRO A 120 -10.85 32.28 3.95
N PRO A 121 -11.25 31.01 4.08
CA PRO A 121 -10.30 29.96 4.43
C PRO A 121 -9.63 29.36 3.20
N ALA A 122 -8.55 28.63 3.45
CA ALA A 122 -7.88 27.93 2.36
C ALA A 122 -7.07 26.77 2.92
N ILE A 123 -6.82 25.81 2.04
CA ILE A 123 -5.84 24.75 2.25
C ILE A 123 -4.66 25.09 1.34
N PHE A 124 -3.53 25.41 1.93
CA PHE A 124 -2.35 25.85 1.19
C PHE A 124 -1.41 24.66 1.11
N LYS A 125 -1.18 24.16 -0.11
CA LYS A 125 -0.15 23.16 -0.39
C LYS A 125 1.01 23.91 -1.03
N SER A 126 2.04 24.20 -0.24
CA SER A 126 3.14 25.08 -0.64
C SER A 126 4.41 24.26 -0.82
N TYR A 127 5.12 24.53 -1.91
CA TYR A 127 6.41 23.88 -2.15
C TYR A 127 7.46 24.43 -1.20
N CYS A 128 8.16 23.53 -0.52
CA CYS A 128 9.21 23.87 0.44
C CYS A 128 10.43 23.00 0.21
N GLU A 129 11.62 23.60 0.17
CA GLU A 129 12.83 22.80 0.11
C GLU A 129 13.03 22.11 1.45
N ILE A 130 13.02 20.78 1.45
CA ILE A 130 13.11 19.98 2.66
C ILE A 130 14.52 19.44 2.78
N ILE A 131 15.19 19.78 3.88
CA ILE A 131 16.51 19.25 4.20
C ILE A 131 16.31 18.03 5.10
N VAL A 132 16.80 16.87 4.66
CA VAL A 132 16.63 15.61 5.36
C VAL A 132 17.93 15.13 6.01
N THR A 133 18.99 15.94 6.01
CA THR A 133 20.28 15.44 6.47
C THR A 133 20.28 15.11 7.96
N HIS A 134 19.50 15.86 8.76
CA HIS A 134 19.46 15.67 10.20
C HIS A 134 18.21 14.91 10.67
N PHE A 135 17.45 14.33 9.74
CA PHE A 135 16.23 13.60 10.09
C PHE A 135 16.56 12.45 11.04
N PRO A 136 15.75 12.21 12.10
CA PRO A 136 14.48 12.83 12.52
C PRO A 136 14.66 14.02 13.45
N PHE A 137 15.85 14.59 13.51
CA PHE A 137 16.14 15.77 14.33
C PHE A 137 16.30 16.99 13.44
N ASP A 138 15.46 17.10 12.43
CA ASP A 138 15.64 18.08 11.36
C ASP A 138 14.85 19.36 11.65
N GLU A 139 15.30 20.43 11.01
CA GLU A 139 14.69 21.76 11.13
C GLU A 139 14.33 22.22 9.73
N GLN A 140 13.08 22.62 9.53
CA GLN A 140 12.58 23.00 8.21
C GLN A 140 12.02 24.41 8.24
N ASN A 141 12.42 25.22 7.26
CA ASN A 141 11.93 26.58 7.08
C ASN A 141 11.09 26.60 5.83
N CYS A 142 9.78 26.77 5.97
CA CYS A 142 8.85 26.70 4.85
C CYS A 142 8.00 27.94 4.77
N SER A 143 7.74 28.37 3.53
CA SER A 143 7.22 29.69 3.25
C SER A 143 6.01 29.64 2.32
N MET A 144 5.24 30.73 2.38
CA MET A 144 4.04 30.95 1.57
C MET A 144 4.21 32.35 0.99
N LYS A 145 4.54 32.41 -0.30
CA LYS A 145 4.65 33.68 -1.02
C LYS A 145 3.30 34.01 -1.64
N LEU A 146 2.73 35.16 -1.24
CA LEU A 146 1.42 35.60 -1.66
C LEU A 146 1.53 36.93 -2.40
N GLY A 147 0.77 37.05 -3.49
CA GLY A 147 0.80 38.30 -4.21
C GLY A 147 -0.37 38.45 -5.16
N THR A 148 -0.64 39.69 -5.56
CA THR A 148 -1.66 39.91 -6.58
C THR A 148 -1.13 39.43 -7.91
N TRP A 149 -1.86 38.50 -8.54
CA TRP A 149 -1.34 37.82 -9.70
C TRP A 149 -1.22 38.74 -10.90
N THR A 150 -2.24 39.56 -11.15
CA THR A 150 -2.35 40.36 -12.36
C THR A 150 -2.30 41.87 -12.10
N TYR A 151 -2.08 42.30 -10.86
CA TYR A 151 -1.93 43.70 -10.51
C TYR A 151 -0.51 43.94 -10.03
N ASP A 152 0.14 44.97 -10.57
CA ASP A 152 1.46 45.38 -10.11
C ASP A 152 1.32 46.33 -8.94
N GLY A 153 2.45 46.79 -8.41
CA GLY A 153 2.45 47.60 -7.20
C GLY A 153 1.94 49.01 -7.36
N SER A 154 1.77 49.50 -8.59
CA SER A 154 1.28 50.85 -8.83
C SER A 154 -0.24 50.94 -8.91
N VAL A 155 -0.94 49.81 -8.98
CA VAL A 155 -2.40 49.80 -9.11
C VAL A 155 -3.02 49.14 -7.88
N VAL A 156 -2.30 48.20 -7.26
CA VAL A 156 -2.74 47.58 -6.02
C VAL A 156 -1.53 47.47 -5.11
N VAL A 157 -1.66 48.00 -3.89
CA VAL A 157 -0.62 47.92 -2.87
C VAL A 157 -1.11 46.95 -1.80
N ILE A 158 -0.29 45.94 -1.50
CA ILE A 158 -0.57 44.99 -0.43
C ILE A 158 0.35 45.33 0.73
N ASN A 159 -0.21 45.40 1.93
CA ASN A 159 0.53 45.68 3.15
C ASN A 159 0.33 44.53 4.14
N PRO A 160 1.36 44.14 4.90
CA PRO A 160 1.13 43.13 5.95
C PRO A 160 0.33 43.73 7.09
N GLU A 161 -0.67 42.96 7.57
CA GLU A 161 -1.41 43.38 8.74
C GLU A 161 -0.51 43.41 9.97
N SER A 162 0.39 42.44 10.09
CA SER A 162 1.34 42.39 11.19
C SER A 162 2.60 41.69 10.69
N ASP A 163 3.71 41.94 11.39
CA ASP A 163 4.97 41.29 11.03
C ASP A 163 5.00 39.82 11.41
N GLN A 164 4.07 39.36 12.26
CA GLN A 164 3.93 37.96 12.65
C GLN A 164 2.68 37.35 12.01
N PRO A 165 2.72 36.12 11.53
CA PRO A 165 1.46 35.40 11.27
C PRO A 165 0.69 35.19 12.56
N ASP A 166 -0.63 35.21 12.44
CA ASP A 166 -1.51 35.05 13.59
C ASP A 166 -1.57 33.57 13.95
N LEU A 167 -1.14 33.23 15.16
CA LEU A 167 -1.10 31.86 15.64
C LEU A 167 -2.02 31.66 16.85
N SER A 168 -2.96 32.57 17.07
CA SER A 168 -3.78 32.52 18.28
C SER A 168 -4.78 31.38 18.22
N ASN A 169 -5.23 30.99 17.02
CA ASN A 169 -6.13 29.85 16.82
C ASN A 169 -5.41 28.65 16.23
N PHE A 170 -4.09 28.55 16.46
CA PHE A 170 -3.31 27.47 15.89
C PHE A 170 -3.47 26.21 16.73
N MET A 171 -3.91 25.13 16.09
CA MET A 171 -4.01 23.84 16.77
C MET A 171 -2.63 23.22 16.89
N GLU A 172 -2.31 22.72 18.08
CA GLU A 172 -0.99 22.17 18.34
C GLU A 172 -0.79 20.90 17.51
N SER A 173 0.36 20.80 16.86
CA SER A 173 0.70 19.64 16.06
C SER A 173 1.34 18.56 16.92
N GLY A 174 1.15 17.31 16.51
CA GLY A 174 1.77 16.18 17.17
C GLY A 174 3.14 15.80 16.66
N GLU A 175 3.56 16.35 15.51
CA GLU A 175 4.85 16.02 14.90
C GLU A 175 5.80 17.21 14.77
N TRP A 176 5.30 18.45 14.83
CA TRP A 176 6.13 19.63 14.62
C TRP A 176 5.80 20.67 15.68
N VAL A 177 6.78 21.54 15.95
CA VAL A 177 6.60 22.73 16.79
C VAL A 177 7.19 23.91 16.04
N ILE A 178 6.46 25.02 16.00
CA ILE A 178 6.86 26.21 15.29
C ILE A 178 7.73 27.04 16.23
N LYS A 179 9.03 27.10 15.95
CA LYS A 179 9.92 27.89 16.81
C LYS A 179 9.81 29.38 16.52
N GLU A 180 9.74 29.77 15.25
CA GLU A 180 9.59 31.18 14.90
C GLU A 180 8.81 31.30 13.60
N SER A 181 8.22 32.47 13.41
CA SER A 181 7.44 32.76 12.22
C SER A 181 7.51 34.25 11.95
N ARG A 182 7.44 34.65 10.70
CA ARG A 182 7.54 36.07 10.36
C ARG A 182 6.88 36.25 9.01
N GLY A 183 6.61 37.47 8.63
CA GLY A 183 6.15 37.86 7.31
C GLY A 183 6.88 39.08 6.79
N TRP A 184 7.44 38.97 5.58
CA TRP A 184 8.23 40.02 4.97
C TRP A 184 7.60 40.46 3.65
N LYS A 185 7.48 41.77 3.48
CA LYS A 185 7.06 42.36 2.22
C LYS A 185 8.28 42.62 1.34
N HIS A 186 8.16 42.30 0.05
CA HIS A 186 9.26 42.42 -0.90
C HIS A 186 8.81 43.24 -2.10
N TRP A 187 9.64 44.20 -2.49
CA TRP A 187 9.50 45.00 -3.71
C TRP A 187 10.49 44.49 -4.74
N VAL A 188 10.00 44.17 -5.94
CA VAL A 188 10.83 43.70 -7.05
C VAL A 188 10.69 44.68 -8.20
N PHE A 189 11.83 45.15 -8.70
CA PHE A 189 11.89 46.04 -9.86
C PHE A 189 12.61 45.31 -10.99
N TYR A 190 12.12 45.53 -12.22
CA TYR A 190 12.69 44.92 -13.41
C TYR A 190 13.45 45.95 -14.22
N ALA A 191 14.42 45.46 -14.99
CA ALA A 191 15.31 46.35 -15.73
C ALA A 191 14.57 47.12 -16.82
N CYS A 192 13.51 46.55 -17.38
CA CYS A 192 12.79 47.20 -18.46
C CYS A 192 11.90 48.33 -17.95
N CYS A 193 11.32 48.19 -16.75
CA CYS A 193 10.32 49.10 -16.22
C CYS A 193 10.79 49.67 -14.89
N PRO A 194 11.50 50.81 -14.89
CA PRO A 194 11.96 51.37 -13.61
C PRO A 194 10.85 51.85 -12.69
N SER A 195 9.64 52.06 -13.21
CA SER A 195 8.61 52.81 -12.47
C SER A 195 7.64 51.92 -11.70
N THR A 196 7.36 50.71 -12.19
CA THR A 196 6.29 49.88 -11.62
C THR A 196 6.88 48.80 -10.72
N PRO A 197 6.62 48.78 -9.41
CA PRO A 197 7.12 47.67 -8.59
C PRO A 197 6.17 46.48 -8.62
N TYR A 198 6.71 45.35 -8.18
CA TYR A 198 5.95 44.12 -8.03
C TYR A 198 6.11 43.66 -6.59
N LEU A 199 4.99 43.57 -5.88
CA LEU A 199 4.99 43.35 -4.44
C LEU A 199 4.60 41.92 -4.12
N ASP A 200 5.24 41.37 -3.10
CA ASP A 200 4.81 40.09 -2.55
C ASP A 200 4.94 40.16 -1.03
N ILE A 201 4.20 39.30 -0.34
CA ILE A 201 4.37 39.07 1.09
C ILE A 201 4.68 37.58 1.24
N THR A 202 5.88 37.29 1.73
CA THR A 202 6.27 35.92 2.04
C THR A 202 6.17 35.73 3.55
N TYR A 203 5.26 34.87 3.98
CA TYR A 203 5.25 34.40 5.35
C TYR A 203 6.12 33.15 5.42
N HIS A 204 6.89 33.00 6.49
CA HIS A 204 7.67 31.79 6.69
C HIS A 204 7.51 31.31 8.12
N PHE A 205 7.74 30.00 8.26
CA PHE A 205 7.58 29.28 9.52
C PHE A 205 8.75 28.33 9.65
N VAL A 206 9.51 28.47 10.73
CA VAL A 206 10.59 27.55 11.07
C VAL A 206 10.03 26.52 12.04
N MET A 207 10.11 25.25 11.66
CA MET A 207 9.51 24.14 12.38
C MET A 207 10.59 23.13 12.74
N GLN A 208 10.42 22.49 13.89
CA GLN A 208 11.34 21.47 14.39
C GLN A 208 10.54 20.19 14.59
N ARG A 209 11.04 19.08 14.04
CA ARG A 209 10.36 17.81 14.17
C ARG A 209 10.48 17.28 15.59
N LEU A 210 9.39 16.77 16.14
CA LEU A 210 9.44 16.01 17.38
C LEU A 210 9.92 14.59 17.07
N PRO A 211 11.07 14.16 17.56
CA PRO A 211 11.66 12.90 17.06
C PRO A 211 11.28 11.63 17.81
N LEU A 212 10.32 11.68 18.74
CA LEU A 212 10.10 10.54 19.63
C LEU A 212 9.64 9.30 18.86
N TYR A 213 8.76 9.49 17.87
CA TYR A 213 8.24 8.36 17.11
C TYR A 213 9.35 7.60 16.41
N PHE A 214 10.24 8.32 15.72
CA PHE A 214 11.35 7.67 15.03
C PHE A 214 12.43 7.20 15.98
N ILE A 215 12.53 7.78 17.18
CA ILE A 215 13.46 7.25 18.16
C ILE A 215 12.99 5.88 18.63
N VAL A 216 11.71 5.77 18.97
CA VAL A 216 11.21 4.54 19.56
C VAL A 216 11.08 3.44 18.51
N ASN A 217 10.54 3.79 17.34
CA ASN A 217 10.15 2.77 16.37
C ASN A 217 11.25 2.39 15.38
N VAL A 218 12.37 3.12 15.34
CA VAL A 218 13.44 2.85 14.39
C VAL A 218 14.78 2.70 15.09
N ILE A 219 15.13 3.66 15.95
CA ILE A 219 16.49 3.69 16.49
C ILE A 219 16.70 2.61 17.55
N ILE A 220 15.70 2.38 18.41
CA ILE A 220 15.88 1.38 19.48
C ILE A 220 16.05 -0.04 18.95
N PRO A 221 15.22 -0.53 18.00
CA PRO A 221 15.52 -1.84 17.41
C PRO A 221 16.87 -1.91 16.71
N CYS A 222 17.30 -0.83 16.05
CA CYS A 222 18.61 -0.82 15.44
C CYS A 222 19.71 -0.94 16.49
N LEU A 223 19.55 -0.25 17.61
CA LEU A 223 20.50 -0.37 18.71
C LEU A 223 20.54 -1.80 19.26
N LEU A 224 19.37 -2.41 19.43
CA LEU A 224 19.32 -3.76 19.97
C LEU A 224 19.98 -4.77 19.02
N PHE A 225 19.76 -4.61 17.71
CA PHE A 225 20.42 -5.47 16.75
C PHE A 225 21.92 -5.19 16.69
N SER A 226 22.32 -3.94 16.93
CA SER A 226 23.75 -3.61 16.94
C SER A 226 24.45 -4.23 18.14
N PHE A 227 23.79 -4.27 19.31
CA PHE A 227 24.44 -4.81 20.49
C PHE A 227 24.60 -6.33 20.37
N LEU A 228 23.71 -6.99 19.64
CA LEU A 228 23.82 -8.43 19.44
C LEU A 228 24.90 -8.81 18.44
N THR A 229 25.46 -7.84 17.71
CA THR A 229 26.38 -8.17 16.64
C THR A 229 27.72 -8.68 17.19
N GLY A 230 28.26 -8.02 18.21
CA GLY A 230 29.53 -8.43 18.76
C GLY A 230 29.47 -9.62 19.69
N LEU A 231 28.27 -9.99 20.16
CA LEU A 231 28.15 -11.10 21.10
C LEU A 231 28.55 -12.44 20.48
N VAL A 232 28.55 -12.54 19.14
CA VAL A 232 29.03 -13.75 18.50
C VAL A 232 30.50 -13.99 18.83
N PHE A 233 31.26 -12.93 19.13
CA PHE A 233 32.65 -13.11 19.52
C PHE A 233 32.82 -13.57 20.95
N TYR A 234 31.74 -13.62 21.75
CA TYR A 234 31.75 -14.34 23.02
C TYR A 234 31.22 -15.76 22.89
N LEU A 235 30.72 -16.16 21.72
CA LEU A 235 30.23 -17.51 21.51
C LEU A 235 31.41 -18.43 21.14
N PRO A 236 31.66 -19.51 21.87
CA PRO A 236 32.75 -20.42 21.46
C PRO A 236 32.43 -21.13 20.15
N THR A 237 33.49 -21.51 19.44
CA THR A 237 33.33 -22.19 18.16
C THR A 237 32.78 -23.61 18.33
N ASP A 238 33.12 -24.27 19.43
CA ASP A 238 32.70 -25.65 19.62
C ASP A 238 31.19 -25.78 19.86
N SER A 239 30.50 -24.68 20.12
CA SER A 239 29.04 -24.73 20.21
C SER A 239 28.40 -25.02 18.86
N GLY A 240 29.01 -24.55 17.77
CA GLY A 240 28.44 -24.72 16.46
C GLY A 240 27.26 -23.83 16.15
N GLU A 241 27.04 -22.77 16.93
CA GLU A 241 25.90 -21.87 16.77
C GLU A 241 26.33 -20.42 16.56
N LYS A 242 27.59 -20.20 16.18
CA LYS A 242 28.14 -18.84 15.98
C LYS A 242 27.52 -18.23 14.73
N MET A 243 27.45 -18.97 13.64
CA MET A 243 26.91 -18.45 12.40
C MET A 243 25.40 -18.42 12.42
N THR A 244 24.76 -19.30 13.19
CA THR A 244 23.32 -19.18 13.41
C THR A 244 22.98 -17.81 13.98
N LEU A 245 23.69 -17.42 15.04
CA LEU A 245 23.45 -16.13 15.67
C LEU A 245 23.68 -14.99 14.70
N SER A 246 24.84 -14.97 14.04
CA SER A 246 25.18 -13.84 13.20
C SER A 246 24.23 -13.72 12.01
N ILE A 247 23.99 -14.84 11.31
CA ILE A 247 23.17 -14.78 10.10
C ILE A 247 21.73 -14.46 10.45
N SER A 248 21.23 -14.93 11.60
CA SER A 248 19.85 -14.61 11.92
C SER A 248 19.68 -13.22 12.50
N VAL A 249 20.71 -12.63 13.11
CA VAL A 249 20.67 -11.20 13.37
C VAL A 249 20.63 -10.42 12.06
N LEU A 250 21.36 -10.89 11.05
CA LEU A 250 21.28 -10.24 9.74
C LEU A 250 19.87 -10.37 9.17
N LEU A 251 19.25 -11.54 9.34
CA LEU A 251 17.89 -11.73 8.87
C LEU A 251 16.92 -10.79 9.59
N SER A 252 17.12 -10.61 10.90
CA SER A 252 16.28 -9.67 11.66
C SER A 252 16.44 -8.25 11.15
N LEU A 253 17.69 -7.83 10.88
CA LEU A 253 17.92 -6.52 10.29
C LEU A 253 17.24 -6.39 8.94
N THR A 254 17.32 -7.44 8.11
CA THR A 254 16.75 -7.38 6.78
C THR A 254 15.23 -7.27 6.84
N VAL A 255 14.61 -7.99 7.77
CA VAL A 255 13.17 -7.89 7.94
C VAL A 255 12.80 -6.51 8.48
N PHE A 256 13.59 -5.97 9.40
CA PHE A 256 13.31 -4.64 9.94
C PHE A 256 13.52 -3.55 8.90
N LEU A 257 14.31 -3.82 7.86
CA LEU A 257 14.43 -2.87 6.76
C LEU A 257 13.08 -2.57 6.13
N LEU A 258 12.19 -3.56 6.08
CA LEU A 258 10.83 -3.32 5.61
C LEU A 258 10.11 -2.32 6.50
N VAL A 259 10.28 -2.45 7.83
CA VAL A 259 9.65 -1.51 8.75
C VAL A 259 10.21 -0.09 8.54
N ILE A 260 11.53 0.02 8.41
CA ILE A 260 12.13 1.34 8.25
C ILE A 260 11.67 1.98 6.93
N VAL A 261 11.66 1.20 5.85
CA VAL A 261 11.19 1.73 4.57
C VAL A 261 9.73 2.14 4.66
N GLU A 262 8.93 1.38 5.40
CA GLU A 262 7.53 1.72 5.56
C GLU A 262 7.31 2.96 6.39
N LEU A 263 8.25 3.29 7.29
CA LEU A 263 8.09 4.39 8.23
C LEU A 263 8.77 5.68 7.77
N ILE A 264 10.01 5.61 7.28
CA ILE A 264 10.78 6.83 7.01
C ILE A 264 10.48 7.38 5.62
N PRO A 265 10.71 8.68 5.37
CA PRO A 265 10.62 9.20 4.01
C PRO A 265 11.55 8.49 3.04
N SER A 266 11.10 8.36 1.79
CA SER A 266 11.91 7.84 0.69
C SER A 266 12.35 9.00 -0.19
N THR A 267 13.43 9.65 0.22
CA THR A 267 14.00 10.81 -0.47
C THR A 267 15.45 10.52 -0.84
N SER A 268 15.89 11.13 -1.95
CA SER A 268 17.23 10.90 -2.48
C SER A 268 18.05 12.19 -2.59
N SER A 269 17.57 13.31 -2.03
CA SER A 269 18.36 14.54 -2.08
C SER A 269 19.60 14.44 -1.21
N ALA A 270 19.50 13.77 -0.06
CA ALA A 270 20.63 13.59 0.83
C ALA A 270 20.37 12.37 1.70
N VAL A 271 21.45 11.82 2.26
CA VAL A 271 21.33 10.66 3.15
C VAL A 271 20.93 11.16 4.53
N PRO A 272 19.85 10.65 5.14
CA PRO A 272 19.50 11.08 6.50
C PRO A 272 20.40 10.43 7.54
N LEU A 273 20.29 10.95 8.77
CA LEU A 273 21.04 10.37 9.88
C LEU A 273 20.55 8.95 10.17
N ILE A 274 19.24 8.71 10.04
CA ILE A 274 18.71 7.35 10.18
C ILE A 274 19.27 6.45 9.09
N GLY A 275 19.38 6.95 7.87
CA GLY A 275 19.96 6.14 6.80
C GLY A 275 21.41 5.79 7.09
N LYS A 276 22.17 6.76 7.59
CA LYS A 276 23.56 6.47 7.96
C LYS A 276 23.63 5.46 9.10
N TYR A 277 22.73 5.55 10.08
CA TYR A 277 22.77 4.58 11.17
C TYR A 277 22.39 3.18 10.69
N MET A 278 21.39 3.08 9.80
CA MET A 278 21.03 1.78 9.26
C MET A 278 22.18 1.18 8.47
N LEU A 279 22.83 1.99 7.63
CA LEU A 279 23.96 1.48 6.87
C LEU A 279 25.11 1.08 7.78
N PHE A 280 25.36 1.86 8.82
CA PHE A 280 26.41 1.50 9.77
C PHE A 280 26.10 0.16 10.43
N THR A 281 24.85 -0.03 10.85
CA THR A 281 24.46 -1.29 11.47
C THR A 281 24.62 -2.45 10.50
N MET A 282 24.21 -2.27 9.25
CA MET A 282 24.30 -3.35 8.28
C MET A 282 25.76 -3.70 8.00
N VAL A 283 26.60 -2.68 7.77
CA VAL A 283 28.01 -2.92 7.50
C VAL A 283 28.68 -3.57 8.71
N PHE A 284 28.25 -3.18 9.91
CA PHE A 284 28.73 -3.80 11.14
C PHE A 284 28.41 -5.29 11.16
N VAL A 285 27.17 -5.65 10.81
CA VAL A 285 26.78 -7.06 10.82
C VAL A 285 27.56 -7.83 9.76
N ILE A 286 27.75 -7.25 8.58
CA ILE A 286 28.54 -7.90 7.53
C ILE A 286 29.97 -8.12 7.97
N ALA A 287 30.57 -7.10 8.61
CA ALA A 287 31.95 -7.25 9.09
C ALA A 287 32.05 -8.33 10.15
N SER A 288 31.06 -8.39 11.06
CA SER A 288 31.07 -9.42 12.08
C SER A 288 30.95 -10.81 11.46
N ILE A 289 30.11 -10.94 10.42
CA ILE A 289 29.98 -12.22 9.73
C ILE A 289 31.30 -12.63 9.09
N ILE A 290 31.96 -11.69 8.41
CA ILE A 290 33.21 -12.01 7.72
C ILE A 290 34.28 -12.42 8.74
N ILE A 291 34.39 -11.66 9.82
CA ILE A 291 35.43 -11.92 10.80
C ILE A 291 35.11 -13.19 11.59
N THR A 292 33.83 -13.49 11.81
CA THR A 292 33.46 -14.74 12.45
C THR A 292 33.83 -15.93 11.57
N VAL A 293 33.66 -15.80 10.26
CA VAL A 293 34.06 -16.87 9.36
C VAL A 293 35.59 -17.05 9.41
N ILE A 294 36.33 -15.93 9.50
CA ILE A 294 37.78 -16.04 9.66
C ILE A 294 38.12 -16.76 10.97
N VAL A 295 37.41 -16.44 12.05
CA VAL A 295 37.67 -17.07 13.34
C VAL A 295 37.38 -18.56 13.29
N ILE A 296 36.25 -18.93 12.68
CA ILE A 296 35.88 -20.34 12.59
C ILE A 296 36.89 -21.10 11.74
N ASN A 297 37.37 -20.48 10.66
CA ASN A 297 38.41 -21.08 9.84
C ASN A 297 39.69 -21.29 10.62
N THR A 298 40.05 -20.31 11.46
CA THR A 298 41.25 -20.45 12.28
C THR A 298 41.08 -21.54 13.33
N HIS A 299 39.88 -21.70 13.86
CA HIS A 299 39.64 -22.69 14.91
C HIS A 299 39.82 -24.11 14.39
N HIS A 300 39.39 -24.37 13.15
CA HIS A 300 39.35 -25.71 12.58
C HIS A 300 40.55 -26.04 11.70
N ARG A 301 41.69 -25.37 11.91
CA ARG A 301 42.85 -25.64 11.08
C ARG A 301 43.45 -26.99 11.47
N SER A 302 43.64 -27.85 10.48
CA SER A 302 44.16 -29.18 10.77
C SER A 302 45.64 -29.10 11.14
N PRO A 303 46.10 -29.82 12.16
CA PRO A 303 47.54 -29.77 12.48
C PRO A 303 48.43 -30.29 11.36
N SER A 304 47.97 -31.29 10.60
CA SER A 304 48.82 -31.90 9.58
C SER A 304 48.92 -31.03 8.34
N THR A 305 47.77 -30.60 7.80
CA THR A 305 47.80 -29.84 6.54
C THR A 305 48.33 -28.44 6.76
N HIS A 306 47.90 -27.77 7.82
CA HIS A 306 48.27 -26.39 8.12
C HIS A 306 49.26 -26.38 9.29
N VAL A 307 50.51 -26.07 8.98
CA VAL A 307 51.52 -25.88 10.02
C VAL A 307 51.33 -24.51 10.66
N MET A 308 51.65 -24.42 11.94
CA MET A 308 51.52 -23.15 12.66
C MET A 308 52.69 -22.25 12.30
N PRO A 309 52.47 -21.09 11.69
CA PRO A 309 53.60 -20.17 11.47
C PRO A 309 54.09 -19.58 12.79
N GLU A 310 55.38 -19.24 12.81
CA GLU A 310 55.99 -18.76 14.05
C GLU A 310 55.48 -17.37 14.42
N TRP A 311 55.10 -16.55 13.44
CA TRP A 311 54.66 -15.20 13.75
C TRP A 311 53.29 -15.21 14.43
N VAL A 312 52.40 -16.12 14.03
CA VAL A 312 51.11 -16.22 14.70
C VAL A 312 51.31 -16.68 16.14
N ARG A 313 52.22 -17.64 16.33
CA ARG A 313 52.53 -18.13 17.67
C ARG A 313 53.10 -17.01 18.54
N LYS A 314 53.99 -16.19 17.98
CA LYS A 314 54.57 -15.10 18.74
C LYS A 314 53.54 -14.03 19.09
N VAL A 315 52.63 -13.73 18.15
CA VAL A 315 51.70 -12.62 18.36
C VAL A 315 50.45 -13.01 19.12
N PHE A 316 50.13 -14.30 19.24
CA PHE A 316 48.90 -14.75 19.88
C PHE A 316 49.10 -15.76 21.01
N ILE A 317 50.32 -16.23 21.27
CA ILE A 317 50.58 -17.16 22.38
C ILE A 317 51.64 -16.56 23.32
N ASP A 318 52.44 -15.63 22.81
CA ASP A 318 53.55 -15.02 23.59
C ASP A 318 53.23 -13.55 23.91
N THR A 319 52.92 -12.71 22.93
CA THR A 319 52.74 -11.24 23.13
C THR A 319 51.28 -10.88 23.48
N ILE A 320 50.49 -11.80 24.02
CA ILE A 320 49.10 -11.49 24.49
C ILE A 320 49.08 -11.71 26.00
N PRO A 321 50.12 -11.32 26.76
CA PRO A 321 50.20 -11.58 28.19
C PRO A 321 49.53 -10.40 28.92
N ASN A 322 48.23 -10.21 28.73
CA ASN A 322 47.47 -9.10 29.37
C ASN A 322 46.54 -9.71 30.43
N ILE A 323 45.46 -10.37 30.01
CA ILE A 323 44.57 -11.08 30.97
C ILE A 323 44.96 -12.55 30.91
N MET A 324 45.56 -13.08 31.99
CA MET A 324 46.11 -14.45 31.94
C MET A 324 45.29 -15.43 32.79
N PHE A 325 43.97 -15.24 32.90
CA PHE A 325 43.14 -16.27 33.59
C PHE A 325 43.34 -17.54 32.75
N PHE A 326 43.81 -17.37 31.52
CA PHE A 326 44.07 -18.52 30.62
C PHE A 326 45.23 -19.36 31.14
N SER A 327 45.60 -20.38 30.38
CA SER A 327 46.68 -21.31 30.79
C SER A 327 47.14 -22.05 29.55
N THR A 328 48.04 -23.03 29.70
CA THR A 328 48.48 -23.85 28.55
C THR A 328 48.74 -22.92 27.36
N MET A 329 49.18 -21.68 27.63
CA MET A 329 49.37 -20.70 26.54
C MET A 329 49.71 -21.46 25.25
N LEU A 366 61.00 -71.07 25.05
CA LEU A 366 61.27 -69.65 25.28
C LEU A 366 60.10 -68.77 24.81
N ILE A 367 59.02 -69.39 24.34
CA ILE A 367 57.75 -68.73 24.00
C ILE A 367 58.00 -67.61 23.00
N LYS A 368 58.47 -67.98 21.80
CA LYS A 368 58.46 -67.12 20.63
C LYS A 368 57.34 -67.50 19.66
N HIS A 369 56.19 -67.92 20.18
CA HIS A 369 55.08 -68.27 19.31
C HIS A 369 54.62 -67.03 18.53
N PRO A 370 54.16 -67.19 17.28
CA PRO A 370 53.72 -66.01 16.53
C PRO A 370 52.61 -65.22 17.21
N GLU A 371 51.67 -65.90 17.87
CA GLU A 371 50.55 -65.20 18.50
C GLU A 371 51.02 -64.29 19.63
N VAL A 372 51.98 -64.76 20.44
CA VAL A 372 52.45 -63.96 21.57
C VAL A 372 53.21 -62.73 21.07
N LYS A 373 54.08 -62.92 20.07
CA LYS A 373 54.81 -61.80 19.50
C LYS A 373 53.86 -60.80 18.85
N SER A 374 52.82 -61.30 18.18
CA SER A 374 51.83 -60.41 17.58
C SER A 374 51.06 -59.64 18.64
N ALA A 375 50.74 -60.28 19.78
CA ALA A 375 50.08 -59.56 20.87
C ALA A 375 50.98 -58.47 21.43
N ILE A 376 52.28 -58.77 21.58
CA ILE A 376 53.22 -57.77 22.08
C ILE A 376 53.27 -56.59 21.13
N GLU A 377 53.39 -56.88 19.84
CA GLU A 377 53.45 -55.83 18.83
C GLU A 377 52.15 -55.03 18.77
N GLY A 378 51.01 -55.70 18.98
CA GLY A 378 49.74 -54.99 18.98
C GLY A 378 49.59 -54.04 20.15
N ILE A 379 50.06 -54.46 21.33
CA ILE A 379 50.04 -53.56 22.49
C ILE A 379 50.92 -52.35 22.22
N LYS A 380 52.13 -52.60 21.69
CA LYS A 380 53.02 -51.49 21.34
C LYS A 380 52.36 -50.56 20.32
N TYR A 381 51.70 -51.14 19.33
CA TYR A 381 51.03 -50.35 18.30
C TYR A 381 49.91 -49.52 18.89
N ILE A 382 49.18 -50.08 19.86
CA ILE A 382 48.10 -49.35 20.52
C ILE A 382 48.67 -48.13 21.21
N ALA A 383 49.78 -48.31 21.94
CA ALA A 383 50.38 -47.19 22.65
C ALA A 383 50.87 -46.11 21.70
N GLU A 384 51.52 -46.51 20.60
CA GLU A 384 52.01 -45.52 19.64
C GLU A 384 50.84 -44.78 18.98
N THR A 385 49.74 -45.49 18.73
CA THR A 385 48.54 -44.86 18.19
C THR A 385 48.03 -43.76 19.11
N MET A 386 47.88 -44.07 20.41
CA MET A 386 47.36 -43.06 21.32
C MET A 386 48.33 -41.90 21.45
N LYS A 387 49.63 -42.18 21.40
CA LYS A 387 50.62 -41.09 21.44
C LYS A 387 50.45 -40.17 20.24
N SER A 388 50.29 -40.74 19.04
CA SER A 388 50.12 -39.91 17.85
C SER A 388 48.84 -39.08 17.94
N ASP A 389 47.77 -39.66 18.47
CA ASP A 389 46.53 -38.91 18.64
C ASP A 389 46.72 -37.73 19.59
N GLN A 390 47.45 -37.94 20.69
CA GLN A 390 47.71 -36.84 21.61
C GLN A 390 48.54 -35.76 20.93
N GLU A 391 49.55 -36.15 20.15
CA GLU A 391 50.41 -35.17 19.49
C GLU A 391 49.62 -34.34 18.49
N SER A 392 48.68 -34.95 17.77
CA SER A 392 47.85 -34.16 16.85
C SER A 392 46.91 -33.24 17.64
N ASN A 393 46.34 -33.74 18.74
CA ASN A 393 45.41 -32.93 19.51
C ASN A 393 46.08 -31.70 20.11
N ASN A 394 47.37 -31.82 20.46
CA ASN A 394 48.04 -30.66 21.05
C ASN A 394 48.11 -29.49 20.08
N ALA A 395 48.47 -29.76 18.82
CA ALA A 395 48.55 -28.67 17.84
C ALA A 395 47.17 -28.18 17.42
N ALA A 396 46.19 -29.09 17.35
CA ALA A 396 44.81 -28.65 17.16
C ALA A 396 44.40 -27.66 18.25
N GLU A 397 44.81 -27.95 19.49
CA GLU A 397 44.42 -27.11 20.61
C GLU A 397 45.19 -25.79 20.58
N GLU A 398 46.40 -25.80 20.01
CA GLU A 398 47.13 -24.55 19.80
C GLU A 398 46.37 -23.63 18.85
N TRP A 399 45.91 -24.18 17.72
CA TRP A 399 45.11 -23.37 16.80
C TRP A 399 43.82 -22.89 17.47
N LYS A 400 43.21 -23.74 18.29
CA LYS A 400 42.00 -23.35 19.02
C LYS A 400 42.29 -22.19 19.96
N TYR A 401 43.43 -22.24 20.64
CA TYR A 401 43.83 -21.15 21.54
C TYR A 401 44.00 -19.85 20.76
N VAL A 402 44.61 -19.92 19.58
CA VAL A 402 44.77 -18.71 18.77
C VAL A 402 43.41 -18.14 18.39
N ALA A 403 42.47 -18.99 17.96
CA ALA A 403 41.14 -18.51 17.59
C ALA A 403 40.42 -17.91 18.80
N MET A 404 40.58 -18.52 19.98
CA MET A 404 39.97 -17.99 21.20
C MET A 404 40.54 -16.63 21.56
N VAL A 405 41.84 -16.44 21.40
CA VAL A 405 42.45 -15.15 21.68
C VAL A 405 41.92 -14.08 20.73
N MET A 406 41.76 -14.45 19.46
CA MET A 406 41.26 -13.52 18.42
C MET A 406 39.84 -13.12 18.78
N ASP A 407 39.03 -14.02 19.32
CA ASP A 407 37.62 -13.77 19.68
C ASP A 407 37.53 -12.85 20.90
N HIS A 408 38.45 -12.98 21.84
CA HIS A 408 38.50 -12.12 23.05
C HIS A 408 38.89 -10.71 22.61
N ILE A 409 39.86 -10.58 21.69
CA ILE A 409 40.20 -9.23 21.22
C ILE A 409 39.01 -8.62 20.47
N LEU A 410 38.41 -9.40 19.57
CA LEU A 410 37.41 -8.82 18.68
C LEU A 410 36.09 -8.54 19.39
N LEU A 411 35.80 -9.22 20.50
CA LEU A 411 34.62 -8.86 21.27
C LEU A 411 34.72 -7.43 21.78
N ALA A 412 35.84 -7.11 22.43
CA ALA A 412 36.03 -5.75 22.93
C ALA A 412 36.05 -4.76 21.80
N VAL A 413 36.72 -5.11 20.69
CA VAL A 413 36.78 -4.19 19.54
C VAL A 413 35.37 -3.89 19.03
N PHE A 414 34.54 -4.92 18.90
CA PHE A 414 33.23 -4.72 18.30
C PHE A 414 32.29 -3.98 19.24
N MET A 415 32.35 -4.26 20.54
CA MET A 415 31.49 -3.49 21.45
C MET A 415 31.93 -2.02 21.48
N LEU A 416 33.25 -1.77 21.44
CA LEU A 416 33.74 -0.41 21.39
C LEU A 416 33.25 0.31 20.13
N VAL A 417 33.32 -0.36 18.98
CA VAL A 417 32.86 0.26 17.75
C VAL A 417 31.36 0.47 17.78
N CYS A 418 30.61 -0.45 18.39
CA CYS A 418 29.17 -0.29 18.49
C CYS A 418 28.80 0.96 19.29
N ILE A 419 29.52 1.22 20.39
CA ILE A 419 29.28 2.45 21.14
C ILE A 419 29.72 3.66 20.33
N ILE A 420 30.93 3.58 19.77
CA ILE A 420 31.59 4.77 19.21
C ILE A 420 30.88 5.24 17.96
N GLY A 421 30.50 4.32 17.06
CA GLY A 421 29.85 4.72 15.84
C GLY A 421 28.47 5.29 16.08
N THR A 422 27.73 4.73 17.04
CA THR A 422 26.44 5.30 17.39
C THR A 422 26.60 6.72 17.93
N LEU A 423 27.57 6.91 18.83
CA LEU A 423 27.80 8.25 19.36
C LEU A 423 28.23 9.20 18.26
N ALA A 424 29.08 8.75 17.35
CA ALA A 424 29.54 9.62 16.27
C ALA A 424 28.41 9.95 15.31
N VAL A 425 27.45 9.04 15.13
CA VAL A 425 26.33 9.31 14.25
C VAL A 425 25.40 10.35 14.86
N PHE A 426 25.09 10.22 16.16
CA PHE A 426 24.01 11.00 16.76
C PHE A 426 24.48 12.25 17.52
N ALA A 427 25.67 12.24 18.13
CA ALA A 427 26.08 13.33 18.99
C ALA A 427 26.31 14.62 18.20
N GLY A 428 26.73 14.51 16.94
CA GLY A 428 26.99 15.71 16.15
C GLY A 428 25.78 16.61 16.01
N ARG A 429 24.58 16.03 16.01
CA ARG A 429 23.34 16.79 16.01
C ARG A 429 22.75 16.98 17.41
N LEU A 430 22.91 16.00 18.31
CA LEU A 430 22.34 16.14 19.64
C LEU A 430 23.03 17.27 20.42
N ILE A 431 24.35 17.40 20.27
CA ILE A 431 25.05 18.49 20.93
C ILE A 431 24.64 19.84 20.34
N GLU A 432 24.43 19.89 19.02
CA GLU A 432 23.96 21.12 18.41
C GLU A 432 22.58 21.52 18.94
N LEU A 433 21.69 20.53 19.10
CA LEU A 433 20.38 20.83 19.66
C LEU A 433 20.47 21.27 21.11
N ASN A 434 21.38 20.67 21.88
CA ASN A 434 21.56 21.09 23.27
C ASN A 434 22.09 22.52 23.33
N GLN A 435 22.98 22.88 22.41
CA GLN A 435 23.48 24.26 22.36
C GLN A 435 22.38 25.22 21.94
N GLN A 436 21.53 24.81 21.00
CA GLN A 436 20.42 25.66 20.57
C GLN A 436 19.39 25.77 21.69
N SER B 1 -50.12 23.27 -6.42
CA SER B 1 -51.35 24.02 -6.02
C SER B 1 -51.23 25.49 -6.39
N GLU B 2 -52.31 26.02 -7.00
CA GLU B 2 -52.28 27.41 -7.46
C GLU B 2 -52.22 28.39 -6.29
N ALA B 3 -52.93 28.08 -5.21
CA ALA B 3 -52.85 28.92 -4.01
C ALA B 3 -51.43 28.91 -3.45
N GLU B 4 -50.75 27.77 -3.54
CA GLU B 4 -49.36 27.70 -3.12
C GLU B 4 -48.48 28.61 -3.97
N GLY B 5 -48.72 28.63 -5.29
CA GLY B 5 -47.94 29.50 -6.15
C GLY B 5 -48.18 30.97 -5.86
N ARG B 6 -49.44 31.34 -5.62
CA ARG B 6 -49.74 32.72 -5.27
C ARG B 6 -49.12 33.12 -3.93
N LEU B 7 -49.15 32.20 -2.96
CA LEU B 7 -48.49 32.45 -1.68
C LEU B 7 -46.98 32.63 -1.86
N ARG B 8 -46.35 31.79 -2.68
CA ARG B 8 -44.92 31.90 -2.88
C ARG B 8 -44.57 33.21 -3.57
N GLU B 9 -45.38 33.63 -4.54
CA GLU B 9 -45.14 34.91 -5.19
C GLU B 9 -45.32 36.06 -4.21
N LYS B 10 -46.32 35.98 -3.33
CA LYS B 10 -46.53 37.04 -2.35
C LYS B 10 -45.37 37.13 -1.38
N LEU B 11 -44.84 35.99 -0.94
CA LEU B 11 -43.79 36.00 0.07
C LEU B 11 -42.47 36.50 -0.49
N PHE B 12 -42.16 36.15 -1.73
CA PHE B 12 -40.88 36.45 -2.35
C PHE B 12 -40.93 37.67 -3.26
N SER B 13 -41.91 38.55 -3.08
CA SER B 13 -41.95 39.84 -3.75
C SER B 13 -41.17 40.84 -2.90
N GLY B 14 -39.98 41.21 -3.38
CA GLY B 14 -39.11 42.09 -2.61
C GLY B 14 -38.27 41.39 -1.57
N TYR B 15 -38.23 40.05 -1.56
CA TYR B 15 -37.46 39.30 -0.59
C TYR B 15 -36.02 39.14 -1.06
N ASP B 16 -35.07 39.41 -0.18
CA ASP B 16 -33.64 39.26 -0.45
C ASP B 16 -33.09 38.15 0.43
N SER B 17 -32.64 37.07 -0.20
CA SER B 17 -32.13 35.91 0.53
C SER B 17 -30.73 36.12 1.10
N THR B 18 -30.03 37.17 0.72
CA THR B 18 -28.71 37.48 1.26
C THR B 18 -28.75 38.43 2.45
N VAL B 19 -29.94 38.85 2.88
CA VAL B 19 -30.10 39.84 3.94
C VAL B 19 -30.70 39.14 5.16
N ARG B 20 -30.03 39.29 6.30
CA ARG B 20 -30.46 38.69 7.55
C ARG B 20 -31.82 39.24 7.98
N PRO B 21 -32.76 38.41 8.47
CA PRO B 21 -34.02 38.95 8.97
C PRO B 21 -33.84 39.67 10.31
N ALA B 22 -34.00 40.99 10.28
CA ALA B 22 -33.88 41.84 11.48
C ALA B 22 -34.78 43.05 11.26
N ARG B 23 -35.99 43.00 11.83
CA ARG B 23 -36.97 44.07 11.61
C ARG B 23 -36.42 45.43 12.00
N GLU B 24 -35.76 45.53 13.15
CA GLU B 24 -35.11 46.75 13.60
C GLU B 24 -33.60 46.54 13.63
N VAL B 25 -32.87 47.66 13.57
CA VAL B 25 -31.41 47.60 13.61
C VAL B 25 -30.98 47.30 15.03
N GLY B 26 -30.12 46.29 15.18
CA GLY B 26 -29.74 45.78 16.48
C GLY B 26 -30.47 44.52 16.90
N ASP B 27 -31.44 44.05 16.11
CA ASP B 27 -32.14 42.82 16.42
C ASP B 27 -31.25 41.63 16.08
N ARG B 28 -31.20 40.66 16.99
CA ARG B 28 -30.47 39.43 16.77
C ARG B 28 -31.39 38.37 16.16
N VAL B 29 -30.78 37.40 15.50
CA VAL B 29 -31.47 36.20 15.02
C VAL B 29 -31.02 35.04 15.90
N TRP B 30 -31.97 34.45 16.61
CA TRP B 30 -31.70 33.33 17.48
C TRP B 30 -31.74 32.05 16.66
N VAL B 31 -30.61 31.35 16.59
CA VAL B 31 -30.45 30.15 15.78
C VAL B 31 -30.23 28.98 16.74
N SER B 32 -31.07 27.97 16.59
CA SER B 32 -31.06 26.77 17.43
C SER B 32 -30.44 25.63 16.64
N ILE B 33 -29.36 25.05 17.17
CA ILE B 33 -28.54 24.08 16.45
C ILE B 33 -28.57 22.77 17.23
N GLY B 34 -29.05 21.70 16.56
CA GLY B 34 -28.91 20.35 17.07
C GLY B 34 -28.31 19.46 15.99
N LEU B 35 -27.97 18.23 16.38
CA LEU B 35 -27.28 17.33 15.47
C LEU B 35 -27.70 15.90 15.76
N THR B 36 -27.92 15.13 14.69
CA THR B 36 -28.33 13.73 14.76
C THR B 36 -27.27 12.90 14.05
N LEU B 37 -26.61 12.01 14.78
CA LEU B 37 -25.53 11.21 14.23
C LEU B 37 -26.12 9.97 13.55
N ALA B 38 -26.11 9.96 12.21
CA ALA B 38 -26.61 8.80 11.48
C ALA B 38 -25.59 7.66 11.53
N GLN B 39 -24.30 7.97 11.40
CA GLN B 39 -23.27 6.94 11.40
C GLN B 39 -21.93 7.57 11.74
N LEU B 40 -21.23 6.98 12.71
CA LEU B 40 -19.82 7.29 12.94
C LEU B 40 -19.01 6.45 11.96
N ILE B 41 -18.48 7.09 10.93
CA ILE B 41 -17.80 6.35 9.86
C ILE B 41 -16.45 5.86 10.33
N SER B 42 -15.58 6.76 10.80
CA SER B 42 -14.22 6.33 11.15
C SER B 42 -13.57 7.33 12.08
N LEU B 43 -12.49 6.88 12.72
CA LEU B 43 -11.49 7.75 13.35
C LEU B 43 -10.13 7.32 12.84
N ASN B 44 -9.60 8.05 11.87
CA ASN B 44 -8.31 7.74 11.27
C ASN B 44 -7.25 8.43 12.14
N GLU B 45 -6.39 7.61 12.75
CA GLU B 45 -5.35 8.11 13.65
C GLU B 45 -4.16 8.69 12.87
N LYS B 46 -3.78 8.05 11.77
CA LYS B 46 -2.66 8.55 10.98
C LYS B 46 -2.95 9.91 10.35
N ASP B 47 -4.22 10.27 10.18
CA ASP B 47 -4.63 11.57 9.71
C ASP B 47 -5.33 12.41 10.78
N GLU B 48 -5.56 11.87 11.97
CA GLU B 48 -6.10 12.61 13.11
C GLU B 48 -7.46 13.22 12.77
N GLU B 49 -8.34 12.41 12.19
CA GLU B 49 -9.59 12.92 11.63
C GLU B 49 -10.73 11.93 11.88
N MET B 50 -11.86 12.44 12.36
CA MET B 50 -13.07 11.63 12.55
C MET B 50 -14.04 11.92 11.42
N SER B 51 -14.47 10.88 10.73
CA SER B 51 -15.46 10.96 9.67
C SER B 51 -16.82 10.54 10.22
N THR B 52 -17.81 11.43 10.09
CA THR B 52 -19.17 11.21 10.56
C THR B 52 -20.17 11.57 9.48
N LYS B 53 -21.32 10.92 9.54
CA LYS B 53 -22.51 11.28 8.76
C LYS B 53 -23.56 11.76 9.74
N VAL B 54 -24.08 12.97 9.53
CA VAL B 54 -24.96 13.64 10.48
C VAL B 54 -26.11 14.30 9.72
N TYR B 55 -27.13 14.65 10.49
CA TYR B 55 -28.21 15.54 10.06
C TYR B 55 -28.22 16.73 11.01
N LEU B 56 -28.04 17.93 10.47
CA LEU B 56 -28.18 19.12 11.29
C LEU B 56 -29.65 19.38 11.58
N ASP B 57 -29.90 20.23 12.56
CA ASP B 57 -31.24 20.64 12.93
C ASP B 57 -31.16 22.12 13.29
N LEU B 58 -31.44 22.97 12.32
CA LEU B 58 -31.32 24.41 12.45
C LEU B 58 -32.71 25.03 12.49
N GLU B 59 -32.99 25.80 13.55
CA GLU B 59 -34.29 26.44 13.72
C GLU B 59 -34.08 27.93 13.96
N TRP B 60 -34.83 28.76 13.22
CA TRP B 60 -34.78 30.20 13.48
C TRP B 60 -36.12 30.80 13.06
N THR B 61 -36.17 32.13 12.99
CA THR B 61 -37.39 32.86 12.66
C THR B 61 -37.08 33.93 11.63
N ASP B 62 -37.78 33.88 10.50
CA ASP B 62 -37.74 34.92 9.48
C ASP B 62 -39.10 35.62 9.49
N TYR B 63 -39.11 36.86 10.00
CA TYR B 63 -40.37 37.60 10.10
C TYR B 63 -40.99 37.89 8.73
N ARG B 64 -40.17 37.92 7.68
CA ARG B 64 -40.65 38.26 6.34
C ARG B 64 -41.47 37.15 5.71
N LEU B 65 -41.37 35.93 6.21
CA LEU B 65 -41.99 34.75 5.59
C LEU B 65 -43.17 34.25 6.41
N SER B 66 -43.95 35.18 6.95
CA SER B 66 -45.17 34.90 7.70
C SER B 66 -46.39 35.24 6.86
N TRP B 67 -47.49 34.55 7.12
CA TRP B 67 -48.73 34.80 6.41
C TRP B 67 -49.90 34.31 7.25
N ASP B 68 -51.09 34.78 6.88
CA ASP B 68 -52.33 34.29 7.48
C ASP B 68 -52.81 33.08 6.70
N PRO B 69 -52.90 31.88 7.30
CA PRO B 69 -53.36 30.72 6.53
C PRO B 69 -54.78 30.84 6.00
N GLU B 70 -55.65 31.60 6.68
CA GLU B 70 -57.05 31.68 6.24
C GLU B 70 -57.22 32.49 4.96
N GLU B 71 -56.23 33.30 4.59
CA GLU B 71 -56.24 34.02 3.33
C GLU B 71 -55.54 33.27 2.20
N HIS B 72 -55.08 32.05 2.43
CA HIS B 72 -54.37 31.27 1.42
C HIS B 72 -54.84 29.82 1.44
N GLU B 73 -56.15 29.62 1.58
CA GLU B 73 -56.77 28.30 1.49
C GLU B 73 -56.22 27.32 2.51
N GLY B 74 -55.94 27.82 3.72
CA GLY B 74 -55.56 26.97 4.82
C GLY B 74 -54.12 26.51 4.84
N ILE B 75 -53.28 27.02 3.93
CA ILE B 75 -51.88 26.60 3.90
C ILE B 75 -51.17 27.22 5.10
N ASP B 76 -50.63 26.37 5.96
CA ASP B 76 -49.90 26.79 7.15
C ASP B 76 -48.44 26.36 7.15
N SER B 77 -47.97 25.70 6.10
CA SER B 77 -46.57 25.30 6.01
C SER B 77 -46.16 25.24 4.55
N LEU B 78 -44.86 25.44 4.32
CA LEU B 78 -44.28 25.47 2.99
C LEU B 78 -42.94 24.75 3.02
N ARG B 79 -42.57 24.15 1.88
CA ARG B 79 -41.28 23.49 1.70
C ARG B 79 -40.56 24.23 0.59
N ILE B 80 -39.61 25.08 0.95
CA ILE B 80 -38.96 26.00 0.02
C ILE B 80 -37.51 25.61 -0.13
N SER B 81 -36.99 25.68 -1.36
CA SER B 81 -35.59 25.38 -1.60
C SER B 81 -34.70 26.30 -0.78
N ALA B 82 -33.63 25.74 -0.21
CA ALA B 82 -32.80 26.48 0.74
C ALA B 82 -32.10 27.67 0.11
N GLU B 83 -31.81 27.62 -1.20
CA GLU B 83 -31.17 28.75 -1.84
C GLU B 83 -32.10 29.96 -1.99
N SER B 84 -33.41 29.78 -1.81
CA SER B 84 -34.37 30.86 -1.98
C SER B 84 -34.61 31.68 -0.73
N VAL B 85 -34.21 31.19 0.45
CA VAL B 85 -34.41 31.87 1.72
C VAL B 85 -33.06 32.21 2.33
N TRP B 86 -33.08 33.12 3.28
CA TRP B 86 -31.88 33.42 4.05
C TRP B 86 -31.54 32.26 4.96
N LEU B 87 -30.30 31.78 4.88
CA LEU B 87 -29.78 30.73 5.73
C LEU B 87 -28.77 31.33 6.71
N PRO B 88 -28.67 30.83 7.94
CA PRO B 88 -27.49 31.14 8.74
C PRO B 88 -26.27 30.48 8.11
N ASP B 89 -25.14 31.16 8.21
CA ASP B 89 -23.91 30.68 7.56
C ASP B 89 -23.16 29.73 8.52
N VAL B 90 -23.90 28.73 8.99
CA VAL B 90 -23.41 27.79 9.98
C VAL B 90 -22.53 26.76 9.29
N VAL B 91 -21.31 26.61 9.77
CA VAL B 91 -20.30 25.75 9.20
C VAL B 91 -19.65 24.94 10.33
N LEU B 92 -19.09 23.80 9.95
CA LEU B 92 -18.23 23.03 10.86
C LEU B 92 -16.86 23.71 10.86
N LEU B 93 -16.46 24.23 12.01
CA LEU B 93 -15.27 25.07 12.07
C LEU B 93 -14.00 24.23 12.08
N ASN B 94 -14.02 23.09 12.77
CA ASN B 94 -12.83 22.25 12.93
C ASN B 94 -12.79 21.14 11.89
N ASN B 95 -13.26 21.44 10.68
CA ASN B 95 -13.06 20.54 9.56
C ASN B 95 -11.57 20.36 9.26
N ASN B 96 -11.22 19.16 8.80
CA ASN B 96 -9.85 18.77 8.54
C ASN B 96 -9.49 18.73 7.05
N ASP B 97 -10.48 18.71 6.16
CA ASP B 97 -10.26 18.51 4.73
C ASP B 97 -10.54 19.76 3.90
N GLY B 98 -10.97 20.85 4.52
CA GLY B 98 -11.29 22.07 3.82
C GLY B 98 -12.75 22.27 3.45
N ASN B 99 -13.63 21.36 3.85
CA ASN B 99 -15.05 21.45 3.52
C ASN B 99 -15.83 21.95 4.73
N PHE B 100 -16.57 23.04 4.54
CA PHE B 100 -17.34 23.69 5.59
C PHE B 100 -18.84 23.43 5.49
N ASP B 101 -19.34 22.96 4.36
CA ASP B 101 -20.75 23.00 4.04
C ASP B 101 -21.42 21.64 4.23
N VAL B 102 -22.73 21.62 4.01
CA VAL B 102 -23.54 20.41 4.15
C VAL B 102 -23.49 19.62 2.85
N ALA B 103 -23.88 18.35 2.93
CA ALA B 103 -23.69 17.42 1.82
C ALA B 103 -24.69 17.62 0.69
N LEU B 104 -25.89 18.11 1.00
CA LEU B 104 -26.96 18.18 -0.01
C LEU B 104 -27.85 19.37 0.30
N ASP B 105 -28.25 20.08 -0.76
CA ASP B 105 -29.18 21.20 -0.63
C ASP B 105 -30.60 20.65 -0.65
N ILE B 106 -31.32 20.82 0.45
CA ILE B 106 -32.67 20.30 0.63
C ILE B 106 -33.63 21.44 0.94
N ASN B 107 -34.88 21.10 1.24
CA ASN B 107 -35.90 22.08 1.53
C ASN B 107 -35.77 22.60 2.96
N VAL B 108 -36.29 23.82 3.17
CA VAL B 108 -36.50 24.43 4.46
C VAL B 108 -38.00 24.47 4.68
N VAL B 109 -38.45 24.03 5.86
CA VAL B 109 -39.85 24.05 6.22
C VAL B 109 -40.16 25.39 6.87
N VAL B 110 -41.08 26.14 6.27
CA VAL B 110 -41.48 27.47 6.73
C VAL B 110 -42.91 27.39 7.23
N SER B 111 -43.11 27.73 8.50
CA SER B 111 -44.42 27.81 9.11
C SER B 111 -45.03 29.19 8.87
N SER B 112 -46.33 29.30 9.15
CA SER B 112 -47.07 30.52 8.83
C SER B 112 -46.67 31.69 9.72
N ASP B 113 -46.05 31.45 10.87
CA ASP B 113 -45.57 32.52 11.73
C ASP B 113 -44.13 32.92 11.43
N GLY B 114 -43.52 32.34 10.41
CA GLY B 114 -42.13 32.63 10.06
C GLY B 114 -41.11 31.70 10.66
N SER B 115 -41.52 30.64 11.34
CA SER B 115 -40.57 29.68 11.89
C SER B 115 -39.95 28.87 10.77
N MET B 116 -38.62 28.78 10.79
CA MET B 116 -37.81 28.12 9.77
C MET B 116 -37.17 26.91 10.41
N ARG B 117 -37.36 25.73 9.80
CA ARG B 117 -36.69 24.49 10.19
C ARG B 117 -35.95 23.92 8.99
N TRP B 118 -34.64 23.77 9.13
CA TRP B 118 -33.77 23.24 8.08
C TRP B 118 -32.96 22.09 8.65
N GLN B 119 -33.01 20.93 7.98
CA GLN B 119 -32.37 19.72 8.48
C GLN B 119 -31.51 19.10 7.37
N PRO B 120 -30.46 19.78 6.96
CA PRO B 120 -29.64 19.27 5.85
C PRO B 120 -28.80 18.08 6.29
N PRO B 121 -28.51 17.15 5.39
CA PRO B 121 -27.53 16.10 5.73
C PRO B 121 -26.12 16.60 5.54
N GLY B 122 -25.19 15.98 6.24
CA GLY B 122 -23.79 16.31 6.09
C GLY B 122 -22.87 15.13 6.30
N ILE B 123 -21.79 15.08 5.53
CA ILE B 123 -20.65 14.23 5.81
C ILE B 123 -19.50 15.15 6.21
N TYR B 124 -18.89 14.86 7.35
CA TYR B 124 -17.93 15.77 7.96
C TYR B 124 -16.69 15.00 8.38
N ARG B 125 -15.53 15.55 8.05
CA ARG B 125 -14.23 15.05 8.48
C ARG B 125 -13.67 16.09 9.44
N SER B 126 -13.95 15.91 10.73
CA SER B 126 -13.54 16.89 11.74
C SER B 126 -12.20 16.50 12.36
N SER B 127 -11.56 17.50 12.96
CA SER B 127 -10.21 17.35 13.51
C SER B 127 -10.28 16.78 14.92
N CYS B 128 -9.57 15.68 15.15
CA CYS B 128 -9.45 15.05 16.46
C CYS B 128 -7.98 14.87 16.80
N SER B 129 -7.56 15.42 17.94
CA SER B 129 -6.21 15.22 18.44
C SER B 129 -6.18 13.89 19.19
N ILE B 130 -5.47 12.91 18.65
CA ILE B 130 -5.47 11.56 19.20
C ILE B 130 -4.50 11.53 20.37
N GLN B 131 -4.97 11.07 21.52
CA GLN B 131 -4.11 10.76 22.66
C GLN B 131 -3.68 9.31 22.52
N VAL B 132 -2.38 9.10 22.31
CA VAL B 132 -1.86 7.81 21.88
C VAL B 132 -1.36 6.95 23.03
N THR B 133 -1.36 7.47 24.27
CA THR B 133 -0.62 6.82 25.35
C THR B 133 -1.11 5.41 25.63
N TYR B 134 -2.42 5.18 25.60
CA TYR B 134 -3.01 3.88 25.92
C TYR B 134 -3.59 3.17 24.70
N PHE B 135 -3.14 3.55 23.50
CA PHE B 135 -3.55 2.85 22.29
C PHE B 135 -3.07 1.41 22.35
N PRO B 136 -3.90 0.41 21.95
CA PRO B 136 -5.29 0.45 21.44
C PRO B 136 -6.35 0.26 22.51
N PHE B 137 -6.02 0.48 23.79
CA PHE B 137 -7.00 0.48 24.87
C PHE B 137 -7.43 1.90 25.23
N ASP B 138 -7.44 2.78 24.23
CA ASP B 138 -7.63 4.21 24.44
C ASP B 138 -9.09 4.60 24.27
N TRP B 139 -9.41 5.77 24.81
CA TRP B 139 -10.64 6.47 24.51
C TRP B 139 -10.27 7.87 24.00
N GLN B 140 -11.11 8.41 23.12
CA GLN B 140 -10.83 9.66 22.44
C GLN B 140 -12.00 10.61 22.61
N ASN B 141 -11.69 11.91 22.61
CA ASN B 141 -12.63 12.99 22.83
C ASN B 141 -12.66 13.85 21.56
N CYS B 142 -13.55 13.53 20.63
CA CYS B 142 -13.60 14.18 19.33
C CYS B 142 -14.74 15.19 19.29
N THR B 143 -14.43 16.41 18.88
CA THR B 143 -15.36 17.53 18.92
C THR B 143 -15.78 17.92 17.51
N MET B 144 -17.01 18.42 17.39
CA MET B 144 -17.52 19.04 16.18
C MET B 144 -18.03 20.42 16.56
N VAL B 145 -17.36 21.46 16.07
CA VAL B 145 -17.62 22.83 16.45
C VAL B 145 -18.39 23.48 15.30
N PHE B 146 -19.64 23.86 15.55
CA PHE B 146 -20.47 24.53 14.56
C PHE B 146 -20.66 25.99 14.93
N SER B 147 -20.50 26.86 13.94
CA SER B 147 -20.60 28.29 14.19
C SER B 147 -20.97 29.01 12.90
N SER B 148 -21.55 30.19 13.07
CA SER B 148 -21.73 31.08 11.93
C SER B 148 -20.38 31.63 11.52
N TYR B 149 -20.01 31.42 10.24
CA TYR B 149 -18.70 31.85 9.79
C TYR B 149 -18.59 33.37 9.76
N SER B 150 -19.66 34.06 9.38
CA SER B 150 -19.61 35.50 9.13
C SER B 150 -20.25 36.32 10.25
N TYR B 151 -21.50 36.03 10.60
CA TYR B 151 -22.22 36.84 11.57
C TYR B 151 -21.66 36.66 12.97
N ASP B 152 -21.55 37.77 13.71
CA ASP B 152 -21.06 37.78 15.08
C ASP B 152 -22.25 37.73 16.04
N SER B 153 -21.96 37.84 17.34
CA SER B 153 -22.97 37.64 18.36
C SER B 153 -24.04 38.73 18.35
N SER B 154 -23.71 39.93 17.89
CA SER B 154 -24.69 41.01 17.84
C SER B 154 -25.71 40.85 16.72
N GLU B 155 -25.49 39.90 15.81
CA GLU B 155 -26.37 39.66 14.67
C GLU B 155 -27.04 38.30 14.72
N VAL B 156 -26.27 37.22 14.91
CA VAL B 156 -26.80 35.87 15.00
C VAL B 156 -26.39 35.29 16.34
N SER B 157 -27.36 34.88 17.13
CA SER B 157 -27.12 34.29 18.45
C SER B 157 -27.46 32.80 18.39
N LEU B 158 -26.54 31.98 18.90
CA LEU B 158 -26.67 30.53 18.86
C LEU B 158 -27.18 29.99 20.19
N GLN B 159 -27.91 28.89 20.11
CA GLN B 159 -28.35 28.14 21.29
C GLN B 159 -28.38 26.67 20.95
N THR B 160 -28.32 25.83 21.98
CA THR B 160 -28.36 24.40 21.78
C THR B 160 -29.75 23.99 21.32
N GLY B 161 -29.82 23.19 20.27
CA GLY B 161 -31.08 22.87 19.63
C GLY B 161 -31.83 21.72 20.24
N LEU B 162 -33.11 21.95 20.54
CA LEU B 162 -33.90 20.98 21.28
C LEU B 162 -34.21 19.75 20.42
N SER B 163 -34.30 18.60 21.10
CA SER B 163 -34.70 17.36 20.49
C SER B 163 -36.20 17.42 20.18
N PRO B 164 -36.75 16.42 19.46
CA PRO B 164 -38.21 16.29 19.39
C PRO B 164 -38.92 16.31 20.74
N GLU B 165 -38.25 15.88 21.80
CA GLU B 165 -38.76 16.09 23.15
C GLU B 165 -38.60 17.57 23.52
N GLY B 166 -39.67 18.15 24.06
CA GLY B 166 -39.67 19.56 24.39
C GLY B 166 -39.01 19.87 25.72
N GLN B 167 -37.72 19.59 25.82
CA GLN B 167 -36.94 19.84 27.01
C GLN B 167 -35.57 20.38 26.60
N GLU B 168 -34.91 21.05 27.54
CA GLU B 168 -33.60 21.63 27.26
C GLU B 168 -32.56 20.51 27.12
N ARG B 169 -32.33 20.10 25.88
CA ARG B 169 -31.35 19.05 25.60
C ARG B 169 -29.92 19.57 25.69
N GLN B 170 -28.99 18.64 25.91
CA GLN B 170 -27.56 18.93 25.90
C GLN B 170 -26.80 17.78 25.24
N GLU B 171 -27.44 17.08 24.30
CA GLU B 171 -26.98 15.78 23.84
C GLU B 171 -27.12 15.66 22.32
N VAL B 172 -26.21 14.90 21.71
CA VAL B 172 -26.38 14.46 20.33
C VAL B 172 -27.49 13.42 20.30
N TYR B 173 -28.37 13.52 19.31
CA TYR B 173 -29.48 12.58 19.17
C TYR B 173 -29.04 11.41 18.30
N ILE B 174 -29.33 10.19 18.77
CA ILE B 174 -29.07 8.98 18.01
C ILE B 174 -30.36 8.18 18.00
N HIS B 175 -30.85 7.86 16.80
CA HIS B 175 -32.04 7.02 16.67
C HIS B 175 -31.62 5.58 16.94
N GLU B 176 -32.19 4.98 17.98
CA GLU B 176 -31.66 3.72 18.48
C GLU B 176 -32.04 2.54 17.60
N GLY B 177 -33.03 2.68 16.74
CA GLY B 177 -33.42 1.60 15.86
C GLY B 177 -32.61 1.53 14.58
N THR B 178 -32.29 2.69 13.99
CA THR B 178 -31.65 2.77 12.69
C THR B 178 -30.16 3.08 12.76
N PHE B 179 -29.57 3.11 13.96
CA PHE B 179 -28.14 3.36 14.13
C PHE B 179 -27.43 2.03 14.30
N ILE B 180 -26.47 1.76 13.42
CA ILE B 180 -25.60 0.60 13.53
C ILE B 180 -24.28 1.10 14.10
N GLU B 181 -23.86 0.53 15.23
CA GLU B 181 -22.70 1.04 15.94
C GLU B 181 -21.43 0.69 15.15
N ASN B 182 -20.45 1.58 15.24
CA ASN B 182 -19.15 1.31 14.64
C ASN B 182 -18.53 0.08 15.26
N GLY B 183 -17.99 -0.81 14.42
CA GLY B 183 -17.37 -2.02 14.91
C GLY B 183 -16.10 -1.80 15.70
N GLN B 184 -15.49 -0.61 15.59
CA GLN B 184 -14.26 -0.28 16.30
C GLN B 184 -14.47 0.64 17.50
N TRP B 185 -15.60 1.34 17.58
CA TRP B 185 -15.78 2.42 18.53
C TRP B 185 -17.14 2.30 19.22
N GLU B 186 -17.15 2.58 20.52
CA GLU B 186 -18.35 2.62 21.33
C GLU B 186 -18.53 4.02 21.87
N ILE B 187 -19.73 4.59 21.72
CA ILE B 187 -20.01 5.96 22.12
C ILE B 187 -20.41 5.95 23.60
N ILE B 188 -19.54 6.49 24.45
CA ILE B 188 -19.80 6.52 25.89
C ILE B 188 -20.65 7.74 26.25
N HIS B 189 -20.13 8.93 25.97
CA HIS B 189 -20.82 10.19 26.21
C HIS B 189 -20.91 10.96 24.90
N LYS B 190 -22.05 11.60 24.67
CA LYS B 190 -22.27 12.39 23.45
C LYS B 190 -23.00 13.69 23.78
N PRO B 191 -22.38 14.58 24.57
CA PRO B 191 -23.04 15.82 24.97
C PRO B 191 -22.93 16.93 23.93
N SER B 192 -23.61 18.04 24.23
CA SER B 192 -23.64 19.23 23.38
C SER B 192 -23.67 20.47 24.26
N ARG B 193 -22.81 21.45 23.94
CA ARG B 193 -22.65 22.65 24.74
C ARG B 193 -22.63 23.89 23.86
N LEU B 194 -23.01 25.02 24.45
CA LEU B 194 -22.95 26.33 23.82
C LEU B 194 -21.76 27.07 24.45
N ILE B 195 -20.74 27.33 23.64
CA ILE B 195 -19.53 28.03 24.09
C ILE B 195 -19.65 29.47 23.66
N GLN B 196 -19.67 30.38 24.65
CA GLN B 196 -19.63 31.82 24.42
C GLN B 196 -18.18 32.31 24.50
N PRO B 197 -17.72 33.24 23.67
CA PRO B 197 -16.30 33.63 23.72
C PRO B 197 -16.02 34.56 24.89
N SER B 198 -14.73 34.81 25.10
CA SER B 198 -14.29 35.70 26.16
C SER B 198 -14.67 37.14 25.84
N VAL B 199 -14.76 37.95 26.89
CA VAL B 199 -15.14 39.35 26.73
C VAL B 199 -14.01 40.11 26.04
N ASP B 200 -14.38 40.97 25.08
CA ASP B 200 -13.41 41.71 24.29
C ASP B 200 -12.97 42.96 25.04
N PRO B 201 -11.67 43.19 25.30
CA PRO B 201 -11.27 44.47 25.92
C PRO B 201 -11.61 45.68 25.06
N ARG B 202 -11.56 45.54 23.73
CA ARG B 202 -11.85 46.64 22.82
C ARG B 202 -13.01 46.27 21.89
N ARG B 208 -12.57 35.27 18.58
CA ARG B 208 -13.35 34.05 18.55
C ARG B 208 -14.84 34.37 18.68
N ARG B 209 -15.65 33.55 18.01
CA ARG B 209 -17.11 33.72 17.97
C ARG B 209 -17.76 32.61 18.78
N GLU B 210 -19.01 32.78 19.17
CA GLU B 210 -19.75 31.77 19.90
C GLU B 210 -20.07 30.59 19.00
N GLU B 211 -20.20 29.41 19.60
CA GLU B 211 -20.29 28.18 18.84
C GLU B 211 -21.11 27.16 19.62
N VAL B 212 -21.58 26.14 18.90
CA VAL B 212 -22.21 24.98 19.51
C VAL B 212 -21.29 23.80 19.23
N THR B 213 -20.79 23.18 20.29
CA THR B 213 -19.85 22.07 20.21
C THR B 213 -20.56 20.78 20.57
N PHE B 214 -20.44 19.78 19.71
CA PHE B 214 -20.91 18.43 19.97
C PHE B 214 -19.70 17.56 20.22
N TYR B 215 -19.68 16.89 21.37
CA TYR B 215 -18.56 16.08 21.79
C TYR B 215 -18.94 14.62 21.63
N LEU B 216 -17.98 13.79 21.22
CA LEU B 216 -18.15 12.34 21.18
C LEU B 216 -16.96 11.75 21.91
N ILE B 217 -17.22 11.21 23.10
CA ILE B 217 -16.24 10.43 23.84
C ILE B 217 -16.47 8.98 23.41
N ILE B 218 -15.45 8.39 22.79
CA ILE B 218 -15.56 7.10 22.14
C ILE B 218 -14.43 6.20 22.63
N ARG B 219 -14.79 5.00 23.08
CA ARG B 219 -13.83 3.98 23.47
C ARG B 219 -13.57 3.01 22.33
N ARG B 220 -12.30 2.70 22.12
CA ARG B 220 -11.91 1.69 21.15
C ARG B 220 -12.17 0.30 21.72
N LYS B 221 -12.56 -0.62 20.84
CA LYS B 221 -12.80 -2.00 21.22
C LYS B 221 -11.62 -2.83 20.74
N PRO B 222 -10.70 -3.28 21.64
CA PRO B 222 -9.37 -3.69 21.16
C PRO B 222 -9.22 -5.16 20.76
N LEU B 223 -10.33 -5.88 20.54
CA LEU B 223 -10.27 -7.33 20.40
C LEU B 223 -9.30 -7.76 19.30
N PHE B 224 -9.30 -7.03 18.18
CA PHE B 224 -8.38 -7.34 17.08
C PHE B 224 -6.93 -7.35 17.56
N TYR B 225 -6.52 -6.28 18.24
CA TYR B 225 -5.15 -6.21 18.74
C TYR B 225 -4.90 -7.22 19.84
N LEU B 226 -5.94 -7.73 20.50
CA LEU B 226 -5.71 -8.78 21.49
C LEU B 226 -5.39 -10.10 20.80
N VAL B 227 -5.87 -10.31 19.58
CA VAL B 227 -5.65 -11.56 18.86
C VAL B 227 -4.39 -11.51 18.02
N ASN B 228 -4.10 -10.37 17.41
CA ASN B 228 -3.07 -10.28 16.38
C ASN B 228 -1.70 -9.90 16.93
N VAL B 229 -1.64 -9.23 18.08
CA VAL B 229 -0.40 -8.68 18.63
C VAL B 229 -0.12 -9.23 20.02
N ILE B 230 -1.08 -9.11 20.94
CA ILE B 230 -0.80 -9.36 22.34
C ILE B 230 -0.55 -10.84 22.59
N ALA B 231 -1.45 -11.71 22.10
CA ALA B 231 -1.32 -13.14 22.35
C ALA B 231 -0.07 -13.74 21.70
N PRO B 232 0.27 -13.46 20.44
CA PRO B 232 1.57 -13.92 19.93
C PRO B 232 2.75 -13.39 20.72
N CYS B 233 2.69 -12.16 21.23
CA CYS B 233 3.76 -11.65 22.06
C CYS B 233 3.89 -12.44 23.35
N ILE B 234 2.75 -12.79 23.96
CA ILE B 234 2.77 -13.60 25.18
C ILE B 234 3.42 -14.95 24.89
N LEU B 235 3.02 -15.58 23.78
CA LEU B 235 3.56 -16.88 23.43
C LEU B 235 5.06 -16.82 23.16
N ILE B 236 5.49 -15.78 22.44
CA ILE B 236 6.91 -15.58 22.16
C ILE B 236 7.67 -15.36 23.46
N THR B 237 7.05 -14.68 24.42
CA THR B 237 7.72 -14.45 25.70
C THR B 237 7.86 -15.76 26.49
N LEU B 238 6.86 -16.63 26.43
CA LEU B 238 7.03 -17.95 27.04
C LEU B 238 8.15 -18.74 26.37
N LEU B 239 8.23 -18.67 25.04
CA LEU B 239 9.32 -19.36 24.35
C LEU B 239 10.67 -18.75 24.67
N ALA B 240 10.71 -17.45 24.96
CA ALA B 240 11.95 -16.82 25.40
C ALA B 240 12.28 -17.20 26.84
N ILE B 241 11.27 -17.56 27.63
CA ILE B 241 11.53 -18.10 28.95
C ILE B 241 12.15 -19.49 28.84
N PHE B 242 11.62 -20.32 27.94
CA PHE B 242 11.98 -21.74 27.92
C PHE B 242 13.30 -22.03 27.22
N VAL B 243 14.02 -21.03 26.70
CA VAL B 243 15.33 -21.33 26.14
C VAL B 243 16.30 -21.73 27.24
N PHE B 244 16.12 -21.19 28.45
CA PHE B 244 17.01 -21.52 29.56
C PHE B 244 16.84 -22.95 30.07
N TYR B 245 15.73 -23.62 29.74
CA TYR B 245 15.56 -25.03 30.05
C TYR B 245 16.13 -25.95 28.98
N LEU B 246 16.55 -25.41 27.83
CA LEU B 246 17.18 -26.22 26.81
C LEU B 246 18.60 -26.61 27.27
N PRO B 247 19.04 -27.86 27.04
CA PRO B 247 20.41 -28.21 27.39
C PRO B 247 21.39 -27.45 26.50
N PRO B 248 22.58 -27.12 27.01
CA PRO B 248 23.62 -26.58 26.11
C PRO B 248 24.12 -27.60 25.09
N ASP B 249 24.06 -28.90 25.39
CA ASP B 249 24.57 -29.91 24.47
C ASP B 249 23.66 -30.12 23.27
N ALA B 250 22.43 -29.59 23.30
CA ALA B 250 21.53 -29.72 22.17
C ALA B 250 21.90 -28.78 21.02
N GLY B 251 22.57 -27.67 21.32
CA GLY B 251 22.98 -26.74 20.29
C GLY B 251 21.85 -26.02 19.59
N GLU B 252 20.83 -25.57 20.35
CA GLU B 252 19.63 -24.97 19.76
C GLU B 252 19.16 -23.72 20.52
N LYS B 253 19.99 -23.13 21.38
CA LYS B 253 19.55 -21.96 22.13
C LYS B 253 19.44 -20.72 21.23
N MET B 254 20.47 -20.47 20.41
CA MET B 254 20.39 -19.36 19.46
C MET B 254 19.26 -19.56 18.46
N GLY B 255 19.16 -20.76 17.89
CA GLY B 255 18.15 -21.02 16.88
C GLY B 255 16.73 -20.85 17.37
N LEU B 256 16.51 -20.85 18.69
CA LEU B 256 15.21 -20.58 19.29
C LEU B 256 15.06 -19.10 19.65
N SER B 257 16.00 -18.55 20.42
CA SER B 257 15.82 -17.19 20.93
C SER B 257 15.91 -16.15 19.82
N ILE B 258 16.90 -16.25 18.95
CA ILE B 258 17.01 -15.29 17.87
C ILE B 258 15.88 -15.43 16.84
N PHE B 259 15.32 -16.62 16.66
CA PHE B 259 14.16 -16.73 15.78
C PHE B 259 12.92 -16.16 16.44
N ALA B 260 12.83 -16.22 17.77
CA ALA B 260 11.78 -15.48 18.47
C ALA B 260 11.92 -13.98 18.23
N LEU B 261 13.16 -13.49 18.24
CA LEU B 261 13.41 -12.09 17.91
C LEU B 261 12.96 -11.77 16.48
N LEU B 262 13.24 -12.67 15.55
CA LEU B 262 12.81 -12.47 14.16
C LEU B 262 11.28 -12.40 14.06
N THR B 263 10.58 -13.29 14.76
CA THR B 263 9.13 -13.26 14.78
C THR B 263 8.62 -11.95 15.38
N LEU B 264 9.31 -11.44 16.40
CA LEU B 264 8.90 -10.16 16.99
C LEU B 264 9.09 -9.03 15.98
N THR B 265 10.14 -9.10 15.17
CA THR B 265 10.31 -8.10 14.10
C THR B 265 9.17 -8.21 13.09
N VAL B 266 8.72 -9.42 12.79
CA VAL B 266 7.59 -9.58 11.89
C VAL B 266 6.34 -8.91 12.46
N PHE B 267 6.11 -9.04 13.77
CA PHE B 267 4.98 -8.36 14.37
C PHE B 267 5.16 -6.84 14.46
N LEU B 268 6.40 -6.36 14.56
CA LEU B 268 6.65 -4.92 14.42
C LEU B 268 6.23 -4.45 13.03
N LEU B 269 6.57 -5.22 12.00
CA LEU B 269 6.08 -4.91 10.65
C LEU B 269 4.56 -4.95 10.60
N LEU B 270 3.94 -5.88 11.32
CA LEU B 270 2.49 -5.96 11.37
C LEU B 270 1.88 -4.67 11.90
N LEU B 271 2.43 -4.15 13.00
CA LEU B 271 1.89 -2.93 13.61
C LEU B 271 2.38 -1.65 12.95
N ALA B 272 3.35 -1.72 12.02
CA ALA B 272 3.88 -0.50 11.43
C ALA B 272 2.84 0.35 10.72
N ASP B 273 1.72 -0.25 10.27
CA ASP B 273 0.71 0.46 9.51
C ASP B 273 -0.59 0.65 10.29
N LYS B 274 -0.55 0.57 11.61
CA LYS B 274 -1.74 0.66 12.46
C LYS B 274 -1.64 1.74 13.52
N VAL B 275 -0.46 1.98 14.08
CA VAL B 275 -0.31 2.87 15.21
C VAL B 275 -0.29 4.33 14.76
N PRO B 276 -0.66 5.29 15.61
CA PRO B 276 -0.50 6.70 15.25
C PRO B 276 0.97 7.06 15.11
N GLU B 277 1.24 8.06 14.27
CA GLU B 277 2.60 8.50 13.96
C GLU B 277 3.00 9.77 14.71
N THR B 278 2.23 10.20 15.71
CA THR B 278 2.57 11.40 16.46
C THR B 278 3.64 11.08 17.50
N SER B 279 4.27 12.15 18.01
CA SER B 279 5.45 12.06 18.87
C SER B 279 5.23 12.70 20.23
N LEU B 280 3.98 12.98 20.61
CA LEU B 280 3.71 13.55 21.92
C LEU B 280 3.81 12.49 23.02
N SER B 281 3.57 11.22 22.68
CA SER B 281 3.66 10.13 23.63
C SER B 281 3.89 8.83 22.85
N VAL B 282 4.16 7.76 23.59
CA VAL B 282 4.41 6.44 23.02
C VAL B 282 3.21 5.55 23.30
N PRO B 283 2.67 4.81 22.31
CA PRO B 283 1.59 3.87 22.64
C PRO B 283 2.05 2.77 23.58
N ILE B 284 1.13 2.35 24.45
CA ILE B 284 1.45 1.32 25.43
C ILE B 284 1.72 -0.02 24.75
N ILE B 285 1.11 -0.25 23.59
CA ILE B 285 1.40 -1.48 22.86
C ILE B 285 2.82 -1.45 22.29
N ILE B 286 3.29 -0.29 21.86
CA ILE B 286 4.69 -0.15 21.45
C ILE B 286 5.62 -0.29 22.65
N LYS B 287 5.22 0.21 23.82
CA LYS B 287 6.02 -0.04 25.02
C LYS B 287 6.12 -1.53 25.29
N TYR B 288 5.01 -2.25 25.13
CA TYR B 288 5.01 -3.68 25.41
C TYR B 288 5.86 -4.43 24.38
N LEU B 289 5.80 -4.00 23.12
CA LEU B 289 6.58 -4.69 22.08
C LEU B 289 8.07 -4.44 22.29
N MET B 290 8.46 -3.21 22.61
CA MET B 290 9.87 -2.93 22.87
C MET B 290 10.34 -3.65 24.12
N PHE B 291 9.48 -3.75 25.14
CA PHE B 291 9.84 -4.52 26.33
C PHE B 291 10.06 -5.99 25.99
N THR B 292 9.18 -6.57 25.17
CA THR B 292 9.35 -7.97 24.77
C THR B 292 10.61 -8.17 23.95
N MET B 293 10.92 -7.21 23.06
CA MET B 293 12.14 -7.31 22.27
C MET B 293 13.38 -7.22 23.15
N VAL B 294 13.37 -6.32 24.13
CA VAL B 294 14.49 -6.21 25.06
C VAL B 294 14.63 -7.51 25.85
N LEU B 295 13.49 -8.11 26.22
CA LEU B 295 13.51 -9.39 26.95
C LEU B 295 14.15 -10.48 26.10
N VAL B 296 13.77 -10.57 24.81
CA VAL B 296 14.33 -11.61 23.95
C VAL B 296 15.82 -11.36 23.72
N THR B 297 16.19 -10.10 23.52
CA THR B 297 17.60 -9.69 23.31
C THR B 297 18.40 -10.10 24.54
N PHE B 298 17.86 -9.93 25.73
CA PHE B 298 18.53 -10.30 27.00
C PHE B 298 18.57 -11.81 27.12
N SER B 299 17.57 -12.56 26.65
CA SER B 299 17.64 -14.02 26.62
C SER B 299 18.78 -14.50 25.74
N VAL B 300 18.98 -13.85 24.60
CA VAL B 300 20.12 -14.21 23.74
C VAL B 300 21.44 -13.94 24.45
N ILE B 301 21.56 -12.79 25.12
CA ILE B 301 22.80 -12.44 25.80
C ILE B 301 23.12 -13.48 26.88
N LEU B 302 22.12 -13.79 27.70
CA LEU B 302 22.34 -14.74 28.80
C LEU B 302 22.58 -16.15 28.28
N SER B 303 21.96 -16.52 27.16
CA SER B 303 22.24 -17.81 26.56
C SER B 303 23.68 -17.88 26.05
N VAL B 304 24.18 -16.78 25.47
CA VAL B 304 25.56 -16.75 25.01
C VAL B 304 26.51 -16.89 26.19
N VAL B 305 26.18 -16.23 27.32
CA VAL B 305 27.02 -16.38 28.51
C VAL B 305 27.01 -17.84 28.98
N VAL B 306 25.84 -18.47 28.97
CA VAL B 306 25.73 -19.86 29.41
C VAL B 306 26.55 -20.77 28.49
N LEU B 307 26.47 -20.56 27.18
CA LEU B 307 27.22 -21.41 26.27
C LEU B 307 28.72 -21.17 26.36
N ASN B 308 29.12 -19.94 26.65
CA ASN B 308 30.54 -19.68 26.91
C ASN B 308 31.01 -20.42 28.15
N LEU B 309 30.16 -20.51 29.17
CA LEU B 309 30.55 -21.27 30.36
C LEU B 309 30.57 -22.78 30.09
N HIS B 310 29.61 -23.27 29.30
CA HIS B 310 29.51 -24.71 29.05
C HIS B 310 30.67 -25.21 28.20
N HIS B 311 30.96 -24.53 27.10
CA HIS B 311 31.99 -24.96 26.16
C HIS B 311 33.37 -24.42 26.52
N ARG B 312 33.58 -24.02 27.77
CA ARG B 312 34.86 -23.40 28.22
C ARG B 312 35.94 -24.47 28.29
N SER B 313 37.08 -24.24 27.65
CA SER B 313 38.14 -25.24 27.56
C SER B 313 38.65 -25.54 28.97
N PRO B 314 38.62 -26.80 29.43
CA PRO B 314 39.07 -27.07 30.80
C PRO B 314 40.54 -26.80 31.04
N HIS B 315 41.36 -26.83 30.00
CA HIS B 315 42.83 -26.72 30.17
C HIS B 315 43.27 -25.25 30.13
N THR B 316 42.81 -24.45 29.17
CA THR B 316 43.21 -23.06 29.02
C THR B 316 42.40 -22.10 29.88
N HIS B 317 41.35 -22.57 30.56
CA HIS B 317 40.55 -21.74 31.47
C HIS B 317 40.44 -22.48 32.80
N GLN B 318 41.05 -21.90 33.84
CA GLN B 318 41.04 -22.48 35.18
C GLN B 318 39.96 -21.83 36.02
N MET B 319 39.29 -22.63 36.84
CA MET B 319 38.22 -22.12 37.69
C MET B 319 38.79 -21.22 38.78
N PRO B 320 38.33 -19.97 38.92
CA PRO B 320 38.65 -19.22 40.14
C PRO B 320 37.99 -19.88 41.34
N LEU B 321 38.62 -19.69 42.51
CA LEU B 321 38.08 -20.32 43.71
C LEU B 321 36.74 -19.74 44.12
N TRP B 322 36.48 -18.48 43.79
CA TRP B 322 35.19 -17.88 44.14
C TRP B 322 34.05 -18.42 43.28
N VAL B 323 34.33 -18.71 42.01
CA VAL B 323 33.33 -19.38 41.18
C VAL B 323 33.01 -20.76 41.75
N ARG B 324 34.05 -21.50 42.15
CA ARG B 324 33.86 -22.81 42.76
C ARG B 324 33.06 -22.70 44.06
N GLN B 325 33.31 -21.64 44.84
CA GLN B 325 32.59 -21.50 46.10
C GLN B 325 31.13 -21.13 45.87
N ILE B 326 30.85 -20.24 44.94
CA ILE B 326 29.49 -19.71 44.79
C ILE B 326 28.62 -20.66 43.98
N PHE B 327 29.08 -21.11 42.81
CA PHE B 327 28.20 -21.78 41.85
C PHE B 327 28.20 -23.30 41.94
N ILE B 328 28.96 -23.90 42.86
CA ILE B 328 29.01 -25.35 43.03
C ILE B 328 28.53 -25.80 44.40
N HIS B 329 28.82 -25.03 45.45
CA HIS B 329 28.49 -25.42 46.82
C HIS B 329 27.33 -24.66 47.44
N LYS B 330 27.13 -23.39 47.09
CA LYS B 330 26.15 -22.54 47.76
C LYS B 330 24.84 -22.43 46.99
N LEU B 331 24.89 -21.97 45.74
CA LEU B 331 23.68 -21.70 44.97
C LEU B 331 22.93 -22.96 44.54
N PRO B 332 23.59 -24.10 44.29
CA PRO B 332 22.82 -25.33 44.06
C PRO B 332 21.88 -25.69 45.19
N LEU B 333 22.24 -25.37 46.43
CA LEU B 333 21.36 -25.68 47.56
C LEU B 333 20.13 -24.79 47.56
N TYR B 334 20.26 -23.55 47.08
CA TYR B 334 19.12 -22.62 47.05
C TYR B 334 18.27 -22.77 45.79
N LEU B 335 18.85 -23.25 44.70
CA LEU B 335 18.15 -23.39 43.43
C LEU B 335 17.55 -24.78 43.24
N GLY B 336 17.76 -25.71 44.18
CA GLY B 336 17.21 -27.04 44.06
C GLY B 336 17.97 -27.96 43.14
N LEU B 337 19.24 -27.67 42.86
CA LEU B 337 20.09 -28.50 42.02
C LEU B 337 21.05 -29.29 42.90
N LYS B 338 21.21 -30.58 42.57
CA LYS B 338 22.12 -31.47 43.28
C LYS B 338 22.94 -32.26 42.27
N ARG B 339 24.25 -32.22 42.43
CA ARG B 339 25.14 -32.99 41.56
C ARG B 339 25.22 -34.44 42.06
N PRO B 340 24.96 -35.45 41.21
CA PRO B 340 25.03 -36.84 41.72
C PRO B 340 26.40 -37.27 42.19
N LYS B 341 27.47 -36.62 41.75
CA LYS B 341 28.82 -37.01 42.15
C LYS B 341 29.06 -36.64 43.61
N PRO B 342 29.40 -37.58 44.51
CA PRO B 342 29.64 -37.19 45.90
C PRO B 342 31.06 -36.72 46.22
N GLU B 343 31.96 -36.71 45.24
CA GLU B 343 33.32 -36.19 45.40
C GLU B 343 34.06 -37.00 46.46
N PRO B 410 63.23 -59.25 31.03
CA PRO B 410 63.36 -59.52 29.60
C PRO B 410 63.17 -58.24 28.76
N PRO B 411 63.80 -58.14 27.58
CA PRO B 411 63.64 -56.91 26.80
C PRO B 411 62.27 -56.78 26.17
N GLU B 412 61.60 -57.90 25.86
CA GLU B 412 60.29 -57.82 25.21
C GLU B 412 59.20 -57.39 26.18
N LEU B 413 59.25 -57.89 27.42
CA LEU B 413 58.20 -57.59 28.39
C LEU B 413 58.31 -56.17 28.92
N ARG B 414 59.51 -55.59 28.93
CA ARG B 414 59.66 -54.23 29.43
C ARG B 414 58.92 -53.23 28.55
N GLU B 415 58.93 -53.45 27.23
CA GLU B 415 58.16 -52.60 26.33
C GLU B 415 56.66 -52.73 26.62
N VAL B 416 56.20 -53.94 26.93
CA VAL B 416 54.78 -54.13 27.26
C VAL B 416 54.46 -53.38 28.54
N VAL B 417 55.33 -53.45 29.54
CA VAL B 417 55.09 -52.78 30.81
C VAL B 417 55.02 -51.28 30.61
N SER B 418 55.96 -50.72 29.86
CA SER B 418 55.97 -49.29 29.59
C SER B 418 54.74 -48.88 28.80
N SER B 419 54.33 -49.69 27.81
CA SER B 419 53.16 -49.36 27.02
C SER B 419 51.90 -49.35 27.88
N ILE B 420 51.74 -50.37 28.73
CA ILE B 420 50.55 -50.46 29.57
C ILE B 420 50.50 -49.28 30.53
N SER B 421 51.65 -48.93 31.11
CA SER B 421 51.69 -47.74 31.96
C SER B 421 51.36 -46.49 31.19
N TYR B 422 51.73 -46.42 29.91
CA TYR B 422 51.41 -45.23 29.12
C TYR B 422 49.91 -45.13 28.89
N ILE B 423 49.25 -46.25 28.58
CA ILE B 423 47.79 -46.22 28.44
C ILE B 423 47.15 -45.81 29.76
N ALA B 424 47.64 -46.35 30.87
CA ALA B 424 47.06 -46.01 32.18
C ALA B 424 47.20 -44.52 32.47
N ARG B 425 48.38 -43.96 32.22
CA ARG B 425 48.60 -42.53 32.47
C ARG B 425 47.74 -41.67 31.55
N GLN B 426 47.61 -42.07 30.28
CA GLN B 426 46.78 -41.29 29.36
C GLN B 426 45.32 -41.30 29.81
N LEU B 427 44.83 -42.47 30.26
CA LEU B 427 43.45 -42.55 30.72
C LEU B 427 43.24 -41.75 32.00
N GLN B 428 44.22 -41.74 32.90
CA GLN B 428 44.13 -40.87 34.08
C GLN B 428 44.03 -39.40 33.68
N GLU B 429 44.85 -38.97 32.72
CA GLU B 429 44.77 -37.59 32.26
C GLU B 429 43.40 -37.31 31.65
N GLN B 430 42.84 -38.29 30.95
CA GLN B 430 41.51 -38.12 30.39
C GLN B 430 40.46 -37.94 31.48
N GLU B 431 40.54 -38.74 32.56
CA GLU B 431 39.60 -38.56 33.66
C GLU B 431 39.76 -37.19 34.31
N ASP B 432 40.99 -36.72 34.49
CA ASP B 432 41.19 -35.42 35.13
C ASP B 432 40.61 -34.29 34.27
N HIS B 433 40.86 -34.36 32.96
CA HIS B 433 40.29 -33.38 32.04
C HIS B 433 38.78 -33.46 32.03
N ASP B 434 38.22 -34.67 32.12
CA ASP B 434 36.77 -34.82 32.18
C ASP B 434 36.21 -34.16 33.42
N VAL B 435 36.87 -34.33 34.56
CA VAL B 435 36.39 -33.74 35.82
C VAL B 435 36.39 -32.22 35.71
N LEU B 436 37.48 -31.64 35.21
CA LEU B 436 37.50 -30.20 35.02
C LEU B 436 36.47 -29.74 33.98
N LYS B 437 36.07 -30.62 33.06
CA LYS B 437 35.01 -30.27 32.12
C LYS B 437 33.66 -30.24 32.81
N GLU B 438 33.35 -31.25 33.63
CA GLU B 438 32.03 -31.27 34.26
C GLU B 438 31.90 -30.17 35.30
N ASP B 439 33.00 -29.72 35.90
CA ASP B 439 32.89 -28.57 36.80
C ASP B 439 32.38 -27.34 36.07
N TRP B 440 32.96 -27.03 34.91
CA TRP B 440 32.49 -25.90 34.11
C TRP B 440 31.06 -26.11 33.64
N GLN B 441 30.72 -27.34 33.23
CA GLN B 441 29.37 -27.60 32.75
C GLN B 441 28.34 -27.44 33.86
N PHE B 442 28.69 -27.86 35.07
CA PHE B 442 27.77 -27.70 36.20
C PHE B 442 27.61 -26.24 36.57
N VAL B 443 28.71 -25.46 36.49
CA VAL B 443 28.59 -24.02 36.71
C VAL B 443 27.65 -23.40 35.67
N ALA B 444 27.77 -23.85 34.42
CA ALA B 444 26.90 -23.34 33.37
C ALA B 444 25.44 -23.68 33.63
N MET B 445 25.17 -24.91 34.10
CA MET B 445 23.80 -25.30 34.39
C MET B 445 23.23 -24.48 35.54
N VAL B 446 24.03 -24.27 36.59
CA VAL B 446 23.54 -23.50 37.73
C VAL B 446 23.25 -22.07 37.31
N VAL B 447 24.12 -21.47 36.48
CA VAL B 447 23.97 -20.08 36.00
C VAL B 447 22.76 -20.01 35.09
N ASP B 448 22.35 -21.12 34.49
CA ASP B 448 21.21 -21.20 33.55
C ASP B 448 19.91 -21.37 34.33
N ARG B 449 19.94 -21.99 35.51
CA ARG B 449 18.76 -22.14 36.38
C ARG B 449 18.53 -20.81 37.08
N LEU B 450 19.59 -20.12 37.50
CA LEU B 450 19.43 -18.79 38.08
C LEU B 450 18.86 -17.82 37.05
N PHE B 451 19.37 -17.87 35.82
CA PHE B 451 18.89 -16.94 34.80
C PHE B 451 17.45 -17.24 34.40
N LEU B 452 17.06 -18.52 34.41
CA LEU B 452 15.66 -18.87 34.21
C LEU B 452 14.78 -18.22 35.25
N TRP B 453 15.18 -18.29 36.53
CA TRP B 453 14.33 -17.73 37.57
C TRP B 453 14.26 -16.21 37.48
N THR B 454 15.39 -15.52 37.27
CA THR B 454 15.32 -14.07 37.12
C THR B 454 14.58 -13.65 35.86
N PHE B 455 14.69 -14.42 34.77
CA PHE B 455 13.91 -14.11 33.58
C PHE B 455 12.42 -14.25 33.85
N ILE B 456 12.02 -15.29 34.58
CA ILE B 456 10.62 -15.46 34.92
C ILE B 456 10.14 -14.29 35.76
N ILE B 457 10.96 -13.86 36.72
CA ILE B 457 10.57 -12.76 37.60
C ILE B 457 10.43 -11.47 36.80
N PHE B 458 11.40 -11.15 35.96
CA PHE B 458 11.35 -9.92 35.18
C PHE B 458 10.18 -9.93 34.20
N THR B 459 9.95 -11.06 33.54
CA THR B 459 8.84 -11.19 32.62
C THR B 459 7.52 -10.96 33.34
N SER B 460 7.32 -11.64 34.47
CA SER B 460 6.05 -11.52 35.19
C SER B 460 5.84 -10.09 35.68
N VAL B 461 6.88 -9.47 36.24
CA VAL B 461 6.72 -8.13 36.80
C VAL B 461 6.40 -7.13 35.69
N GLY B 462 7.17 -7.16 34.60
CA GLY B 462 6.94 -6.20 33.53
C GLY B 462 5.61 -6.40 32.84
N THR B 463 5.25 -7.65 32.55
CA THR B 463 3.98 -7.93 31.90
C THR B 463 2.81 -7.53 32.79
N LEU B 464 2.90 -7.81 34.09
CA LEU B 464 1.83 -7.42 35.00
C LEU B 464 1.71 -5.90 35.08
N VAL B 465 2.84 -5.19 35.15
CA VAL B 465 2.79 -3.74 35.23
C VAL B 465 2.13 -3.17 33.98
N ILE B 466 2.54 -3.63 32.81
CA ILE B 466 2.01 -3.09 31.57
C ILE B 466 0.53 -3.44 31.42
N PHE B 467 0.15 -4.67 31.77
CA PHE B 467 -1.23 -5.10 31.58
C PHE B 467 -2.16 -4.42 32.58
N LEU B 468 -1.69 -4.16 33.80
CA LEU B 468 -2.50 -3.44 34.77
C LEU B 468 -2.60 -1.96 34.40
N ASP B 469 -1.56 -1.39 33.78
CA ASP B 469 -1.69 -0.05 33.24
C ASP B 469 -2.73 -0.01 32.14
N ALA B 470 -2.75 -1.01 31.26
CA ALA B 470 -3.71 -1.02 30.17
C ALA B 470 -5.13 -1.23 30.67
N THR B 471 -5.34 -2.21 31.55
CA THR B 471 -6.68 -2.63 31.92
C THR B 471 -7.39 -1.59 32.77
N TYR B 472 -6.66 -0.82 33.58
CA TYR B 472 -7.25 0.14 34.50
C TYR B 472 -7.45 1.52 33.86
N HIS B 473 -7.26 1.65 32.54
CA HIS B 473 -7.53 2.89 31.84
C HIS B 473 -8.98 2.84 31.35
N LEU B 474 -9.86 3.44 32.14
CA LEU B 474 -11.29 3.42 31.87
C LEU B 474 -11.75 4.73 31.24
N PRO B 475 -12.85 4.76 30.49
CA PRO B 475 -13.39 6.05 30.06
C PRO B 475 -13.92 6.82 31.25
N PRO B 476 -13.96 8.15 31.17
CA PRO B 476 -14.50 8.92 32.30
C PRO B 476 -16.00 8.78 32.38
N ALA B 477 -16.51 8.70 33.61
CA ALA B 477 -17.95 8.63 33.82
C ALA B 477 -18.64 9.98 33.61
N ASP B 478 -17.87 11.07 33.61
CA ASP B 478 -18.37 12.43 33.42
C ASP B 478 -17.84 12.98 32.11
N PRO B 479 -18.69 13.50 31.20
CA PRO B 479 -18.13 14.13 29.99
C PRO B 479 -17.28 15.38 30.27
N PHE B 480 -17.51 16.10 31.36
CA PHE B 480 -16.78 17.32 31.70
C PHE B 480 -16.33 17.31 33.16
N PRO B 481 -15.11 16.85 33.45
CA PRO B 481 -14.56 17.12 34.80
C PRO B 481 -14.31 18.61 35.02
N SER C 1 -15.60 39.53 -38.60
CA SER C 1 -16.05 39.14 -37.23
C SER C 1 -17.45 39.68 -36.93
N GLU C 2 -17.81 40.80 -37.56
CA GLU C 2 -19.14 41.36 -37.35
C GLU C 2 -20.20 40.55 -38.09
N HIS C 3 -19.86 40.07 -39.29
CA HIS C 3 -20.75 39.15 -39.99
C HIS C 3 -20.98 37.89 -39.16
N GLU C 4 -19.91 37.37 -38.55
CA GLU C 4 -20.01 36.18 -37.71
C GLU C 4 -20.87 36.44 -36.48
N THR C 5 -20.70 37.61 -35.85
CA THR C 5 -21.51 37.94 -34.68
C THR C 5 -22.98 38.05 -35.06
N ARG C 6 -23.27 38.68 -36.20
CA ARG C 6 -24.65 38.79 -36.66
C ARG C 6 -25.25 37.42 -36.96
N LEU C 7 -24.45 36.54 -37.58
CA LEU C 7 -24.93 35.20 -37.88
C LEU C 7 -25.27 34.44 -36.60
N VAL C 8 -24.40 34.52 -35.59
CA VAL C 8 -24.66 33.82 -34.35
C VAL C 8 -25.89 34.42 -33.66
N ALA C 9 -26.07 35.74 -33.77
CA ALA C 9 -27.24 36.38 -33.19
C ALA C 9 -28.52 35.87 -33.83
N LYS C 10 -28.54 35.73 -35.16
CA LYS C 10 -29.76 35.25 -35.82
C LYS C 10 -29.97 33.75 -35.60
N LEU C 11 -28.90 32.96 -35.55
CA LEU C 11 -29.05 31.51 -35.47
C LEU C 11 -29.69 31.07 -34.17
N PHE C 12 -29.47 31.81 -33.08
CA PHE C 12 -29.95 31.47 -31.75
C PHE C 12 -30.92 32.52 -31.23
N GLU C 13 -31.82 32.98 -32.11
CA GLU C 13 -32.88 33.91 -31.73
C GLU C 13 -34.17 33.18 -31.36
N ASP C 14 -34.52 32.15 -32.11
CA ASP C 14 -35.70 31.33 -31.86
C ASP C 14 -35.28 29.86 -31.83
N TYR C 15 -34.18 29.57 -31.15
CA TYR C 15 -33.64 28.22 -31.09
C TYR C 15 -34.06 27.54 -29.80
N ASN C 16 -34.39 26.26 -29.91
CA ASN C 16 -34.74 25.41 -28.77
C ASN C 16 -33.82 24.20 -28.76
N SER C 17 -33.03 24.08 -27.70
CA SER C 17 -32.09 22.96 -27.57
C SER C 17 -32.78 21.66 -27.18
N VAL C 18 -34.02 21.72 -26.70
CA VAL C 18 -34.72 20.50 -26.29
C VAL C 18 -35.26 19.77 -27.50
N VAL C 19 -35.68 20.51 -28.53
CA VAL C 19 -36.29 19.92 -29.71
C VAL C 19 -35.24 19.16 -30.52
N ARG C 20 -35.63 17.99 -31.02
CA ARG C 20 -34.77 17.25 -31.93
C ARG C 20 -34.63 18.05 -33.22
N PRO C 21 -33.42 18.27 -33.75
CA PRO C 21 -33.26 19.25 -34.84
C PRO C 21 -33.56 18.67 -36.22
N VAL C 22 -34.84 18.35 -36.45
CA VAL C 22 -35.32 17.92 -37.76
C VAL C 22 -36.58 18.71 -38.10
N GLU C 23 -36.84 18.82 -39.41
CA GLU C 23 -37.99 19.59 -39.88
C GLU C 23 -39.31 19.02 -39.36
N ASP C 24 -39.46 17.70 -39.42
CA ASP C 24 -40.68 17.00 -39.08
C ASP C 24 -40.41 16.08 -37.89
N HIS C 25 -41.33 16.06 -36.92
CA HIS C 25 -41.09 15.27 -35.72
C HIS C 25 -41.15 13.77 -35.97
N ARG C 26 -41.63 13.31 -37.12
CA ARG C 26 -41.79 11.89 -37.40
C ARG C 26 -40.57 11.26 -38.06
N GLN C 27 -39.51 12.02 -38.35
CA GLN C 27 -38.26 11.47 -38.86
C GLN C 27 -37.21 11.54 -37.77
N ALA C 28 -36.21 10.67 -37.89
CA ALA C 28 -35.18 10.52 -36.86
C ALA C 28 -34.00 11.44 -37.13
N VAL C 29 -33.24 11.72 -36.08
CA VAL C 29 -32.00 12.46 -36.20
C VAL C 29 -30.91 11.47 -36.63
N GLU C 30 -30.15 11.85 -37.66
CA GLU C 30 -29.11 10.99 -38.23
C GLU C 30 -27.78 11.36 -37.59
N VAL C 31 -27.23 10.45 -36.78
CA VAL C 31 -26.00 10.68 -36.03
C VAL C 31 -24.98 9.62 -36.46
N THR C 32 -23.76 10.07 -36.71
CA THR C 32 -22.61 9.20 -36.98
C THR C 32 -21.69 9.24 -35.77
N VAL C 33 -21.31 8.07 -35.27
CA VAL C 33 -20.53 7.94 -34.05
C VAL C 33 -19.22 7.22 -34.40
N GLY C 34 -18.10 7.88 -34.12
CA GLY C 34 -16.80 7.26 -34.21
C GLY C 34 -16.08 7.36 -32.88
N LEU C 35 -15.32 6.32 -32.56
CA LEU C 35 -14.54 6.26 -31.33
C LEU C 35 -13.07 6.25 -31.69
N GLN C 36 -12.29 7.11 -31.03
CA GLN C 36 -10.85 7.20 -31.21
C GLN C 36 -10.22 6.82 -29.87
N LEU C 37 -9.37 5.81 -29.85
CA LEU C 37 -8.68 5.39 -28.64
C LEU C 37 -7.31 6.06 -28.56
N ILE C 38 -7.13 6.95 -27.58
CA ILE C 38 -5.86 7.63 -27.41
C ILE C 38 -4.91 6.78 -26.58
N GLN C 39 -5.37 6.27 -25.45
CA GLN C 39 -4.50 5.54 -24.54
C GLN C 39 -5.30 4.51 -23.76
N LEU C 40 -4.73 3.32 -23.60
CA LEU C 40 -5.23 2.32 -22.67
C LEU C 40 -4.57 2.59 -21.31
N ILE C 41 -5.30 3.24 -20.41
CA ILE C 41 -4.71 3.70 -19.16
C ILE C 41 -4.46 2.54 -18.22
N ASN C 42 -5.48 1.72 -17.97
CA ASN C 42 -5.28 0.60 -17.05
C ASN C 42 -6.32 -0.48 -17.22
N VAL C 43 -5.92 -1.72 -16.96
CA VAL C 43 -6.79 -2.89 -16.90
C VAL C 43 -6.72 -3.41 -15.47
N ASP C 44 -7.75 -3.10 -14.67
CA ASP C 44 -7.82 -3.57 -13.29
C ASP C 44 -8.61 -4.87 -13.32
N GLU C 45 -7.99 -5.96 -12.86
CA GLU C 45 -8.54 -7.29 -12.96
C GLU C 45 -9.44 -7.65 -11.79
N VAL C 46 -9.21 -7.05 -10.62
CA VAL C 46 -9.96 -7.42 -9.42
C VAL C 46 -11.40 -6.95 -9.54
N ASN C 47 -11.60 -5.68 -9.87
CA ASN C 47 -12.93 -5.12 -10.06
C ASN C 47 -13.38 -5.15 -11.52
N GLN C 48 -12.58 -5.74 -12.40
CA GLN C 48 -13.00 -6.02 -13.78
C GLN C 48 -13.31 -4.72 -14.53
N ILE C 49 -12.40 -3.75 -14.43
CA ILE C 49 -12.55 -2.42 -15.01
C ILE C 49 -11.44 -2.22 -16.03
N VAL C 50 -11.78 -1.55 -17.13
CA VAL C 50 -10.79 -1.06 -18.09
C VAL C 50 -11.00 0.44 -18.20
N THR C 51 -9.97 1.21 -17.86
CA THR C 51 -9.99 2.66 -17.98
C THR C 51 -9.17 3.09 -19.18
N THR C 52 -9.79 3.88 -20.05
CA THR C 52 -9.23 4.27 -21.33
C THR C 52 -9.47 5.77 -21.56
N ASN C 53 -8.60 6.37 -22.37
CA ASN C 53 -8.77 7.73 -22.86
C ASN C 53 -9.29 7.68 -24.29
N VAL C 54 -10.40 8.37 -24.55
CA VAL C 54 -11.07 8.30 -25.84
C VAL C 54 -11.49 9.68 -26.30
N ARG C 55 -11.69 9.81 -27.61
CA ARG C 55 -12.40 10.93 -28.21
C ARG C 55 -13.64 10.37 -28.90
N LEU C 56 -14.80 10.95 -28.61
CA LEU C 56 -16.09 10.44 -29.09
C LEU C 56 -16.66 11.35 -30.18
N LYS C 57 -16.22 11.13 -31.41
CA LYS C 57 -16.62 12.00 -32.52
C LYS C 57 -18.08 11.71 -32.88
N GLN C 58 -18.90 12.76 -32.89
CA GLN C 58 -20.31 12.67 -33.21
C GLN C 58 -20.62 13.70 -34.28
N GLN C 59 -21.28 13.24 -35.35
CA GLN C 59 -21.62 14.08 -36.48
C GLN C 59 -23.12 14.00 -36.74
N TRP C 60 -23.77 15.16 -36.85
CA TRP C 60 -25.17 15.15 -37.27
C TRP C 60 -25.45 16.45 -38.01
N VAL C 61 -26.72 16.68 -38.35
CA VAL C 61 -27.15 17.87 -39.08
C VAL C 61 -28.26 18.52 -38.28
N ASP C 62 -28.06 19.79 -37.92
CA ASP C 62 -29.10 20.56 -37.27
C ASP C 62 -29.88 21.35 -38.32
N TYR C 63 -31.19 21.08 -38.40
CA TYR C 63 -32.00 21.67 -39.46
C TYR C 63 -32.11 23.19 -39.32
N ASN C 64 -32.11 23.70 -38.09
CA ASN C 64 -32.34 25.12 -37.82
C ASN C 64 -31.08 25.97 -37.81
N LEU C 65 -29.90 25.38 -38.09
CA LEU C 65 -28.63 26.08 -38.01
C LEU C 65 -28.00 26.19 -39.39
N LYS C 66 -28.83 26.47 -40.40
CA LYS C 66 -28.41 26.68 -41.77
C LYS C 66 -28.35 28.17 -42.08
N TRP C 67 -27.46 28.55 -43.00
CA TRP C 67 -27.41 29.91 -43.48
C TRP C 67 -26.78 29.92 -44.87
N ASN C 68 -27.07 30.96 -45.63
CA ASN C 68 -26.42 31.19 -46.91
C ASN C 68 -25.12 31.97 -46.65
N PRO C 69 -23.95 31.47 -47.03
CA PRO C 69 -22.72 32.24 -46.74
C PRO C 69 -22.65 33.60 -47.42
N ASP C 70 -23.37 33.81 -48.52
CA ASP C 70 -23.28 35.08 -49.22
C ASP C 70 -23.94 36.23 -48.47
N ASP C 71 -24.83 35.94 -47.51
CA ASP C 71 -25.46 36.95 -46.70
C ASP C 71 -24.68 37.28 -45.43
N TYR C 72 -23.54 36.65 -45.21
CA TYR C 72 -22.78 36.80 -43.97
C TYR C 72 -21.29 36.90 -44.24
N GLY C 73 -20.93 37.61 -45.31
CA GLY C 73 -19.52 37.87 -45.56
C GLY C 73 -18.71 36.69 -46.00
N GLY C 74 -19.33 35.62 -46.46
CA GLY C 74 -18.62 34.44 -46.92
C GLY C 74 -18.20 33.46 -45.84
N VAL C 75 -18.62 33.66 -44.59
CA VAL C 75 -18.29 32.69 -43.56
C VAL C 75 -19.08 31.40 -43.79
N LYS C 76 -18.41 30.27 -43.61
CA LYS C 76 -18.96 28.95 -43.94
C LYS C 76 -18.96 28.04 -42.73
N LYS C 77 -18.02 28.23 -41.80
CA LYS C 77 -17.93 27.42 -40.59
C LYS C 77 -17.75 28.33 -39.38
N ILE C 78 -18.42 27.97 -38.28
CA ILE C 78 -18.28 28.67 -37.01
C ILE C 78 -18.10 27.63 -35.89
N HIS C 79 -17.66 28.12 -34.74
CA HIS C 79 -17.45 27.32 -33.55
C HIS C 79 -18.44 27.75 -32.48
N ILE C 80 -19.21 26.80 -31.96
CA ILE C 80 -20.37 27.09 -31.13
C ILE C 80 -20.23 26.29 -29.84
N PRO C 81 -20.49 26.85 -28.64
CA PRO C 81 -20.47 26.01 -27.44
C PRO C 81 -21.53 24.92 -27.52
N SER C 82 -21.15 23.72 -27.07
CA SER C 82 -22.03 22.57 -27.21
C SER C 82 -23.23 22.64 -26.28
N GLU C 83 -23.16 23.41 -25.20
CA GLU C 83 -24.29 23.50 -24.29
C GLU C 83 -25.45 24.29 -24.87
N LYS C 84 -25.20 25.09 -25.92
CA LYS C 84 -26.25 25.92 -26.51
C LYS C 84 -27.15 25.15 -27.46
N ILE C 85 -26.74 23.96 -27.92
CA ILE C 85 -27.41 23.25 -28.99
C ILE C 85 -27.93 21.91 -28.48
N TRP C 86 -28.84 21.32 -29.25
CA TRP C 86 -29.24 19.93 -29.03
C TRP C 86 -28.06 19.01 -29.30
N ARG C 87 -27.94 17.97 -28.50
CA ARG C 87 -26.91 16.94 -28.65
C ARG C 87 -27.56 15.58 -28.50
N PRO C 88 -26.97 14.52 -29.09
CA PRO C 88 -27.33 13.17 -28.65
C PRO C 88 -26.79 12.90 -27.26
N ASP C 89 -27.55 12.12 -26.49
CA ASP C 89 -27.19 11.79 -25.12
C ASP C 89 -26.53 10.41 -25.11
N LEU C 90 -25.30 10.37 -25.60
CA LEU C 90 -24.56 9.13 -25.70
C LEU C 90 -24.06 8.73 -24.33
N VAL C 91 -24.32 7.47 -23.95
CA VAL C 91 -23.97 6.93 -22.64
C VAL C 91 -23.23 5.61 -22.86
N LEU C 92 -22.18 5.40 -22.07
CA LEU C 92 -21.52 4.11 -21.93
C LEU C 92 -22.38 3.21 -21.04
N TYR C 93 -23.08 2.26 -21.65
CA TYR C 93 -24.01 1.43 -20.89
C TYR C 93 -23.28 0.51 -19.92
N ASN C 94 -22.13 -0.02 -20.32
CA ASN C 94 -21.32 -0.91 -19.48
C ASN C 94 -20.26 -0.14 -18.68
N ASN C 95 -20.54 1.12 -18.35
CA ASN C 95 -19.66 1.88 -17.47
C ASN C 95 -19.61 1.25 -16.09
N ALA C 96 -18.42 1.21 -15.50
CA ALA C 96 -18.23 0.56 -14.20
C ALA C 96 -18.38 1.57 -13.05
N ASP C 97 -17.43 2.50 -12.93
CA ASP C 97 -17.47 3.50 -11.86
C ASP C 97 -17.03 4.89 -12.35
N GLY C 98 -17.04 5.13 -13.66
CA GLY C 98 -16.69 6.41 -14.23
C GLY C 98 -17.91 7.25 -14.56
N ASP C 99 -17.76 8.09 -15.58
CA ASP C 99 -18.85 8.95 -16.03
C ASP C 99 -19.71 8.20 -17.03
N PHE C 100 -21.04 8.30 -16.88
CA PHE C 100 -21.94 7.63 -17.82
C PHE C 100 -21.94 8.33 -19.17
N ALA C 101 -22.04 9.65 -19.18
CA ALA C 101 -22.14 10.45 -20.38
C ALA C 101 -20.92 11.37 -20.52
N ILE C 102 -20.93 12.18 -21.56
CA ILE C 102 -19.87 13.17 -21.77
C ILE C 102 -20.05 14.29 -20.75
N VAL C 103 -18.98 14.61 -20.04
CA VAL C 103 -18.98 15.70 -19.06
C VAL C 103 -18.17 16.90 -19.53
N LYS C 104 -17.23 16.72 -20.46
CA LYS C 104 -16.41 17.81 -20.99
C LYS C 104 -17.11 18.35 -22.22
N PHE C 105 -17.78 19.49 -22.08
CA PHE C 105 -18.57 20.07 -23.17
C PHE C 105 -17.68 21.03 -23.95
N THR C 106 -17.00 20.49 -24.95
CA THR C 106 -16.15 21.28 -25.83
C THR C 106 -17.01 21.98 -26.89
N LYS C 107 -16.37 22.77 -27.75
CA LYS C 107 -17.09 23.47 -28.80
C LYS C 107 -17.28 22.58 -30.01
N VAL C 108 -18.40 22.77 -30.70
CA VAL C 108 -18.71 22.06 -31.92
C VAL C 108 -18.35 22.94 -33.11
N LEU C 109 -18.03 22.28 -34.22
CA LEU C 109 -17.81 22.94 -35.51
C LEU C 109 -19.10 22.81 -36.31
N LEU C 110 -19.62 23.95 -36.76
CA LEU C 110 -20.91 24.02 -37.45
C LEU C 110 -20.73 24.66 -38.82
N ASP C 111 -21.17 23.96 -39.86
CA ASP C 111 -21.10 24.45 -41.23
C ASP C 111 -22.39 25.17 -41.61
N TYR C 112 -22.32 25.90 -42.73
CA TYR C 112 -23.51 26.55 -43.27
C TYR C 112 -24.55 25.53 -43.72
N THR C 113 -24.13 24.33 -44.08
CA THR C 113 -25.05 23.25 -44.41
C THR C 113 -25.90 22.84 -43.19
N GLY C 114 -25.43 23.15 -41.98
CA GLY C 114 -26.04 22.66 -40.76
C GLY C 114 -25.33 21.47 -40.15
N HIS C 115 -24.21 21.05 -40.72
CA HIS C 115 -23.47 19.90 -40.21
C HIS C 115 -22.72 20.27 -38.95
N ILE C 116 -22.97 19.51 -37.89
CA ILE C 116 -22.30 19.66 -36.60
C ILE C 116 -21.33 18.49 -36.45
N THR C 117 -20.08 18.81 -36.10
CA THR C 117 -19.07 17.85 -35.69
C THR C 117 -18.65 18.19 -34.26
N TRP C 118 -18.81 17.23 -33.34
CA TRP C 118 -18.46 17.41 -31.94
C TRP C 118 -17.57 16.25 -31.51
N THR C 119 -16.35 16.57 -31.04
CA THR C 119 -15.36 15.57 -30.68
C THR C 119 -14.88 15.83 -29.26
N PRO C 120 -15.70 15.52 -28.26
CA PRO C 120 -15.29 15.70 -26.88
C PRO C 120 -14.41 14.54 -26.43
N PRO C 121 -13.50 14.79 -25.48
CA PRO C 121 -12.76 13.67 -24.86
C PRO C 121 -13.54 13.05 -23.72
N ALA C 122 -13.12 11.86 -23.35
CA ALA C 122 -13.73 11.17 -22.23
C ALA C 122 -12.77 10.15 -21.66
N ILE C 123 -12.91 9.91 -20.36
CA ILE C 123 -12.27 8.79 -19.69
C ILE C 123 -13.34 7.73 -19.50
N PHE C 124 -13.19 6.60 -20.20
CA PHE C 124 -14.17 5.54 -20.18
C PHE C 124 -13.69 4.48 -19.21
N LYS C 125 -14.47 4.25 -18.16
CA LYS C 125 -14.22 3.19 -17.17
C LYS C 125 -15.30 2.13 -17.39
N SER C 126 -14.95 1.05 -18.08
CA SER C 126 -15.91 0.08 -18.58
C SER C 126 -15.75 -1.26 -17.88
N TYR C 127 -16.87 -1.92 -17.64
CA TYR C 127 -16.89 -3.24 -17.03
C TYR C 127 -16.60 -4.30 -18.09
N CYS C 128 -15.70 -5.23 -17.78
CA CYS C 128 -15.22 -6.24 -18.72
C CYS C 128 -15.05 -7.56 -17.99
N GLU C 129 -15.67 -8.61 -18.51
CA GLU C 129 -15.44 -9.93 -17.94
C GLU C 129 -13.98 -10.32 -18.16
N ILE C 130 -13.24 -10.47 -17.07
CA ILE C 130 -11.82 -10.78 -17.09
C ILE C 130 -11.65 -12.27 -16.84
N ILE C 131 -10.93 -12.94 -17.73
CA ILE C 131 -10.65 -14.37 -17.61
C ILE C 131 -9.20 -14.49 -17.16
N VAL C 132 -8.99 -14.98 -15.94
CA VAL C 132 -7.66 -15.13 -15.36
C VAL C 132 -7.12 -16.54 -15.50
N THR C 133 -7.76 -17.40 -16.30
CA THR C 133 -7.37 -18.79 -16.40
C THR C 133 -5.90 -18.94 -16.81
N HIS C 134 -5.47 -18.15 -17.80
CA HIS C 134 -4.15 -18.29 -18.41
C HIS C 134 -3.17 -17.22 -17.94
N PHE C 135 -3.49 -16.52 -16.86
CA PHE C 135 -2.64 -15.44 -16.36
C PHE C 135 -1.25 -15.97 -16.03
N PRO C 136 -0.16 -15.26 -16.38
CA PRO C 136 -0.03 -13.94 -17.02
C PRO C 136 -0.02 -13.99 -18.54
N PHE C 137 -0.37 -15.12 -19.14
CA PHE C 137 -0.40 -15.29 -20.59
C PHE C 137 -1.82 -15.17 -21.14
N ASP C 138 -2.64 -14.32 -20.55
CA ASP C 138 -4.07 -14.28 -20.86
C ASP C 138 -4.34 -13.30 -22.00
N GLU C 139 -5.42 -13.57 -22.73
CA GLU C 139 -5.98 -12.67 -23.72
C GLU C 139 -7.35 -12.22 -23.22
N GLN C 140 -7.59 -10.90 -23.27
CA GLN C 140 -8.85 -10.31 -22.82
C GLN C 140 -9.57 -9.72 -24.03
N ASN C 141 -10.89 -9.68 -23.94
CA ASN C 141 -11.74 -9.03 -24.95
C ASN C 141 -12.67 -8.09 -24.22
N CYS C 142 -12.40 -6.80 -24.29
CA CYS C 142 -13.15 -5.80 -23.52
C CYS C 142 -13.89 -4.85 -24.46
N SER C 143 -15.10 -4.49 -24.06
CA SER C 143 -16.06 -3.80 -24.92
C SER C 143 -16.51 -2.49 -24.31
N MET C 144 -16.98 -1.60 -25.18
CA MET C 144 -17.57 -0.31 -24.80
C MET C 144 -18.89 -0.24 -25.56
N LYS C 145 -19.99 -0.49 -24.86
CA LYS C 145 -21.32 -0.36 -25.45
C LYS C 145 -21.79 1.09 -25.28
N LEU C 146 -22.16 1.72 -26.39
CA LEU C 146 -22.52 3.13 -26.44
C LEU C 146 -23.91 3.27 -27.04
N GLY C 147 -24.72 4.13 -26.46
CA GLY C 147 -26.05 4.33 -27.02
C GLY C 147 -26.71 5.57 -26.50
N THR C 148 -27.74 6.01 -27.22
CA THR C 148 -28.54 7.13 -26.76
C THR C 148 -29.40 6.67 -25.59
N TRP C 149 -29.19 7.29 -24.43
CA TRP C 149 -29.79 6.78 -23.20
C TRP C 149 -31.31 6.91 -23.21
N THR C 150 -31.83 8.06 -23.64
CA THR C 150 -33.25 8.37 -23.56
C THR C 150 -33.95 8.38 -24.91
N TYR C 151 -33.20 8.40 -26.02
CA TYR C 151 -33.77 8.37 -27.37
C TYR C 151 -33.64 6.96 -27.92
N ASP C 152 -34.74 6.44 -28.49
CA ASP C 152 -34.72 5.14 -29.12
C ASP C 152 -34.44 5.29 -30.62
N GLY C 153 -34.35 4.17 -31.32
CA GLY C 153 -33.96 4.18 -32.72
C GLY C 153 -34.97 4.86 -33.64
N SER C 154 -36.21 4.99 -33.20
CA SER C 154 -37.23 5.64 -34.03
C SER C 154 -37.08 7.15 -34.06
N VAL C 155 -36.44 7.74 -33.04
CA VAL C 155 -36.28 9.19 -32.96
C VAL C 155 -34.84 9.64 -33.18
N VAL C 156 -33.85 8.80 -32.84
CA VAL C 156 -32.45 9.09 -33.12
C VAL C 156 -31.82 7.81 -33.65
N VAL C 157 -31.21 7.90 -34.83
CA VAL C 157 -30.47 6.79 -35.43
C VAL C 157 -28.99 7.08 -35.29
N ILE C 158 -28.24 6.11 -34.77
CA ILE C 158 -26.78 6.21 -34.63
C ILE C 158 -26.15 5.13 -35.51
N ASN C 159 -25.18 5.53 -36.32
CA ASN C 159 -24.42 4.65 -37.19
C ASN C 159 -22.93 4.76 -36.87
N PRO C 160 -22.15 3.68 -36.97
CA PRO C 160 -20.71 3.82 -36.76
C PRO C 160 -20.05 4.58 -37.90
N GLU C 161 -19.02 5.35 -37.56
CA GLU C 161 -18.29 6.10 -38.58
C GLU C 161 -17.46 5.16 -39.45
N SER C 162 -16.82 4.17 -38.82
CA SER C 162 -16.06 3.15 -39.53
C SER C 162 -16.33 1.80 -38.88
N ASP C 163 -15.91 0.73 -39.55
CA ASP C 163 -16.07 -0.60 -38.99
C ASP C 163 -15.20 -0.81 -37.75
N GLN C 164 -14.10 -0.06 -37.63
CA GLN C 164 -13.11 -0.26 -36.59
C GLN C 164 -12.92 1.02 -35.80
N PRO C 165 -12.51 0.94 -34.53
CA PRO C 165 -12.08 2.15 -33.83
C PRO C 165 -10.82 2.74 -34.46
N ASP C 166 -10.68 4.05 -34.31
CA ASP C 166 -9.54 4.77 -34.84
C ASP C 166 -8.38 4.67 -33.85
N LEU C 167 -7.26 4.09 -34.30
CA LEU C 167 -6.06 3.89 -33.49
C LEU C 167 -4.88 4.68 -34.04
N SER C 168 -5.15 5.75 -34.80
CA SER C 168 -4.06 6.48 -35.44
C SER C 168 -3.24 7.28 -34.43
N ASN C 169 -3.86 7.71 -33.33
CA ASN C 169 -3.19 8.45 -32.26
C ASN C 169 -3.18 7.64 -30.97
N PHE C 170 -2.94 6.35 -31.09
CA PHE C 170 -2.89 5.46 -29.93
C PHE C 170 -1.48 5.42 -29.37
N MET C 171 -1.33 5.80 -28.10
CA MET C 171 -0.03 5.70 -27.44
C MET C 171 0.24 4.25 -27.08
N GLU C 172 1.51 3.84 -27.20
CA GLU C 172 1.87 2.45 -26.98
C GLU C 172 1.67 2.10 -25.51
N SER C 173 1.05 0.96 -25.27
CA SER C 173 0.84 0.44 -23.92
C SER C 173 2.01 -0.46 -23.54
N GLY C 174 2.54 -0.25 -22.34
CA GLY C 174 3.64 -1.06 -21.84
C GLY C 174 3.25 -2.39 -21.26
N GLU C 175 1.95 -2.67 -21.12
CA GLU C 175 1.46 -3.89 -20.51
C GLU C 175 0.57 -4.72 -21.41
N TRP C 176 -0.09 -4.12 -22.40
CA TRP C 176 -1.00 -4.83 -23.29
C TRP C 176 -0.69 -4.50 -24.75
N VAL C 177 -0.97 -5.46 -25.62
CA VAL C 177 -0.92 -5.28 -27.06
C VAL C 177 -2.33 -5.50 -27.59
N ILE C 178 -2.87 -4.50 -28.27
CA ILE C 178 -4.20 -4.63 -28.88
C ILE C 178 -4.03 -5.48 -30.13
N LYS C 179 -4.56 -6.70 -30.09
CA LYS C 179 -4.48 -7.59 -31.25
C LYS C 179 -5.58 -7.34 -32.25
N GLU C 180 -6.82 -7.14 -31.79
CA GLU C 180 -7.94 -6.88 -32.70
C GLU C 180 -8.80 -5.77 -32.14
N SER C 181 -9.53 -5.11 -33.03
CA SER C 181 -10.48 -4.08 -32.63
C SER C 181 -11.56 -3.97 -33.68
N ARG C 182 -12.81 -3.93 -33.28
CA ARG C 182 -13.91 -3.73 -34.25
C ARG C 182 -15.09 -3.08 -33.55
N GLY C 183 -16.05 -2.59 -34.30
CA GLY C 183 -17.28 -2.00 -33.80
C GLY C 183 -18.50 -2.56 -34.50
N TRP C 184 -19.50 -2.97 -33.73
CA TRP C 184 -20.71 -3.58 -34.26
C TRP C 184 -21.93 -2.82 -33.79
N LYS C 185 -22.86 -2.55 -34.72
CA LYS C 185 -24.14 -1.95 -34.40
C LYS C 185 -25.17 -3.06 -34.17
N HIS C 186 -26.00 -2.86 -33.15
CA HIS C 186 -27.02 -3.83 -32.77
C HIS C 186 -28.38 -3.15 -32.69
N TRP C 187 -29.37 -3.79 -33.34
CA TRP C 187 -30.77 -3.46 -33.21
C TRP C 187 -31.40 -4.42 -32.21
N VAL C 188 -32.11 -3.88 -31.21
CA VAL C 188 -32.76 -4.69 -30.19
C VAL C 188 -34.24 -4.35 -30.21
N PHE C 189 -35.08 -5.37 -30.41
CA PHE C 189 -36.53 -5.24 -30.41
C PHE C 189 -37.10 -5.97 -29.19
N TYR C 190 -38.16 -5.39 -28.62
CA TYR C 190 -38.83 -5.94 -27.46
C TYR C 190 -40.21 -6.45 -27.86
N ALA C 191 -40.73 -7.39 -27.07
CA ALA C 191 -41.98 -8.04 -27.42
C ALA C 191 -43.16 -7.08 -27.34
N CYS C 192 -43.12 -6.11 -26.44
CA CYS C 192 -44.22 -5.18 -26.26
C CYS C 192 -44.21 -4.04 -27.28
N CYS C 193 -43.13 -3.87 -28.05
CA CYS C 193 -42.96 -2.72 -28.94
C CYS C 193 -42.33 -3.20 -30.25
N PRO C 194 -43.12 -3.54 -31.26
CA PRO C 194 -42.54 -4.05 -32.50
C PRO C 194 -42.10 -2.99 -33.50
N SER C 195 -42.30 -1.70 -33.21
CA SER C 195 -42.01 -0.63 -34.15
C SER C 195 -40.80 0.22 -33.80
N THR C 196 -40.38 0.24 -32.53
CA THR C 196 -39.28 1.10 -32.09
C THR C 196 -38.05 0.25 -31.79
N PRO C 197 -37.00 0.25 -32.60
CA PRO C 197 -35.76 -0.41 -32.20
C PRO C 197 -35.00 0.38 -31.15
N TYR C 198 -34.15 -0.34 -30.42
CA TYR C 198 -33.17 0.25 -29.53
C TYR C 198 -31.81 -0.07 -30.10
N LEU C 199 -31.05 0.97 -30.44
CA LEU C 199 -29.78 0.84 -31.13
C LEU C 199 -28.63 0.99 -30.16
N ASP C 200 -27.58 0.22 -30.38
CA ASP C 200 -26.32 0.43 -29.67
C ASP C 200 -25.17 0.16 -30.63
N ILE C 201 -24.01 0.72 -30.29
CA ILE C 201 -22.76 0.44 -30.99
C ILE C 201 -21.78 -0.04 -29.93
N THR C 202 -21.33 -1.29 -30.06
CA THR C 202 -20.36 -1.87 -29.14
C THR C 202 -19.01 -1.96 -29.85
N TYR C 203 -18.01 -1.27 -29.30
CA TYR C 203 -16.65 -1.36 -29.78
C TYR C 203 -15.87 -2.31 -28.88
N HIS C 204 -15.35 -3.40 -29.45
CA HIS C 204 -14.56 -4.35 -28.69
C HIS C 204 -13.09 -4.28 -29.10
N PHE C 205 -12.24 -4.66 -28.15
CA PHE C 205 -10.79 -4.66 -28.29
C PHE C 205 -10.28 -5.98 -27.70
N VAL C 206 -9.66 -6.80 -28.55
CA VAL C 206 -8.97 -8.00 -28.10
C VAL C 206 -7.51 -7.63 -27.82
N MET C 207 -7.12 -7.78 -26.56
CA MET C 207 -5.83 -7.37 -26.00
C MET C 207 -5.08 -8.62 -25.53
N GLN C 208 -3.77 -8.62 -25.68
CA GLN C 208 -2.90 -9.67 -25.16
C GLN C 208 -1.93 -9.04 -24.17
N ARG C 209 -1.81 -9.63 -22.98
CA ARG C 209 -0.91 -9.10 -21.97
C ARG C 209 0.53 -9.43 -22.34
N LEU C 210 1.43 -8.47 -22.15
CA LEU C 210 2.85 -8.74 -22.21
C LEU C 210 3.30 -9.36 -20.88
N PRO C 211 3.81 -10.59 -20.86
CA PRO C 211 3.99 -11.28 -19.57
C PRO C 211 5.36 -11.15 -18.90
N LEU C 212 6.27 -10.32 -19.42
CA LEU C 212 7.65 -10.33 -18.93
C LEU C 212 7.74 -9.96 -17.45
N TYR C 213 6.92 -9.01 -17.01
CA TYR C 213 6.96 -8.55 -15.61
C TYR C 213 6.69 -9.68 -14.64
N PHE C 214 5.62 -10.44 -14.88
CA PHE C 214 5.28 -11.57 -14.01
C PHE C 214 6.17 -12.76 -14.24
N ILE C 215 6.76 -12.91 -15.42
CA ILE C 215 7.76 -13.96 -15.63
C ILE C 215 8.97 -13.70 -14.74
N VAL C 216 9.44 -12.46 -14.70
CA VAL C 216 10.67 -12.14 -13.99
C VAL C 216 10.43 -12.11 -12.49
N ASN C 217 9.34 -11.49 -12.06
CA ASN C 217 9.15 -11.18 -10.64
C ASN C 217 8.36 -12.24 -9.87
N VAL C 218 7.79 -13.24 -10.54
CA VAL C 218 7.05 -14.30 -9.85
C VAL C 218 7.58 -15.67 -10.26
N ILE C 219 7.61 -15.93 -11.57
CA ILE C 219 7.82 -17.29 -12.04
C ILE C 219 9.25 -17.75 -11.77
N ILE C 220 10.23 -16.88 -11.99
CA ILE C 220 11.64 -17.27 -11.87
C ILE C 220 12.01 -17.59 -10.42
N PRO C 221 11.66 -16.79 -9.42
CA PRO C 221 11.92 -17.21 -8.03
C PRO C 221 11.21 -18.50 -7.64
N CYS C 222 9.99 -18.73 -8.14
CA CYS C 222 9.32 -20.00 -7.88
C CYS C 222 10.09 -21.16 -8.50
N LEU C 223 10.61 -20.97 -9.71
CA LEU C 223 11.42 -22.00 -10.34
C LEU C 223 12.69 -22.26 -9.54
N LEU C 224 13.32 -21.20 -9.03
CA LEU C 224 14.53 -21.38 -8.23
C LEU C 224 14.25 -22.14 -6.95
N PHE C 225 13.12 -21.83 -6.29
CA PHE C 225 12.75 -22.56 -5.09
C PHE C 225 12.41 -24.01 -5.41
N SER C 226 11.76 -24.26 -6.55
CA SER C 226 11.48 -25.63 -6.96
C SER C 226 12.77 -26.41 -7.18
N PHE C 227 13.78 -25.77 -7.76
CA PHE C 227 15.06 -26.44 -7.94
C PHE C 227 15.74 -26.68 -6.59
N LEU C 228 15.70 -25.68 -5.70
CA LEU C 228 16.32 -25.82 -4.39
C LEU C 228 15.62 -26.86 -3.51
N THR C 229 14.36 -27.19 -3.83
CA THR C 229 13.64 -28.19 -3.04
C THR C 229 14.33 -29.54 -3.09
N GLY C 230 14.80 -29.97 -4.26
CA GLY C 230 15.35 -31.30 -4.42
C GLY C 230 16.79 -31.48 -4.00
N LEU C 231 17.50 -30.39 -3.72
CA LEU C 231 18.91 -30.46 -3.36
C LEU C 231 19.13 -31.01 -1.96
N VAL C 232 18.10 -31.06 -1.12
CA VAL C 232 18.26 -31.60 0.22
C VAL C 232 18.45 -33.11 0.22
N PHE C 233 18.14 -33.79 -0.88
CA PHE C 233 18.29 -35.23 -0.96
C PHE C 233 19.70 -35.68 -1.37
N TYR C 234 20.55 -34.76 -1.84
CA TYR C 234 21.96 -35.03 -1.99
C TYR C 234 22.77 -34.62 -0.77
N LEU C 235 22.15 -33.95 0.21
CA LEU C 235 22.83 -33.57 1.44
C LEU C 235 22.83 -34.74 2.42
N PRO C 236 23.98 -35.18 2.93
CA PRO C 236 23.98 -36.28 3.89
C PRO C 236 23.33 -35.88 5.20
N THR C 237 22.85 -36.89 5.92
CA THR C 237 22.26 -36.65 7.24
C THR C 237 23.31 -36.26 8.27
N ASP C 238 24.54 -36.74 8.12
CA ASP C 238 25.58 -36.44 9.09
C ASP C 238 26.01 -34.98 9.07
N SER C 239 25.61 -34.21 8.06
CA SER C 239 25.93 -32.80 8.04
C SER C 239 25.16 -32.02 9.10
N GLY C 240 24.02 -32.54 9.54
CA GLY C 240 23.19 -31.80 10.48
C GLY C 240 22.60 -30.55 9.90
N GLU C 241 22.29 -30.55 8.60
CA GLU C 241 21.81 -29.36 7.91
C GLU C 241 20.66 -29.66 6.95
N LYS C 242 20.12 -30.88 6.95
CA LYS C 242 19.00 -31.22 6.07
C LYS C 242 17.77 -30.37 6.41
N MET C 243 17.38 -30.35 7.68
CA MET C 243 16.21 -29.58 8.09
C MET C 243 16.44 -28.10 7.92
N THR C 244 17.66 -27.60 8.15
CA THR C 244 17.92 -26.18 7.94
C THR C 244 17.66 -25.79 6.48
N LEU C 245 18.18 -26.58 5.54
CA LEU C 245 17.97 -26.29 4.13
C LEU C 245 16.49 -26.34 3.78
N SER C 246 15.80 -27.42 4.15
CA SER C 246 14.39 -27.55 3.76
C SER C 246 13.53 -26.46 4.39
N ILE C 247 13.72 -26.20 5.69
CA ILE C 247 12.89 -25.25 6.39
C ILE C 247 13.15 -23.84 5.87
N SER C 248 14.41 -23.53 5.53
CA SER C 248 14.69 -22.22 4.98
C SER C 248 14.12 -22.05 3.58
N VAL C 249 14.08 -23.11 2.77
CA VAL C 249 13.42 -23.03 1.48
C VAL C 249 11.92 -22.74 1.67
N LEU C 250 11.30 -23.43 2.64
CA LEU C 250 9.89 -23.18 2.94
C LEU C 250 9.69 -21.74 3.41
N LEU C 251 10.56 -21.24 4.27
CA LEU C 251 10.43 -19.89 4.78
C LEU C 251 10.63 -18.86 3.68
N SER C 252 11.53 -19.13 2.74
CA SER C 252 11.69 -18.24 1.59
C SER C 252 10.42 -18.19 0.76
N LEU C 253 9.78 -19.34 0.55
CA LEU C 253 8.50 -19.32 -0.17
C LEU C 253 7.43 -18.57 0.62
N THR C 254 7.39 -18.76 1.94
CA THR C 254 6.39 -18.06 2.75
C THR C 254 6.58 -16.55 2.68
N VAL C 255 7.84 -16.10 2.71
CA VAL C 255 8.11 -14.67 2.58
C VAL C 255 7.74 -14.19 1.18
N PHE C 256 8.03 -15.00 0.16
CA PHE C 256 7.68 -14.66 -1.21
C PHE C 256 6.17 -14.59 -1.42
N LEU C 257 5.40 -15.25 -0.57
CA LEU C 257 3.95 -15.15 -0.65
C LEU C 257 3.48 -13.70 -0.46
N LEU C 258 4.23 -12.89 0.28
CA LEU C 258 3.91 -11.48 0.37
C LEU C 258 3.99 -10.80 -1.00
N VAL C 259 5.07 -11.09 -1.73
CA VAL C 259 5.23 -10.53 -3.07
C VAL C 259 4.11 -11.02 -3.97
N ILE C 260 3.81 -12.30 -3.90
CA ILE C 260 2.82 -12.90 -4.80
C ILE C 260 1.44 -12.32 -4.51
N VAL C 261 1.10 -12.14 -3.23
CA VAL C 261 -0.19 -11.57 -2.87
C VAL C 261 -0.25 -10.11 -3.31
N GLU C 262 0.86 -9.40 -3.25
CA GLU C 262 0.84 -7.98 -3.61
C GLU C 262 0.81 -7.76 -5.12
N LEU C 263 1.24 -8.75 -5.91
CA LEU C 263 1.38 -8.57 -7.36
C LEU C 263 0.30 -9.26 -8.18
N ILE C 264 -0.20 -10.42 -7.73
CA ILE C 264 -1.15 -11.22 -8.50
C ILE C 264 -2.57 -10.87 -8.06
N PRO C 265 -3.51 -10.68 -8.99
CA PRO C 265 -4.84 -10.18 -8.60
C PRO C 265 -5.65 -11.13 -7.72
N SER C 266 -6.45 -10.53 -6.86
CA SER C 266 -7.26 -11.25 -5.88
C SER C 266 -8.66 -11.49 -6.43
N THR C 267 -8.72 -12.34 -7.45
CA THR C 267 -9.96 -12.77 -8.07
C THR C 267 -10.22 -14.23 -7.74
N SER C 268 -11.50 -14.58 -7.59
CA SER C 268 -11.93 -15.94 -7.32
C SER C 268 -12.75 -16.52 -8.47
N SER C 269 -12.76 -15.87 -9.63
CA SER C 269 -13.46 -16.43 -10.78
C SER C 269 -12.80 -17.73 -11.24
N ALA C 270 -11.47 -17.79 -11.18
CA ALA C 270 -10.73 -19.00 -11.54
C ALA C 270 -9.38 -18.93 -10.84
N VAL C 271 -8.70 -20.09 -10.81
CA VAL C 271 -7.35 -20.16 -10.29
C VAL C 271 -6.40 -19.71 -11.40
N PRO C 272 -5.56 -18.68 -11.21
CA PRO C 272 -4.57 -18.36 -12.22
C PRO C 272 -3.53 -19.46 -12.39
N LEU C 273 -2.97 -19.53 -13.59
CA LEU C 273 -1.93 -20.52 -13.89
C LEU C 273 -0.71 -20.28 -13.02
N ILE C 274 -0.36 -19.01 -12.80
CA ILE C 274 0.70 -18.66 -11.87
C ILE C 274 0.35 -19.10 -10.45
N GLY C 275 -0.92 -19.02 -10.08
CA GLY C 275 -1.32 -19.48 -8.76
C GLY C 275 -1.20 -20.98 -8.63
N LYS C 276 -1.51 -21.72 -9.70
CA LYS C 276 -1.29 -23.17 -9.69
C LYS C 276 0.19 -23.49 -9.54
N TYR C 277 1.06 -22.74 -10.23
CA TYR C 277 2.49 -23.00 -10.09
C TYR C 277 2.95 -22.75 -8.65
N MET C 278 2.46 -21.67 -8.04
CA MET C 278 2.82 -21.38 -6.65
C MET C 278 2.36 -22.50 -5.73
N LEU C 279 1.11 -22.94 -5.87
CA LEU C 279 0.59 -23.99 -5.01
C LEU C 279 1.34 -25.31 -5.21
N PHE C 280 1.67 -25.62 -6.48
CA PHE C 280 2.45 -26.83 -6.74
C PHE C 280 3.80 -26.76 -6.06
N THR C 281 4.49 -25.61 -6.16
CA THR C 281 5.78 -25.47 -5.52
C THR C 281 5.67 -25.62 -4.00
N MET C 282 4.64 -25.02 -3.42
CA MET C 282 4.52 -25.04 -1.95
C MET C 282 4.22 -26.45 -1.47
N VAL C 283 3.33 -27.16 -2.17
CA VAL C 283 3.08 -28.57 -1.84
C VAL C 283 4.34 -29.40 -2.02
N PHE C 284 5.14 -29.05 -3.04
CA PHE C 284 6.39 -29.76 -3.31
C PHE C 284 7.34 -29.65 -2.13
N VAL C 285 7.55 -28.43 -1.62
CA VAL C 285 8.47 -28.25 -0.49
C VAL C 285 7.91 -28.92 0.76
N ILE C 286 6.60 -28.88 0.96
CA ILE C 286 6.04 -29.52 2.15
C ILE C 286 6.26 -31.03 2.09
N ALA C 287 6.03 -31.63 0.91
CA ALA C 287 6.29 -33.06 0.75
C ALA C 287 7.77 -33.36 0.94
N SER C 288 8.64 -32.45 0.47
CA SER C 288 10.08 -32.65 0.68
C SER C 288 10.42 -32.67 2.15
N ILE C 289 9.80 -31.79 2.95
CA ILE C 289 10.07 -31.75 4.38
C ILE C 289 9.58 -33.04 5.04
N ILE C 290 8.39 -33.50 4.68
CA ILE C 290 7.86 -34.74 5.26
C ILE C 290 8.78 -35.91 4.94
N ILE C 291 9.18 -36.03 3.67
CA ILE C 291 9.98 -37.17 3.25
C ILE C 291 11.38 -37.09 3.85
N THR C 292 11.92 -35.88 4.00
CA THR C 292 13.20 -35.72 4.66
C THR C 292 13.13 -36.11 6.13
N VAL C 293 12.01 -35.83 6.79
CA VAL C 293 11.83 -36.27 8.17
C VAL C 293 11.84 -37.80 8.21
N ILE C 294 11.19 -38.44 7.24
CA ILE C 294 11.21 -39.91 7.18
C ILE C 294 12.63 -40.42 6.97
N VAL C 295 13.39 -39.77 6.09
CA VAL C 295 14.76 -40.20 5.82
C VAL C 295 15.61 -40.07 7.08
N ILE C 296 15.48 -38.96 7.80
CA ILE C 296 16.28 -38.74 9.00
C ILE C 296 15.89 -39.74 10.09
N ASN C 297 14.59 -40.04 10.20
CA ASN C 297 14.17 -41.07 11.14
C ASN C 297 14.76 -42.42 10.79
N THR C 298 14.88 -42.72 9.50
CA THR C 298 15.49 -43.97 9.08
C THR C 298 16.99 -43.99 9.41
N HIS C 299 17.65 -42.85 9.28
CA HIS C 299 19.11 -42.82 9.35
C HIS C 299 19.61 -43.09 10.78
N HIS C 300 18.81 -42.77 11.80
CA HIS C 300 19.14 -43.01 13.20
C HIS C 300 18.52 -44.27 13.78
N ARG C 301 17.97 -45.15 12.96
CA ARG C 301 17.49 -46.41 13.48
C ARG C 301 18.68 -47.26 13.92
N SER C 302 18.57 -47.86 15.09
CA SER C 302 19.64 -48.56 15.76
C SER C 302 19.19 -49.95 16.16
N PRO C 303 20.12 -50.89 16.35
CA PRO C 303 19.72 -52.21 16.86
C PRO C 303 19.12 -52.16 18.25
N SER C 304 19.46 -51.15 19.05
CA SER C 304 18.98 -51.08 20.42
C SER C 304 17.48 -50.76 20.48
N THR C 305 16.96 -50.05 19.49
CA THR C 305 15.57 -49.62 19.46
C THR C 305 14.77 -50.18 18.29
N HIS C 306 15.41 -50.76 17.29
CA HIS C 306 14.72 -51.27 16.11
C HIS C 306 15.36 -52.54 15.59
N VAL C 307 14.58 -53.31 14.85
CA VAL C 307 15.03 -54.52 14.17
C VAL C 307 14.72 -54.34 12.68
N MET C 308 15.71 -54.62 11.84
CA MET C 308 15.55 -54.37 10.41
C MET C 308 14.55 -55.38 9.84
N PRO C 309 13.45 -54.97 9.20
CA PRO C 309 12.58 -55.94 8.55
C PRO C 309 13.25 -56.58 7.34
N GLU C 310 12.79 -57.79 7.03
CA GLU C 310 13.37 -58.52 5.90
C GLU C 310 13.02 -57.88 4.57
N TRP C 311 11.87 -57.21 4.48
CA TRP C 311 11.52 -56.55 3.21
C TRP C 311 12.40 -55.34 2.96
N VAL C 312 12.75 -54.59 4.01
CA VAL C 312 13.66 -53.46 3.85
C VAL C 312 15.02 -53.93 3.35
N ARG C 313 15.54 -55.01 3.93
CA ARG C 313 16.81 -55.57 3.48
C ARG C 313 16.71 -56.12 2.06
N LYS C 314 15.62 -56.82 1.76
CA LYS C 314 15.46 -57.44 0.45
C LYS C 314 15.30 -56.40 -0.65
N VAL C 315 14.81 -55.21 -0.32
CA VAL C 315 14.63 -54.15 -1.31
C VAL C 315 15.87 -53.28 -1.37
N PHE C 316 16.17 -52.56 -0.29
CA PHE C 316 17.09 -51.43 -0.36
C PHE C 316 18.56 -51.83 -0.35
N ILE C 317 18.90 -53.02 0.15
CA ILE C 317 20.34 -53.42 0.30
C ILE C 317 20.78 -54.28 -0.88
N ASP C 318 19.87 -54.86 -1.67
CA ASP C 318 20.24 -55.81 -2.76
C ASP C 318 19.49 -55.56 -4.06
N THR C 319 18.19 -55.28 -4.01
CA THR C 319 17.36 -55.10 -5.23
C THR C 319 17.69 -53.74 -5.85
N ILE C 320 17.32 -52.64 -5.19
CA ILE C 320 17.54 -51.26 -5.69
C ILE C 320 19.02 -51.09 -6.02
N PRO C 321 19.95 -51.31 -5.06
CA PRO C 321 21.37 -51.04 -5.31
C PRO C 321 21.97 -51.66 -6.57
N ASN C 322 21.42 -52.77 -7.07
CA ASN C 322 21.95 -53.45 -8.28
C ASN C 322 21.74 -52.53 -9.48
N ILE C 323 20.83 -51.57 -9.39
CA ILE C 323 20.55 -50.58 -10.46
C ILE C 323 21.51 -49.39 -10.28
N MET C 324 22.28 -49.35 -9.18
CA MET C 324 23.16 -48.21 -8.85
C MET C 324 24.51 -48.70 -8.29
N PHE C 325 25.36 -47.84 -7.69
CA PHE C 325 26.71 -48.23 -7.18
C PHE C 325 27.05 -47.69 -5.79
N PHE C 326 27.53 -48.53 -4.88
CA PHE C 326 27.94 -48.17 -3.49
C PHE C 326 28.43 -49.46 -2.81
N SER C 327 29.09 -49.37 -1.64
CA SER C 327 29.68 -50.58 -1.01
C SER C 327 28.62 -51.67 -0.80
N THR C 328 27.35 -51.30 -0.65
CA THR C 328 26.24 -52.30 -0.51
C THR C 328 26.24 -52.90 0.88
N MET C 329 26.93 -52.28 1.84
CA MET C 329 26.91 -52.73 3.26
C MET C 329 27.10 -54.24 3.31
N PRO C 365 56.15 -70.00 35.80
CA PRO C 365 55.62 -70.81 36.89
C PRO C 365 54.14 -70.52 37.17
N LEU C 366 53.56 -71.23 38.13
CA LEU C 366 52.17 -71.03 38.52
C LEU C 366 52.10 -69.83 39.45
N ILE C 367 51.62 -68.70 38.93
CA ILE C 367 51.63 -67.42 39.65
C ILE C 367 50.20 -66.95 39.85
N LYS C 368 49.27 -67.89 40.03
CA LYS C 368 47.88 -67.53 40.23
C LYS C 368 47.72 -66.70 41.50
N HIS C 369 47.01 -65.58 41.37
CA HIS C 369 46.94 -64.58 42.43
C HIS C 369 45.72 -63.73 42.16
N PRO C 370 45.02 -63.21 43.19
CA PRO C 370 43.72 -62.57 42.94
C PRO C 370 43.77 -61.34 42.03
N GLU C 371 44.92 -60.70 41.85
CA GLU C 371 45.01 -59.52 40.99
C GLU C 371 45.35 -59.85 39.55
N VAL C 372 46.04 -60.96 39.29
CA VAL C 372 46.33 -61.33 37.90
C VAL C 372 45.07 -61.85 37.22
N LYS C 373 44.28 -62.65 37.93
CA LYS C 373 43.04 -63.19 37.36
C LYS C 373 42.08 -62.07 36.97
N SER C 374 42.03 -61.01 37.77
CA SER C 374 41.20 -59.86 37.42
C SER C 374 41.67 -59.22 36.11
N ALA C 375 42.98 -59.10 35.94
CA ALA C 375 43.50 -58.52 34.69
C ALA C 375 43.15 -59.39 33.49
N ILE C 376 43.27 -60.70 33.61
CA ILE C 376 42.97 -61.59 32.49
C ILE C 376 41.48 -61.52 32.15
N GLU C 377 40.62 -61.60 33.18
CA GLU C 377 39.19 -61.55 32.95
C GLU C 377 38.77 -60.21 32.36
N GLY C 378 39.41 -59.13 32.81
CA GLY C 378 39.09 -57.83 32.27
C GLY C 378 39.55 -57.63 30.85
N ILE C 379 40.68 -58.25 30.48
CA ILE C 379 41.11 -58.20 29.09
C ILE C 379 40.09 -58.91 28.21
N LYS C 380 39.60 -60.07 28.67
CA LYS C 380 38.52 -60.75 27.94
C LYS C 380 37.28 -59.87 27.85
N TYR C 381 36.93 -59.18 28.94
CA TYR C 381 35.77 -58.31 28.94
C TYR C 381 35.93 -57.18 27.92
N ILE C 382 37.14 -56.61 27.84
CA ILE C 382 37.42 -55.54 26.89
C ILE C 382 37.21 -56.04 25.47
N ALA C 383 37.74 -57.24 25.17
CA ALA C 383 37.60 -57.79 23.83
C ALA C 383 36.13 -58.03 23.47
N GLU C 384 35.37 -58.64 24.37
CA GLU C 384 33.94 -58.84 24.10
C GLU C 384 33.19 -57.53 24.00
N THR C 385 33.62 -56.51 24.75
CA THR C 385 32.97 -55.21 24.67
C THR C 385 33.10 -54.61 23.28
N MET C 386 34.30 -54.61 22.71
CA MET C 386 34.49 -54.01 21.38
C MET C 386 33.96 -54.97 20.31
N LYS C 387 33.74 -56.25 20.62
CA LYS C 387 33.06 -57.16 19.69
C LYS C 387 31.57 -56.79 19.57
N SER C 388 30.91 -56.62 20.72
CA SER C 388 29.51 -56.20 20.71
C SER C 388 29.35 -54.82 20.09
N ASP C 389 30.30 -53.91 20.37
CA ASP C 389 30.23 -52.57 19.79
C ASP C 389 30.34 -52.63 18.28
N GLN C 390 31.22 -53.49 17.75
CA GLN C 390 31.35 -53.64 16.31
C GLN C 390 30.05 -54.17 15.69
N GLU C 391 29.43 -55.16 16.35
CA GLU C 391 28.18 -55.70 15.82
C GLU C 391 27.10 -54.63 15.79
N SER C 392 26.94 -53.87 16.88
CA SER C 392 25.94 -52.82 16.91
C SER C 392 26.24 -51.73 15.87
N ASN C 393 27.51 -51.38 15.72
CA ASN C 393 27.88 -50.38 14.73
C ASN C 393 27.51 -50.82 13.33
N ASN C 394 27.81 -52.08 12.99
CA ASN C 394 27.46 -52.59 11.66
C ASN C 394 25.95 -52.55 11.44
N ALA C 395 25.18 -52.96 12.45
CA ALA C 395 23.73 -52.89 12.33
C ALA C 395 23.27 -51.45 12.13
N ALA C 396 24.01 -50.48 12.67
CA ALA C 396 23.68 -49.08 12.42
C ALA C 396 24.00 -48.68 10.99
N GLU C 397 25.17 -49.10 10.47
CA GLU C 397 25.51 -48.73 9.09
C GLU C 397 24.55 -49.34 8.09
N GLU C 398 23.88 -50.44 8.44
CA GLU C 398 22.89 -51.00 7.52
C GLU C 398 21.72 -50.02 7.32
N TRP C 399 21.15 -49.53 8.41
CA TRP C 399 20.10 -48.51 8.32
C TRP C 399 20.62 -47.25 7.64
N LYS C 400 21.89 -46.91 7.86
CA LYS C 400 22.44 -45.72 7.23
C LYS C 400 22.48 -45.89 5.71
N TYR C 401 22.82 -47.09 5.27
CA TYR C 401 22.88 -47.42 3.83
C TYR C 401 21.47 -47.34 3.29
N VAL C 402 20.48 -47.80 4.05
CA VAL C 402 19.09 -47.74 3.61
C VAL C 402 18.67 -46.28 3.39
N ALA C 403 18.97 -45.43 4.37
CA ALA C 403 18.58 -44.02 4.27
C ALA C 403 19.27 -43.34 3.10
N MET C 404 20.54 -43.69 2.85
CA MET C 404 21.25 -43.12 1.70
C MET C 404 20.59 -43.55 0.39
N VAL C 405 20.13 -44.80 0.31
CA VAL C 405 19.50 -45.28 -0.91
C VAL C 405 18.19 -44.53 -1.17
N MET C 406 17.38 -44.34 -0.12
CA MET C 406 16.16 -43.55 -0.31
C MET C 406 16.49 -42.10 -0.67
N ASP C 407 17.59 -41.55 -0.14
CA ASP C 407 17.99 -40.21 -0.53
C ASP C 407 18.28 -40.12 -2.02
N HIS C 408 19.01 -41.10 -2.57
CA HIS C 408 19.31 -41.10 -4.00
C HIS C 408 18.04 -41.21 -4.83
N ILE C 409 17.18 -42.16 -4.49
CA ILE C 409 15.96 -42.39 -5.26
C ILE C 409 15.09 -41.14 -5.23
N LEU C 410 14.93 -40.52 -4.07
CA LEU C 410 14.07 -39.36 -3.98
C LEU C 410 14.70 -38.11 -4.56
N LEU C 411 16.03 -38.04 -4.62
CA LEU C 411 16.66 -36.95 -5.38
C LEU C 411 16.26 -37.04 -6.84
N ALA C 412 16.40 -38.23 -7.43
CA ALA C 412 16.01 -38.39 -8.83
C ALA C 412 14.52 -38.09 -9.03
N VAL C 413 13.69 -38.60 -8.12
CA VAL C 413 12.25 -38.41 -8.25
C VAL C 413 11.89 -36.94 -8.14
N PHE C 414 12.51 -36.21 -7.21
CA PHE C 414 12.12 -34.83 -6.99
C PHE C 414 12.60 -33.93 -8.12
N MET C 415 13.81 -34.19 -8.66
CA MET C 415 14.20 -33.41 -9.83
C MET C 415 13.30 -33.71 -11.03
N LEU C 416 12.87 -34.97 -11.19
CA LEU C 416 11.94 -35.30 -12.27
C LEU C 416 10.62 -34.56 -12.10
N VAL C 417 10.08 -34.55 -10.87
CA VAL C 417 8.81 -33.86 -10.64
C VAL C 417 8.97 -32.35 -10.80
N CYS C 418 10.12 -31.79 -10.43
CA CYS C 418 10.35 -30.37 -10.64
C CYS C 418 10.33 -30.03 -12.13
N ILE C 419 11.00 -30.85 -12.95
CA ILE C 419 10.97 -30.62 -14.39
C ILE C 419 9.56 -30.78 -14.93
N ILE C 420 8.84 -31.80 -14.46
CA ILE C 420 7.49 -32.08 -14.97
C ILE C 420 6.54 -30.95 -14.60
N GLY C 421 6.69 -30.38 -13.41
CA GLY C 421 5.84 -29.27 -13.02
C GLY C 421 6.19 -27.96 -13.71
N THR C 422 7.48 -27.73 -13.95
CA THR C 422 7.86 -26.55 -14.71
C THR C 422 7.38 -26.65 -16.15
N LEU C 423 7.26 -27.86 -16.69
CA LEU C 423 6.78 -28.03 -18.05
C LEU C 423 5.26 -28.00 -18.14
N ALA C 424 4.59 -28.93 -17.45
CA ALA C 424 3.19 -29.22 -17.73
C ALA C 424 2.27 -28.06 -17.36
N VAL C 425 2.62 -27.28 -16.34
CA VAL C 425 1.80 -26.13 -16.00
C VAL C 425 1.83 -25.10 -17.12
N PHE C 426 3.01 -24.88 -17.71
CA PHE C 426 3.21 -23.84 -18.71
C PHE C 426 3.20 -24.37 -20.15
N ALA C 427 3.07 -25.68 -20.35
CA ALA C 427 3.25 -26.24 -21.68
C ALA C 427 2.11 -25.84 -22.61
N GLY C 428 0.87 -26.01 -22.16
CA GLY C 428 -0.27 -25.84 -23.05
C GLY C 428 -0.41 -24.42 -23.56
N ARG C 429 -0.28 -23.43 -22.67
CA ARG C 429 -0.46 -22.01 -23.05
C ARG C 429 0.74 -21.53 -23.87
N LEU C 430 1.95 -22.10 -23.69
CA LEU C 430 3.09 -21.71 -24.53
C LEU C 430 2.95 -22.27 -25.94
N ILE C 431 2.53 -23.54 -26.07
CA ILE C 431 2.34 -24.06 -27.43
C ILE C 431 1.14 -23.42 -28.10
N GLU C 432 0.10 -23.05 -27.35
CA GLU C 432 -1.03 -22.36 -27.96
C GLU C 432 -0.63 -20.99 -28.47
N LEU C 433 0.22 -20.28 -27.72
CA LEU C 433 0.71 -19.00 -28.20
C LEU C 433 1.67 -19.16 -29.37
N ASN C 434 2.44 -20.26 -29.39
CA ASN C 434 3.26 -20.54 -30.55
C ASN C 434 2.39 -20.74 -31.79
N GLN C 435 1.25 -21.40 -31.62
CA GLN C 435 0.36 -21.65 -32.75
C GLN C 435 -0.54 -20.46 -33.06
N GLN C 436 -0.95 -19.70 -32.05
CA GLN C 436 -1.84 -18.57 -32.27
C GLN C 436 -1.78 -17.58 -31.11
N LEU D 1 -39.67 19.13 -36.03
CA LEU D 1 -39.54 20.09 -34.90
C LEU D 1 -40.86 20.77 -34.59
N ASN D 2 -41.76 20.81 -35.60
CA ASN D 2 -42.91 21.70 -35.53
C ASN D 2 -43.84 21.33 -34.38
N GLU D 3 -44.29 20.07 -34.34
CA GLU D 3 -45.23 19.68 -33.31
C GLU D 3 -44.53 19.49 -31.96
N GLU D 4 -43.26 19.07 -31.99
CA GLU D 4 -42.48 18.97 -30.76
C GLU D 4 -42.31 20.33 -30.11
N GLU D 5 -41.92 21.33 -30.89
CA GLU D 5 -41.68 22.67 -30.36
C GLU D 5 -43.01 23.33 -29.99
N ARG D 6 -44.06 23.06 -30.77
CA ARG D 6 -45.39 23.54 -30.43
C ARG D 6 -45.86 23.00 -29.09
N LEU D 7 -45.67 21.70 -28.87
CA LEU D 7 -46.06 21.09 -27.60
C LEU D 7 -45.25 21.66 -26.45
N ILE D 8 -43.95 21.91 -26.67
CA ILE D 8 -43.14 22.49 -25.60
C ILE D 8 -43.63 23.90 -25.27
N ARG D 9 -43.96 24.71 -26.29
CA ARG D 9 -44.50 26.05 -26.01
C ARG D 9 -45.83 25.94 -25.28
N HIS D 10 -46.68 25.00 -25.67
CA HIS D 10 -47.98 24.84 -25.03
C HIS D 10 -47.83 24.45 -23.56
N LEU D 11 -46.93 23.51 -23.27
CA LEU D 11 -46.84 22.98 -21.92
C LEU D 11 -46.08 23.91 -20.97
N PHE D 12 -45.03 24.58 -21.45
CA PHE D 12 -44.11 25.30 -20.58
C PHE D 12 -44.18 26.81 -20.66
N GLU D 13 -44.83 27.37 -21.69
CA GLU D 13 -45.01 28.81 -21.82
C GLU D 13 -46.48 29.24 -21.86
N GLU D 14 -47.33 28.52 -22.60
CA GLU D 14 -48.75 28.88 -22.61
C GLU D 14 -49.41 28.52 -21.28
N LYS D 15 -49.12 27.34 -20.74
CA LYS D 15 -49.67 26.89 -19.47
C LYS D 15 -48.88 27.39 -18.26
N ALA D 16 -47.71 27.99 -18.46
CA ALA D 16 -46.91 28.59 -17.40
C ALA D 16 -46.57 27.55 -16.32
N TYR D 17 -45.84 26.53 -16.77
CA TYR D 17 -45.47 25.42 -15.89
C TYR D 17 -44.47 25.90 -14.83
N ASN D 18 -44.72 25.48 -13.59
CA ASN D 18 -43.86 25.82 -12.44
C ASN D 18 -43.30 24.52 -11.86
N LYS D 19 -42.00 24.32 -12.00
CA LYS D 19 -41.32 23.10 -11.52
C LYS D 19 -41.22 23.11 -9.99
N GLU D 20 -41.35 24.26 -9.32
CA GLU D 20 -41.27 24.31 -7.87
C GLU D 20 -42.55 23.82 -7.20
N LEU D 21 -43.66 23.77 -7.92
CA LEU D 21 -44.94 23.30 -7.38
C LEU D 21 -45.11 21.82 -7.68
N ARG D 22 -45.45 21.07 -6.66
CA ARG D 22 -45.62 19.63 -6.80
C ARG D 22 -46.95 19.31 -7.49
N PRO D 23 -47.00 18.27 -8.38
CA PRO D 23 -48.26 18.04 -9.14
C PRO D 23 -49.35 17.38 -8.31
N ALA D 24 -49.90 18.14 -7.36
CA ALA D 24 -50.97 17.61 -6.53
C ALA D 24 -51.68 18.76 -5.84
N ALA D 25 -52.80 18.43 -5.21
CA ALA D 25 -53.43 19.36 -4.29
C ALA D 25 -52.56 19.48 -3.03
N HIS D 26 -52.86 20.48 -2.21
CA HIS D 26 -52.00 20.75 -1.06
C HIS D 26 -52.04 19.61 -0.06
N LYS D 27 -53.15 18.89 0.03
CA LYS D 27 -53.33 17.80 0.98
C LYS D 27 -53.21 16.42 0.36
N GLU D 28 -52.83 16.34 -0.92
CA GLU D 28 -52.68 15.08 -1.63
C GLU D 28 -51.20 14.80 -1.85
N SER D 29 -50.85 13.51 -1.81
CA SER D 29 -49.47 13.07 -2.00
C SER D 29 -49.32 12.47 -3.39
N VAL D 30 -48.16 12.70 -3.99
CA VAL D 30 -47.85 12.16 -5.31
C VAL D 30 -47.31 10.76 -5.14
N GLU D 31 -47.83 9.82 -5.93
CA GLU D 31 -47.36 8.44 -5.89
C GLU D 31 -46.15 8.29 -6.80
N ILE D 32 -45.01 7.96 -6.21
CA ILE D 32 -43.76 7.71 -6.95
C ILE D 32 -43.53 6.22 -6.93
N SER D 33 -43.36 5.63 -8.11
CA SER D 33 -43.04 4.22 -8.26
C SER D 33 -41.56 4.07 -8.55
N LEU D 34 -40.89 3.18 -7.80
CA LEU D 34 -39.45 2.98 -7.89
C LEU D 34 -39.12 1.55 -8.27
N ALA D 35 -38.16 1.41 -9.17
CA ALA D 35 -37.51 0.13 -9.46
C ALA D 35 -36.02 0.36 -9.57
N LEU D 36 -35.24 -0.70 -9.38
CA LEU D 36 -33.79 -0.64 -9.42
C LEU D 36 -33.27 -1.73 -10.35
N THR D 37 -32.32 -1.36 -11.20
CA THR D 37 -31.61 -2.30 -12.06
C THR D 37 -30.14 -2.26 -11.66
N LEU D 38 -29.56 -3.43 -11.37
CA LEU D 38 -28.14 -3.51 -11.03
C LEU D 38 -27.36 -3.75 -12.32
N SER D 39 -26.68 -2.71 -12.80
CA SER D 39 -25.80 -2.89 -13.95
C SER D 39 -24.61 -3.77 -13.60
N ASN D 40 -23.97 -3.46 -12.49
CA ASN D 40 -22.81 -4.25 -12.04
C ASN D 40 -22.52 -4.01 -10.57
N LEU D 41 -22.04 -5.02 -9.87
CA LEU D 41 -21.53 -4.89 -8.51
C LEU D 41 -20.02 -4.70 -8.62
N ILE D 42 -19.55 -3.49 -8.31
CA ILE D 42 -18.14 -3.17 -8.50
C ILE D 42 -17.28 -3.82 -7.42
N SER D 43 -17.55 -3.49 -6.16
CA SER D 43 -16.71 -3.98 -5.08
C SER D 43 -17.45 -3.89 -3.74
N LEU D 44 -16.97 -4.69 -2.80
CA LEU D 44 -17.28 -4.53 -1.38
C LEU D 44 -15.94 -4.45 -0.65
N LYS D 45 -15.55 -3.24 -0.30
CA LYS D 45 -14.32 -3.00 0.45
C LYS D 45 -14.56 -3.38 1.91
N GLU D 46 -13.79 -4.35 2.39
CA GLU D 46 -14.00 -4.88 3.74
C GLU D 46 -13.49 -3.91 4.79
N VAL D 47 -12.28 -3.39 4.59
CA VAL D 47 -11.68 -2.50 5.58
C VAL D 47 -12.48 -1.20 5.66
N GLU D 48 -12.89 -0.68 4.51
CA GLU D 48 -13.73 0.52 4.48
C GLU D 48 -15.20 0.21 4.71
N GLU D 49 -15.61 -1.07 4.65
CA GLU D 49 -17.01 -1.46 4.84
C GLU D 49 -17.93 -0.72 3.87
N THR D 50 -17.54 -0.70 2.59
CA THR D 50 -18.19 0.13 1.58
C THR D 50 -18.58 -0.73 0.39
N LEU D 51 -19.85 -0.68 0.00
CA LEU D 51 -20.34 -1.34 -1.20
C LEU D 51 -20.44 -0.31 -2.31
N THR D 52 -19.84 -0.60 -3.46
CA THR D 52 -19.91 0.27 -4.63
C THR D 52 -20.77 -0.42 -5.68
N THR D 53 -21.83 0.27 -6.14
CA THR D 53 -22.77 -0.29 -7.10
C THR D 53 -23.03 0.68 -8.23
N ASN D 54 -23.14 0.12 -9.45
CA ASN D 54 -23.69 0.81 -10.62
C ASN D 54 -25.15 0.40 -10.73
N VAL D 55 -26.06 1.33 -10.50
CA VAL D 55 -27.49 1.03 -10.44
C VAL D 55 -28.25 2.07 -11.25
N TRP D 56 -29.21 1.61 -12.05
CA TRP D 56 -30.11 2.48 -12.80
C TRP D 56 -31.44 2.50 -12.06
N ILE D 57 -31.85 3.66 -11.56
CA ILE D 57 -33.08 3.77 -10.79
C ILE D 57 -34.18 4.30 -11.69
N GLU D 58 -35.31 3.60 -11.71
CA GLU D 58 -36.46 3.92 -12.55
C GLU D 58 -37.53 4.54 -11.68
N GLN D 59 -37.91 5.77 -12.00
CA GLN D 59 -38.90 6.55 -11.26
C GLN D 59 -40.07 6.86 -12.18
N GLY D 60 -41.28 6.60 -11.68
CA GLY D 60 -42.49 6.89 -12.41
C GLY D 60 -43.47 7.70 -11.59
N TRP D 61 -44.02 8.77 -12.17
CA TRP D 61 -45.05 9.53 -11.47
C TRP D 61 -45.89 10.29 -12.48
N THR D 62 -47.16 10.51 -12.14
CA THR D 62 -48.07 11.25 -13.01
C THR D 62 -48.02 12.73 -12.70
N ASP D 63 -47.78 13.53 -13.74
CA ASP D 63 -47.80 15.00 -13.67
C ASP D 63 -48.93 15.49 -14.57
N SER D 64 -50.05 15.87 -13.95
CA SER D 64 -51.23 16.25 -14.71
C SER D 64 -51.08 17.55 -15.46
N ARG D 65 -50.06 18.36 -15.15
CA ARG D 65 -49.80 19.56 -15.94
C ARG D 65 -49.15 19.24 -17.28
N LEU D 66 -48.33 18.19 -17.34
CA LEU D 66 -47.64 17.79 -18.56
C LEU D 66 -48.42 16.77 -19.37
N GLN D 67 -49.69 17.06 -19.65
CA GLN D 67 -50.54 16.19 -20.45
C GLN D 67 -51.06 16.98 -21.65
N TRP D 68 -51.38 16.23 -22.72
CA TRP D 68 -51.89 16.85 -23.93
C TRP D 68 -52.71 15.82 -24.69
N ASP D 69 -53.51 16.32 -25.63
CA ASP D 69 -54.19 15.47 -26.60
C ASP D 69 -53.29 15.29 -27.80
N ALA D 70 -53.01 14.03 -28.15
CA ALA D 70 -52.08 13.76 -29.25
C ALA D 70 -52.60 14.27 -30.58
N GLU D 71 -53.92 14.27 -30.79
CA GLU D 71 -54.47 14.69 -32.07
C GLU D 71 -54.30 16.19 -32.30
N ASP D 72 -54.09 16.98 -31.25
CA ASP D 72 -53.85 18.40 -31.40
C ASP D 72 -52.39 18.73 -31.70
N PHE D 73 -51.50 17.74 -31.72
CA PHE D 73 -50.07 17.96 -31.92
C PHE D 73 -49.51 16.91 -32.87
N GLY D 74 -50.24 16.63 -33.94
CA GLY D 74 -49.77 15.73 -34.98
C GLY D 74 -49.53 14.30 -34.53
N ASN D 75 -50.36 13.79 -33.62
CA ASN D 75 -50.27 12.42 -33.14
C ASN D 75 -48.91 12.15 -32.48
N ILE D 76 -48.34 13.17 -31.86
CA ILE D 76 -47.13 12.98 -31.05
C ILE D 76 -47.51 12.27 -29.76
N SER D 77 -46.72 11.25 -29.41
CA SER D 77 -47.06 10.32 -28.35
C SER D 77 -46.00 10.22 -27.25
N VAL D 78 -44.84 10.85 -27.41
CA VAL D 78 -43.81 10.85 -26.38
C VAL D 78 -42.98 12.10 -26.55
N LEU D 79 -42.59 12.70 -25.42
CA LEU D 79 -41.71 13.85 -25.42
C LEU D 79 -40.55 13.60 -24.46
N ARG D 80 -39.38 14.12 -24.81
CA ARG D 80 -38.17 13.97 -24.03
C ARG D 80 -37.67 15.35 -23.62
N LEU D 81 -37.53 15.57 -22.32
CA LEU D 81 -37.21 16.88 -21.76
C LEU D 81 -36.05 16.78 -20.79
N PRO D 82 -35.26 17.83 -20.61
CA PRO D 82 -34.29 17.82 -19.51
C PRO D 82 -34.97 17.72 -18.16
N ALA D 83 -34.30 17.03 -17.24
CA ALA D 83 -34.84 16.88 -15.88
C ALA D 83 -34.89 18.19 -15.13
N ASP D 84 -34.15 19.21 -15.57
CA ASP D 84 -34.15 20.52 -14.94
C ASP D 84 -35.30 21.41 -15.40
N MET D 85 -36.26 20.87 -16.15
CA MET D 85 -37.46 21.60 -16.55
C MET D 85 -38.72 21.14 -15.83
N VAL D 86 -38.72 19.94 -15.25
CA VAL D 86 -39.91 19.36 -14.64
C VAL D 86 -39.71 19.28 -13.13
N TRP D 87 -40.80 19.00 -12.43
CA TRP D 87 -40.74 18.72 -11.01
C TRP D 87 -40.22 17.31 -10.79
N LEU D 88 -39.28 17.16 -9.86
CA LEU D 88 -38.68 15.87 -9.55
C LEU D 88 -39.00 15.50 -8.10
N PRO D 89 -39.30 14.24 -7.78
CA PRO D 89 -39.44 13.87 -6.37
C PRO D 89 -38.14 13.93 -5.59
N GLU D 90 -36.98 13.97 -6.27
CA GLU D 90 -35.67 14.05 -5.64
C GLU D 90 -35.43 12.86 -4.72
N ILE D 91 -35.38 11.69 -5.34
CA ILE D 91 -35.05 10.45 -4.64
C ILE D 91 -33.53 10.33 -4.57
N VAL D 92 -33.02 10.07 -3.37
CA VAL D 92 -31.60 9.98 -3.10
C VAL D 92 -31.35 8.70 -2.30
N LEU D 93 -30.09 8.30 -2.26
CA LEU D 93 -29.66 7.15 -1.46
C LEU D 93 -29.32 7.67 -0.07
N GLU D 94 -30.20 7.41 0.90
CA GLU D 94 -29.94 7.80 2.28
C GLU D 94 -28.76 7.01 2.85
N ASN D 95 -28.53 5.80 2.36
CA ASN D 95 -27.57 4.87 2.92
C ASN D 95 -26.13 5.13 2.49
N ASN D 96 -25.86 6.21 1.76
CA ASN D 96 -24.51 6.48 1.28
C ASN D 96 -23.59 6.82 2.45
N ASN D 97 -22.28 6.60 2.24
CA ASN D 97 -21.26 6.85 3.26
C ASN D 97 -20.13 7.75 2.76
N ASP D 98 -20.29 8.40 1.60
CA ASP D 98 -19.30 9.30 1.05
C ASP D 98 -19.84 10.69 0.76
N GLY D 99 -21.10 10.97 1.10
CA GLY D 99 -21.71 12.26 0.85
C GLY D 99 -22.41 12.38 -0.49
N SER D 100 -22.28 11.39 -1.37
CA SER D 100 -22.90 11.45 -2.69
C SER D 100 -24.30 10.89 -2.58
N PHE D 101 -25.24 11.75 -2.19
CA PHE D 101 -26.64 11.35 -2.08
C PHE D 101 -27.28 11.14 -3.44
N GLN D 102 -26.91 11.96 -4.42
CA GLN D 102 -27.68 12.10 -5.65
C GLN D 102 -27.25 11.11 -6.73
N ILE D 103 -28.13 10.94 -7.72
CA ILE D 103 -27.82 10.15 -8.91
C ILE D 103 -26.68 10.83 -9.67
N SER D 104 -26.01 10.03 -10.52
CA SER D 104 -24.83 10.52 -11.23
C SER D 104 -25.19 11.35 -12.46
N TYR D 105 -25.90 10.74 -13.41
CA TYR D 105 -26.23 11.38 -14.68
C TYR D 105 -27.70 11.79 -14.65
N SER D 106 -27.94 13.10 -14.66
CA SER D 106 -29.29 13.65 -14.67
C SER D 106 -29.78 13.67 -16.11
N CYS D 107 -30.35 12.54 -16.54
CA CYS D 107 -30.73 12.34 -17.93
C CYS D 107 -32.09 12.99 -18.21
N ASN D 108 -32.59 12.82 -19.43
CA ASN D 108 -33.88 13.36 -19.81
C ASN D 108 -34.99 12.54 -19.20
N VAL D 109 -36.10 13.20 -18.90
CA VAL D 109 -37.36 12.55 -18.57
C VAL D 109 -38.13 12.29 -19.86
N LEU D 110 -38.98 11.27 -19.83
CA LEU D 110 -39.92 10.96 -20.91
C LEU D 110 -41.32 11.21 -20.38
N ILE D 111 -42.07 12.10 -21.04
CA ILE D 111 -43.44 12.40 -20.66
C ILE D 111 -44.36 11.95 -21.78
N TYR D 112 -45.59 11.62 -21.41
CA TYR D 112 -46.56 10.96 -22.27
C TYR D 112 -47.87 11.74 -22.23
N PRO D 113 -48.76 11.53 -23.21
CA PRO D 113 -50.01 12.30 -23.24
C PRO D 113 -50.88 12.13 -22.00
N SER D 114 -50.79 10.99 -21.32
CA SER D 114 -51.55 10.81 -20.08
C SER D 114 -51.01 11.66 -18.92
N GLY D 115 -49.82 12.24 -19.06
CA GLY D 115 -49.18 12.96 -17.98
C GLY D 115 -48.18 12.14 -17.19
N SER D 116 -47.96 10.88 -17.57
CA SER D 116 -47.00 10.05 -16.86
C SER D 116 -45.58 10.48 -17.22
N VAL D 117 -44.74 10.59 -16.20
CA VAL D 117 -43.33 10.93 -16.33
C VAL D 117 -42.53 9.67 -15.97
N TYR D 118 -41.60 9.32 -16.84
CA TYR D 118 -40.67 8.21 -16.68
C TYR D 118 -39.28 8.83 -16.62
N TRP D 119 -38.46 8.34 -15.68
CA TRP D 119 -37.09 8.84 -15.54
C TRP D 119 -36.21 7.68 -15.13
N LEU D 120 -35.11 7.47 -15.86
CA LEU D 120 -34.16 6.39 -15.59
C LEU D 120 -32.76 6.99 -15.46
N PRO D 121 -32.48 7.70 -14.37
CA PRO D 121 -31.13 8.15 -14.12
C PRO D 121 -30.24 6.98 -13.71
N PRO D 122 -29.08 6.81 -14.33
CA PRO D 122 -28.09 5.89 -13.79
C PRO D 122 -27.27 6.57 -12.70
N ALA D 123 -26.71 5.75 -11.82
CA ALA D 123 -25.98 6.27 -10.68
C ALA D 123 -24.90 5.28 -10.27
N ILE D 124 -23.87 5.83 -9.64
CA ILE D 124 -22.80 5.05 -9.01
C ILE D 124 -22.81 5.45 -7.54
N PHE D 125 -23.02 4.47 -6.67
CA PHE D 125 -23.32 4.72 -5.27
C PHE D 125 -22.32 3.96 -4.39
N ARG D 126 -21.79 4.65 -3.39
CA ARG D 126 -20.94 4.06 -2.36
C ARG D 126 -21.72 4.10 -1.05
N SER D 127 -22.15 2.94 -0.57
CA SER D 127 -23.01 2.82 0.59
C SER D 127 -22.30 2.06 1.69
N SER D 128 -22.80 2.22 2.92
CA SER D 128 -22.21 1.59 4.10
C SER D 128 -22.79 0.18 4.23
N CYS D 129 -21.93 -0.82 4.05
CA CYS D 129 -22.28 -2.21 4.31
C CYS D 129 -21.39 -2.74 5.43
N PRO D 130 -21.87 -2.80 6.68
CA PRO D 130 -21.04 -3.40 7.74
C PRO D 130 -20.79 -4.87 7.48
N ILE D 131 -19.58 -5.30 7.83
CA ILE D 131 -19.06 -6.60 7.48
C ILE D 131 -19.11 -7.51 8.70
N SER D 132 -19.68 -8.70 8.53
CA SER D 132 -19.59 -9.77 9.51
C SER D 132 -18.44 -10.68 9.11
N VAL D 133 -17.42 -10.77 9.96
CA VAL D 133 -16.17 -11.46 9.65
C VAL D 133 -16.10 -12.83 10.32
N THR D 134 -17.20 -13.30 10.92
CA THR D 134 -17.13 -14.48 11.78
C THR D 134 -16.69 -15.73 11.00
N TYR D 135 -17.12 -15.86 9.75
CA TYR D 135 -16.88 -17.06 8.96
C TYR D 135 -15.92 -16.80 7.79
N PHE D 136 -15.13 -15.73 7.88
CA PHE D 136 -14.22 -15.37 6.82
C PHE D 136 -13.17 -16.47 6.61
N PRO D 137 -12.86 -16.86 5.36
CA PRO D 137 -13.30 -16.36 4.05
C PRO D 137 -14.49 -17.13 3.47
N PHE D 138 -15.38 -17.68 4.32
CA PHE D 138 -16.58 -18.36 3.88
C PHE D 138 -17.83 -17.59 4.29
N ASP D 139 -17.71 -16.28 4.45
CA ASP D 139 -18.79 -15.45 4.97
C ASP D 139 -19.71 -15.00 3.83
N TRP D 140 -20.90 -14.58 4.22
CA TRP D 140 -21.83 -13.89 3.34
C TRP D 140 -22.25 -12.60 4.01
N GLN D 141 -22.54 -11.58 3.18
CA GLN D 141 -22.85 -10.25 3.65
C GLN D 141 -24.23 -9.83 3.19
N ASN D 142 -24.85 -8.95 3.98
CA ASN D 142 -26.18 -8.42 3.72
C ASN D 142 -26.07 -6.89 3.60
N CYS D 143 -25.95 -6.40 2.38
CA CYS D 143 -25.90 -4.97 2.11
C CYS D 143 -27.29 -4.49 1.69
N SER D 144 -27.50 -3.18 1.81
CA SER D 144 -28.78 -2.59 1.44
C SER D 144 -28.54 -1.23 0.78
N LEU D 145 -29.49 -0.85 -0.07
CA LEU D 145 -29.55 0.45 -0.72
C LEU D 145 -30.89 1.05 -0.34
N LYS D 146 -30.85 2.10 0.49
CA LYS D 146 -32.04 2.76 1.02
C LYS D 146 -32.29 4.04 0.24
N PHE D 147 -33.46 4.12 -0.40
CA PHE D 147 -33.82 5.25 -1.25
C PHE D 147 -34.99 5.99 -0.64
N SER D 148 -34.87 7.31 -0.56
CA SER D 148 -35.91 8.14 0.02
C SER D 148 -35.76 9.56 -0.50
N SER D 149 -36.75 10.39 -0.20
CA SER D 149 -36.71 11.83 -0.51
C SER D 149 -36.43 12.59 0.77
N LEU D 150 -35.36 13.38 0.76
CA LEU D 150 -35.08 14.30 1.86
C LEU D 150 -35.72 15.67 1.67
N LYS D 151 -36.31 15.94 0.49
CA LYS D 151 -37.02 17.19 0.25
C LYS D 151 -38.52 17.10 0.56
N TYR D 152 -39.09 15.91 0.58
CA TYR D 152 -40.53 15.71 0.78
C TYR D 152 -40.76 14.59 1.78
N THR D 153 -41.92 14.67 2.46
CA THR D 153 -42.34 13.73 3.49
C THR D 153 -43.50 12.88 2.97
N THR D 154 -44.05 12.04 3.85
CA THR D 154 -45.15 11.17 3.48
C THR D 154 -46.38 11.96 3.02
N LYS D 155 -46.56 13.17 3.54
CA LYS D 155 -47.72 13.96 3.15
C LYS D 155 -47.56 14.56 1.77
N GLU D 156 -46.33 14.66 1.26
CA GLU D 156 -46.06 15.27 -0.04
C GLU D 156 -45.91 14.21 -1.13
N ILE D 157 -45.19 13.13 -0.86
CA ILE D 157 -45.00 12.04 -1.82
C ILE D 157 -45.25 10.71 -1.13
N THR D 158 -45.59 9.70 -1.94
CA THR D 158 -45.80 8.34 -1.47
C THR D 158 -44.90 7.41 -2.30
N LEU D 159 -44.05 6.66 -1.61
CA LEU D 159 -43.11 5.75 -2.25
C LEU D 159 -43.72 4.37 -2.38
N SER D 160 -43.51 3.73 -3.53
CA SER D 160 -44.01 2.39 -3.76
C SER D 160 -43.11 1.69 -4.77
N LEU D 161 -43.25 0.37 -4.85
CA LEU D 161 -42.54 -0.41 -5.84
C LEU D 161 -43.20 -0.26 -7.21
N LYS D 162 -42.43 -0.53 -8.24
CA LYS D 162 -42.96 -0.47 -9.61
C LYS D 162 -43.96 -1.60 -9.83
N GLN D 163 -45.04 -1.29 -10.53
CA GLN D 163 -46.03 -2.27 -10.95
C GLN D 163 -45.79 -2.64 -12.41
N ALA D 164 -45.56 -3.92 -12.67
CA ALA D 164 -45.41 -4.47 -14.01
C ALA D 164 -46.60 -5.39 -14.31
N GLU D 165 -46.71 -5.79 -15.58
CA GLU D 165 -47.83 -6.60 -16.06
C GLU D 165 -47.31 -7.85 -16.77
N GLU D 166 -47.98 -8.97 -16.51
CA GLU D 166 -47.81 -10.19 -17.30
C GLU D 166 -49.20 -10.72 -17.62
N ASP D 167 -49.49 -10.88 -18.92
CA ASP D 167 -50.74 -11.47 -19.39
C ASP D 167 -51.95 -10.71 -18.85
N GLY D 168 -51.83 -9.39 -18.75
CA GLY D 168 -52.91 -8.58 -18.25
C GLY D 168 -53.09 -8.57 -16.75
N ARG D 169 -52.19 -9.19 -15.99
CA ARG D 169 -52.24 -9.23 -14.54
C ARG D 169 -51.08 -8.42 -13.97
N SER D 170 -51.37 -7.54 -13.01
CA SER D 170 -50.37 -6.66 -12.42
C SER D 170 -49.69 -7.31 -11.22
N TYR D 171 -48.39 -7.06 -11.09
CA TYR D 171 -47.61 -7.48 -9.94
C TYR D 171 -46.66 -6.36 -9.54
N PRO D 172 -46.37 -6.19 -8.25
CA PRO D 172 -45.24 -5.31 -7.87
C PRO D 172 -43.92 -5.98 -8.13
N VAL D 173 -42.96 -5.19 -8.63
CA VAL D 173 -41.61 -5.67 -8.83
C VAL D 173 -40.90 -5.62 -7.48
N GLU D 174 -40.74 -6.79 -6.86
CA GLU D 174 -40.22 -6.90 -5.49
C GLU D 174 -38.77 -7.39 -5.48
N TRP D 175 -38.01 -7.09 -6.54
CA TRP D 175 -36.65 -7.57 -6.66
C TRP D 175 -35.81 -6.55 -7.40
N ILE D 176 -34.50 -6.63 -7.19
CA ILE D 176 -33.58 -5.90 -8.06
C ILE D 176 -33.56 -6.57 -9.42
N ILE D 177 -33.74 -5.77 -10.46
CA ILE D 177 -33.75 -6.29 -11.82
C ILE D 177 -32.29 -6.48 -12.27
N ILE D 178 -31.97 -7.67 -12.74
CA ILE D 178 -30.66 -7.97 -13.32
C ILE D 178 -30.92 -8.52 -14.71
N ASP D 179 -30.35 -7.88 -15.71
CA ASP D 179 -30.52 -8.33 -17.08
C ASP D 179 -29.68 -9.61 -17.19
N PRO D 180 -30.27 -10.79 -17.39
CA PRO D 180 -29.43 -12.01 -17.37
C PRO D 180 -28.43 -12.08 -18.51
N GLU D 181 -28.75 -11.54 -19.67
CA GLU D 181 -27.84 -11.63 -20.81
C GLU D 181 -26.63 -10.72 -20.64
N GLY D 182 -26.83 -9.53 -20.08
CA GLY D 182 -25.78 -8.52 -20.02
C GLY D 182 -24.98 -8.49 -18.74
N PHE D 183 -25.42 -9.21 -17.70
CA PHE D 183 -24.77 -9.13 -16.40
C PHE D 183 -23.49 -9.93 -16.37
N THR D 184 -22.42 -9.31 -15.88
CA THR D 184 -21.16 -9.97 -15.58
C THR D 184 -21.04 -10.06 -14.07
N GLU D 185 -20.87 -11.28 -13.55
CA GLU D 185 -20.78 -11.46 -12.11
C GLU D 185 -19.51 -10.83 -11.56
N ASN D 186 -19.61 -10.34 -10.32
CA ASN D 186 -18.42 -9.86 -9.63
C ASN D 186 -17.45 -11.00 -9.40
N GLY D 187 -16.16 -10.66 -9.34
CA GLY D 187 -15.11 -11.65 -9.33
C GLY D 187 -15.02 -12.47 -8.06
N GLU D 188 -15.52 -11.94 -6.93
CA GLU D 188 -15.40 -12.62 -5.65
C GLU D 188 -16.74 -12.67 -4.90
N TRP D 189 -17.80 -12.06 -5.43
CA TRP D 189 -19.10 -12.04 -4.78
C TRP D 189 -20.16 -12.57 -5.72
N GLU D 190 -20.98 -13.50 -5.22
CA GLU D 190 -22.11 -14.06 -5.95
C GLU D 190 -23.40 -13.67 -5.23
N ILE D 191 -24.37 -13.20 -6.00
CA ILE D 191 -25.63 -12.70 -5.44
C ILE D 191 -26.57 -13.88 -5.21
N VAL D 192 -27.10 -13.97 -3.99
CA VAL D 192 -28.01 -15.05 -3.59
C VAL D 192 -29.45 -14.59 -3.55
N HIS D 193 -29.70 -13.40 -2.96
CA HIS D 193 -31.04 -12.84 -2.84
C HIS D 193 -31.03 -11.39 -3.31
N ARG D 194 -32.12 -10.99 -3.97
CA ARG D 194 -32.34 -9.59 -4.34
C ARG D 194 -33.78 -9.23 -4.02
N PRO D 195 -34.13 -8.97 -2.77
CA PRO D 195 -35.48 -8.49 -2.46
C PRO D 195 -35.57 -6.97 -2.50
N ALA D 196 -36.81 -6.49 -2.50
CA ALA D 196 -37.10 -5.07 -2.47
C ALA D 196 -38.33 -4.84 -1.62
N ARG D 197 -38.28 -3.81 -0.76
CA ARG D 197 -39.34 -3.56 0.20
C ARG D 197 -39.65 -2.06 0.27
N VAL D 198 -40.88 -1.76 0.65
CA VAL D 198 -41.31 -0.41 1.02
C VAL D 198 -41.41 -0.42 2.54
N ASN D 199 -40.55 0.33 3.21
CA ASN D 199 -40.49 0.35 4.67
C ASN D 199 -41.06 1.67 5.19
N VAL D 200 -42.02 1.55 6.11
CA VAL D 200 -42.56 2.68 6.86
C VAL D 200 -42.40 2.36 8.34
N ASP D 201 -41.59 3.17 9.05
CA ASP D 201 -41.32 2.98 10.47
C ASP D 201 -42.12 3.99 11.28
N PRO D 202 -42.98 3.59 12.23
CA PRO D 202 -43.75 4.60 12.95
C PRO D 202 -42.99 5.31 14.08
N SER D 203 -41.79 4.87 14.42
CA SER D 203 -41.07 5.49 15.53
C SER D 203 -40.68 6.93 15.20
N VAL D 204 -40.23 7.18 13.97
CA VAL D 204 -39.84 8.53 13.58
C VAL D 204 -41.10 9.36 13.43
N PRO D 205 -41.07 10.68 13.68
CA PRO D 205 -42.29 11.47 13.57
C PRO D 205 -42.79 11.58 12.13
N LEU D 206 -44.09 11.86 12.01
CA LEU D 206 -44.73 11.92 10.71
C LEU D 206 -44.17 13.04 9.82
N ASP D 207 -43.57 14.07 10.40
CA ASP D 207 -43.01 15.18 9.65
C ASP D 207 -41.54 14.98 9.29
N SER D 208 -41.03 13.74 9.37
CA SER D 208 -39.64 13.45 9.07
C SER D 208 -39.52 12.88 7.66
N PRO D 209 -38.50 13.23 6.85
CA PRO D 209 -38.34 12.55 5.57
C PRO D 209 -37.92 11.09 5.68
N ASN D 210 -37.46 10.65 6.86
CA ASN D 210 -37.02 9.27 7.05
C ASN D 210 -38.16 8.33 7.43
N ARG D 211 -39.41 8.75 7.30
CA ARG D 211 -40.53 7.87 7.60
C ARG D 211 -40.65 6.76 6.57
N GLN D 212 -40.60 7.09 5.29
CA GLN D 212 -40.77 6.13 4.20
C GLN D 212 -39.43 5.90 3.52
N ASP D 213 -39.21 4.67 3.08
CA ASP D 213 -38.06 4.38 2.24
C ASP D 213 -38.40 3.19 1.36
N VAL D 214 -37.65 3.05 0.28
CA VAL D 214 -37.66 1.83 -0.52
C VAL D 214 -36.25 1.25 -0.44
N THR D 215 -36.15 0.02 0.05
CA THR D 215 -34.86 -0.62 0.29
C THR D 215 -34.69 -1.79 -0.67
N PHE D 216 -33.56 -1.80 -1.37
CA PHE D 216 -33.15 -2.89 -2.23
C PHE D 216 -31.95 -3.59 -1.59
N TYR D 217 -32.11 -4.87 -1.27
CA TYR D 217 -31.12 -5.59 -0.49
C TYR D 217 -30.31 -6.50 -1.41
N LEU D 218 -29.05 -6.69 -1.06
CA LEU D 218 -28.15 -7.60 -1.76
C LEU D 218 -27.53 -8.52 -0.71
N ILE D 219 -27.90 -9.79 -0.74
CA ILE D 219 -27.24 -10.82 0.06
C ILE D 219 -26.25 -11.50 -0.88
N ILE D 220 -24.98 -11.48 -0.51
CA ILE D 220 -23.89 -11.87 -1.40
C ILE D 220 -22.95 -12.80 -0.65
N ARG D 221 -22.69 -13.96 -1.24
CA ARG D 221 -21.73 -14.91 -0.71
C ARG D 221 -20.36 -14.68 -1.35
N ARG D 222 -19.32 -14.75 -0.53
CA ARG D 222 -17.96 -14.64 -1.06
C ARG D 222 -17.61 -15.94 -1.77
N LYS D 223 -16.97 -15.81 -2.94
CA LYS D 223 -16.38 -16.97 -3.59
C LYS D 223 -14.99 -17.19 -2.99
N PRO D 224 -14.77 -18.29 -2.20
CA PRO D 224 -13.55 -18.34 -1.38
C PRO D 224 -12.30 -18.84 -2.11
N LEU D 225 -12.34 -18.92 -3.44
CA LEU D 225 -11.30 -19.64 -4.17
C LEU D 225 -9.93 -18.98 -3.99
N PHE D 226 -9.85 -17.65 -4.07
CA PHE D 226 -8.57 -16.98 -3.94
C PHE D 226 -7.97 -17.21 -2.55
N TYR D 227 -8.79 -17.06 -1.51
CA TYR D 227 -8.30 -17.22 -0.14
C TYR D 227 -8.00 -18.68 0.17
N VAL D 228 -8.77 -19.60 -0.40
CA VAL D 228 -8.49 -21.01 -0.18
C VAL D 228 -7.17 -21.39 -0.83
N ILE D 229 -6.92 -20.89 -2.05
CA ILE D 229 -5.76 -21.35 -2.81
C ILE D 229 -4.50 -20.67 -2.30
N ASN D 230 -4.56 -19.36 -2.03
CA ASN D 230 -3.35 -18.59 -1.77
C ASN D 230 -2.93 -18.58 -0.30
N ILE D 231 -3.89 -18.59 0.62
CA ILE D 231 -3.63 -18.36 2.04
C ILE D 231 -3.97 -19.59 2.88
N LEU D 232 -5.19 -20.12 2.71
CA LEU D 232 -5.71 -21.10 3.65
C LEU D 232 -5.01 -22.45 3.53
N VAL D 233 -4.90 -22.98 2.31
CA VAL D 233 -4.25 -24.29 2.14
C VAL D 233 -2.78 -24.26 2.57
N PRO D 234 -1.97 -23.29 2.14
CA PRO D 234 -0.60 -23.22 2.69
C PRO D 234 -0.55 -23.02 4.20
N CYS D 235 -1.44 -22.22 4.79
CA CYS D 235 -1.41 -22.04 6.24
C CYS D 235 -1.71 -23.35 6.97
N VAL D 236 -2.73 -24.07 6.52
CA VAL D 236 -3.07 -25.34 7.16
C VAL D 236 -1.94 -26.34 6.98
N LEU D 237 -1.35 -26.40 5.79
CA LEU D 237 -0.33 -27.40 5.53
C LEU D 237 0.96 -27.10 6.30
N ILE D 238 1.31 -25.82 6.47
CA ILE D 238 2.47 -25.47 7.28
C ILE D 238 2.19 -25.73 8.75
N SER D 239 0.98 -25.40 9.22
CA SER D 239 0.64 -25.61 10.61
C SER D 239 0.55 -27.08 10.98
N PHE D 240 0.24 -27.95 10.03
CA PHE D 240 0.17 -29.38 10.30
C PHE D 240 1.53 -30.06 10.23
N MET D 241 2.56 -29.37 9.73
CA MET D 241 3.89 -29.93 9.67
C MET D 241 4.62 -29.88 11.01
N ILE D 242 4.04 -29.23 12.03
CA ILE D 242 4.66 -29.22 13.35
C ILE D 242 4.55 -30.57 14.03
N ASN D 243 3.65 -31.45 13.56
CA ASN D 243 3.57 -32.81 14.06
C ASN D 243 4.74 -33.67 13.62
N LEU D 244 5.52 -33.22 12.61
CA LEU D 244 6.70 -33.95 12.18
C LEU D 244 7.84 -33.89 13.19
N VAL D 245 7.82 -32.94 14.14
CA VAL D 245 8.91 -32.84 15.10
C VAL D 245 8.91 -33.98 16.10
N PHE D 246 7.81 -34.71 16.22
CA PHE D 246 7.76 -35.88 17.08
C PHE D 246 8.33 -37.12 16.42
N TYR D 247 8.66 -37.05 15.13
CA TYR D 247 9.40 -38.10 14.44
C TYR D 247 10.88 -37.78 14.28
N LEU D 248 11.29 -36.53 14.47
CA LEU D 248 12.68 -36.15 14.29
C LEU D 248 13.50 -36.65 15.48
N PRO D 249 14.64 -37.30 15.28
CA PRO D 249 15.48 -37.67 16.42
C PRO D 249 16.03 -36.44 17.13
N ALA D 250 16.45 -36.65 18.36
CA ALA D 250 16.97 -35.56 19.19
C ALA D 250 18.44 -35.23 18.89
N ASP D 251 19.08 -35.93 17.96
CA ASP D 251 20.51 -35.78 17.71
C ASP D 251 20.81 -35.01 16.42
N CYS D 252 20.28 -35.46 15.28
CA CYS D 252 20.36 -34.71 14.03
C CYS D 252 19.09 -33.95 13.74
N GLY D 253 17.98 -34.31 14.38
CA GLY D 253 16.74 -33.64 14.13
C GLY D 253 16.70 -32.38 14.94
N GLU D 254 16.96 -31.26 14.28
CA GLU D 254 16.90 -29.96 14.93
C GLU D 254 15.44 -29.61 15.18
N LYS D 255 14.88 -30.23 16.24
CA LYS D 255 13.44 -30.15 16.52
C LYS D 255 12.98 -28.71 16.71
N THR D 256 13.65 -27.96 17.58
CA THR D 256 13.15 -26.66 17.97
C THR D 256 13.34 -25.60 16.88
N SER D 257 14.32 -25.77 15.99
CA SER D 257 14.47 -24.83 14.88
C SER D 257 13.30 -24.95 13.92
N MET D 258 12.93 -26.17 13.55
CA MET D 258 11.75 -26.38 12.72
C MET D 258 10.50 -25.91 13.46
N ALA D 259 10.43 -26.18 14.76
CA ALA D 259 9.24 -25.83 15.53
C ALA D 259 9.03 -24.32 15.59
N ILE D 260 10.11 -23.54 15.77
CA ILE D 260 9.99 -22.09 15.78
C ILE D 260 9.84 -21.53 14.37
N SER D 261 10.32 -22.23 13.35
CA SER D 261 10.13 -21.76 11.98
C SER D 261 8.68 -21.90 11.54
N VAL D 262 7.97 -22.93 12.02
CA VAL D 262 6.53 -22.98 11.79
C VAL D 262 5.85 -21.76 12.38
N LEU D 263 6.27 -21.36 13.59
CA LEU D 263 5.72 -20.16 14.21
C LEU D 263 6.02 -18.92 13.40
N LEU D 264 7.23 -18.81 12.85
CA LEU D 264 7.58 -17.67 12.02
C LEU D 264 6.70 -17.59 10.77
N ALA D 265 6.51 -18.72 10.09
CA ALA D 265 5.63 -18.74 8.93
C ALA D 265 4.20 -18.37 9.31
N GLN D 266 3.72 -18.86 10.45
CA GLN D 266 2.36 -18.54 10.95
C GLN D 266 2.27 -17.04 11.23
N SER D 267 3.32 -16.39 11.72
CA SER D 267 3.29 -14.93 11.90
C SER D 267 3.27 -14.21 10.56
N VAL D 268 3.96 -14.75 9.55
CA VAL D 268 3.90 -14.14 8.22
C VAL D 268 2.48 -14.20 7.67
N PHE D 269 1.79 -15.31 7.90
CA PHE D 269 0.40 -15.42 7.46
C PHE D 269 -0.52 -14.47 8.22
N LEU D 270 -0.25 -14.28 9.53
CA LEU D 270 -0.99 -13.27 10.28
C LEU D 270 -0.76 -11.88 9.70
N LEU D 271 0.48 -11.58 9.29
CA LEU D 271 0.77 -10.30 8.66
C LEU D 271 0.00 -10.15 7.36
N LEU D 272 -0.08 -11.22 6.57
CA LEU D 272 -0.86 -11.18 5.33
C LEU D 272 -2.34 -10.93 5.62
N ILE D 273 -2.88 -11.59 6.64
CA ILE D 273 -4.31 -11.47 6.92
C ILE D 273 -4.64 -10.08 7.44
N SER D 274 -3.73 -9.47 8.22
CA SER D 274 -4.08 -8.26 8.96
C SER D 274 -4.42 -7.07 8.06
N LYS D 275 -3.98 -7.08 6.80
CA LYS D 275 -4.24 -5.98 5.89
C LYS D 275 -5.56 -6.10 5.13
N ARG D 276 -6.22 -7.25 5.18
CA ARG D 276 -7.37 -7.53 4.33
C ARG D 276 -8.72 -7.44 5.04
N LEU D 277 -8.74 -7.17 6.34
CA LEU D 277 -9.99 -7.15 7.12
C LEU D 277 -10.02 -5.92 8.01
N PRO D 278 -11.21 -5.40 8.34
CA PRO D 278 -11.26 -4.29 9.30
C PRO D 278 -10.96 -4.80 10.69
N ALA D 279 -10.50 -3.90 11.56
CA ALA D 279 -10.17 -4.26 12.94
C ALA D 279 -11.39 -4.18 13.85
N THR D 280 -12.50 -4.77 13.45
CA THR D 280 -13.71 -4.77 14.25
C THR D 280 -13.60 -5.78 15.40
N SER D 281 -14.56 -5.69 16.33
CA SER D 281 -14.58 -6.52 17.52
C SER D 281 -15.86 -7.35 17.65
N MET D 282 -16.68 -7.44 16.60
CA MET D 282 -17.85 -8.29 16.67
C MET D 282 -17.46 -9.75 16.83
N ALA D 283 -16.42 -10.19 16.13
CA ALA D 283 -16.02 -11.58 16.16
C ALA D 283 -14.58 -11.69 15.71
N ILE D 284 -13.95 -12.82 16.05
CA ILE D 284 -12.63 -13.17 15.54
C ILE D 284 -12.86 -13.84 14.20
N PRO D 285 -12.08 -13.56 13.16
CA PRO D 285 -12.26 -14.30 11.90
C PRO D 285 -11.94 -15.77 12.05
N LEU D 286 -12.60 -16.59 11.23
CA LEU D 286 -12.40 -18.03 11.27
C LEU D 286 -10.95 -18.39 10.94
N ILE D 287 -10.37 -17.75 9.92
CA ILE D 287 -8.94 -17.92 9.67
C ILE D 287 -8.14 -17.38 10.84
N GLY D 288 -8.57 -16.28 11.45
CA GLY D 288 -7.89 -15.79 12.64
C GLY D 288 -7.99 -16.75 13.80
N LYS D 289 -9.15 -17.40 13.94
CA LYS D 289 -9.30 -18.41 14.98
C LYS D 289 -8.34 -19.58 14.75
N PHE D 290 -8.25 -20.06 13.52
CA PHE D 290 -7.33 -21.16 13.23
C PHE D 290 -5.89 -20.73 13.45
N LEU D 291 -5.55 -19.49 13.07
CA LEU D 291 -4.19 -19.03 13.24
C LEU D 291 -3.82 -18.92 14.71
N LEU D 292 -4.71 -18.39 15.55
CA LEU D 292 -4.43 -18.31 16.98
C LEU D 292 -4.31 -19.70 17.59
N PHE D 293 -5.22 -20.61 17.22
CA PHE D 293 -5.15 -21.99 17.71
C PHE D 293 -3.84 -22.65 17.30
N GLY D 294 -3.42 -22.44 16.05
CA GLY D 294 -2.18 -23.02 15.58
C GLY D 294 -0.95 -22.46 16.26
N MET D 295 -0.91 -21.14 16.48
CA MET D 295 0.22 -20.56 17.19
C MET D 295 0.30 -21.06 18.62
N VAL D 296 -0.86 -21.21 19.29
CA VAL D 296 -0.83 -21.74 20.65
C VAL D 296 -0.33 -23.18 20.66
N LEU D 297 -0.82 -24.00 19.72
CA LEU D 297 -0.35 -25.38 19.64
C LEU D 297 1.14 -25.45 19.33
N VAL D 298 1.62 -24.58 18.45
CA VAL D 298 3.04 -24.58 18.09
C VAL D 298 3.88 -24.18 19.29
N THR D 299 3.40 -23.22 20.07
CA THR D 299 4.12 -22.82 21.28
C THR D 299 4.22 -23.98 22.26
N MET D 300 3.10 -24.68 22.47
CA MET D 300 3.14 -25.85 23.35
C MET D 300 4.06 -26.94 22.80
N VAL D 301 4.13 -27.07 21.48
CA VAL D 301 4.99 -28.09 20.89
C VAL D 301 6.46 -27.72 21.08
N VAL D 302 6.79 -26.43 20.98
CA VAL D 302 8.16 -26.00 21.27
C VAL D 302 8.51 -26.29 22.74
N VAL D 303 7.57 -26.03 23.65
CA VAL D 303 7.82 -26.34 25.05
C VAL D 303 8.04 -27.84 25.24
N ILE D 304 7.24 -28.65 24.55
CA ILE D 304 7.37 -30.10 24.61
C ILE D 304 8.74 -30.53 24.08
N CYS D 305 9.18 -29.91 22.97
CA CYS D 305 10.47 -30.23 22.40
C CYS D 305 11.61 -29.87 23.36
N VAL D 306 11.48 -28.73 24.04
CA VAL D 306 12.51 -28.35 25.02
C VAL D 306 12.57 -29.38 26.13
N ILE D 307 11.41 -29.82 26.61
CA ILE D 307 11.39 -30.81 27.68
C ILE D 307 11.96 -32.14 27.21
N VAL D 308 11.62 -32.55 25.98
CA VAL D 308 12.11 -33.82 25.46
C VAL D 308 13.62 -33.77 25.27
N LEU D 309 14.15 -32.63 24.83
CA LEU D 309 15.59 -32.50 24.68
C LEU D 309 16.28 -32.46 26.04
N ASN D 310 15.63 -31.90 27.05
CA ASN D 310 16.16 -31.98 28.41
C ASN D 310 16.21 -33.43 28.87
N ILE D 311 15.18 -34.22 28.54
CA ILE D 311 15.17 -35.63 28.91
C ILE D 311 16.26 -36.40 28.15
N HIS D 312 16.48 -36.04 26.88
CA HIS D 312 17.41 -36.80 26.05
C HIS D 312 18.86 -36.63 26.51
N PHE D 313 19.24 -35.39 26.86
CA PHE D 313 20.64 -35.05 27.15
C PHE D 313 20.97 -35.13 28.64
N ARG D 314 20.09 -35.69 29.46
CA ARG D 314 20.43 -35.94 30.85
C ARG D 314 21.59 -36.93 30.93
N THR D 315 22.50 -36.70 31.89
CA THR D 315 23.77 -37.38 31.97
C THR D 315 23.94 -37.96 33.38
N PRO D 316 24.69 -39.06 33.55
CA PRO D 316 24.91 -39.59 34.90
C PRO D 316 25.50 -38.59 35.88
N SER D 317 26.39 -37.72 35.41
CA SER D 317 27.04 -36.73 36.26
C SER D 317 26.19 -35.50 36.52
N THR D 318 24.97 -35.45 35.99
CA THR D 318 24.05 -34.34 36.14
C THR D 318 22.74 -34.70 36.80
N HIS D 319 22.20 -35.89 36.54
CA HIS D 319 20.88 -36.29 37.01
C HIS D 319 20.91 -37.73 37.45
N VAL D 320 19.95 -38.08 38.31
CA VAL D 320 19.80 -39.43 38.85
C VAL D 320 18.60 -40.07 38.19
N LEU D 321 18.81 -41.23 37.57
CA LEU D 321 17.72 -41.97 36.91
C LEU D 321 16.94 -42.72 37.97
N SER D 322 15.75 -42.21 38.30
CA SER D 322 14.93 -42.83 39.33
C SER D 322 14.32 -44.12 38.81
N GLU D 323 14.31 -45.15 39.66
CA GLU D 323 13.76 -46.44 39.26
C GLU D 323 12.27 -46.38 38.94
N PRO D 324 11.41 -45.69 39.71
CA PRO D 324 10.02 -45.56 39.25
C PRO D 324 9.89 -44.88 37.90
N VAL D 325 10.68 -43.83 37.65
CA VAL D 325 10.62 -43.13 36.37
C VAL D 325 11.10 -44.06 35.25
N LYS D 326 12.21 -44.76 35.48
CA LYS D 326 12.75 -45.66 34.46
C LYS D 326 11.79 -46.80 34.16
N LYS D 327 11.13 -47.34 35.20
CA LYS D 327 10.20 -48.43 34.98
C LYS D 327 8.91 -47.94 34.31
N LEU D 328 8.50 -46.69 34.59
CA LEU D 328 7.29 -46.17 33.96
C LEU D 328 7.50 -45.89 32.48
N PHE D 329 8.62 -45.24 32.13
CA PHE D 329 8.82 -44.73 30.78
C PHE D 329 9.49 -45.71 29.84
N LEU D 330 9.87 -46.90 30.31
CA LEU D 330 10.58 -47.89 29.49
C LEU D 330 9.89 -49.24 29.43
N GLU D 331 8.95 -49.52 30.32
CA GLU D 331 8.21 -50.77 30.34
C GLU D 331 6.71 -50.56 30.14
N THR D 332 6.09 -49.68 30.93
CA THR D 332 4.64 -49.52 30.89
C THR D 332 4.20 -48.78 29.64
N LEU D 333 4.73 -47.58 29.43
CA LEU D 333 4.26 -46.70 28.37
C LEU D 333 4.68 -47.16 26.97
N PRO D 334 5.87 -47.73 26.78
CA PRO D 334 6.15 -48.34 25.46
C PRO D 334 5.18 -49.44 25.10
N GLU D 335 4.68 -50.20 26.08
CA GLU D 335 3.66 -51.21 25.81
C GLU D 335 2.28 -50.59 25.60
N ILE D 336 1.96 -49.54 26.35
CA ILE D 336 0.64 -48.90 26.22
C ILE D 336 0.53 -48.22 24.86
N LEU D 337 1.57 -47.47 24.48
CA LEU D 337 1.51 -46.71 23.23
C LEU D 337 1.54 -47.64 22.03
N HIS D 338 2.43 -48.63 22.05
CA HIS D 338 2.61 -49.57 20.94
C HIS D 338 2.10 -50.96 21.31
N ALA D 405 62.06 -66.42 44.80
CA ALA D 405 61.67 -65.73 43.58
C ALA D 405 60.19 -65.31 43.65
N GLN D 406 59.58 -65.05 42.50
CA GLN D 406 58.18 -64.64 42.33
C GLN D 406 57.90 -63.23 42.85
N GLN D 407 58.92 -62.49 43.30
CA GLN D 407 58.78 -61.08 43.64
C GLN D 407 59.69 -60.18 42.81
N GLU D 408 60.80 -60.70 42.29
CA GLU D 408 61.54 -59.96 41.28
C GLU D 408 60.71 -59.85 40.00
N LEU D 409 60.03 -60.93 39.62
CA LEU D 409 59.07 -60.85 38.52
C LEU D 409 57.92 -59.92 38.88
N PHE D 410 57.44 -59.98 40.12
CA PHE D 410 56.31 -59.14 40.57
C PHE D 410 56.78 -57.69 40.78
N SER D 411 58.08 -57.44 40.94
CA SER D 411 58.56 -56.07 41.05
C SER D 411 58.42 -55.31 39.74
N GLU D 412 58.46 -56.01 38.61
CA GLU D 412 58.30 -55.41 37.29
C GLU D 412 56.91 -55.62 36.70
N LEU D 413 56.19 -56.66 37.11
CA LEU D 413 54.84 -56.91 36.61
C LEU D 413 53.76 -56.21 37.42
N LYS D 414 54.07 -55.69 38.61
CA LYS D 414 53.06 -54.99 39.41
C LYS D 414 52.56 -53.73 38.74
N PRO D 415 53.39 -52.85 38.17
CA PRO D 415 52.83 -51.72 37.40
C PRO D 415 51.96 -52.16 36.24
N ALA D 416 52.33 -53.25 35.56
CA ALA D 416 51.52 -53.72 34.44
C ALA D 416 50.16 -54.23 34.92
N VAL D 417 50.15 -54.99 36.01
CA VAL D 417 48.89 -55.51 36.53
C VAL D 417 48.01 -54.37 37.01
N ASP D 418 48.59 -53.40 37.72
CA ASP D 418 47.80 -52.27 38.20
C ASP D 418 47.27 -51.44 37.05
N GLY D 419 48.07 -51.22 36.01
CA GLY D 419 47.61 -50.47 34.86
C GLY D 419 46.51 -51.20 34.11
N ALA D 420 46.65 -52.52 33.97
CA ALA D 420 45.61 -53.29 33.29
C ALA D 420 44.29 -53.21 34.07
N ASN D 421 44.37 -53.30 35.39
CA ASN D 421 43.15 -53.18 36.20
C ASN D 421 42.54 -51.79 36.05
N PHE D 422 43.38 -50.75 36.00
CA PHE D 422 42.88 -49.39 35.78
C PHE D 422 42.18 -49.24 34.44
N ILE D 423 42.78 -49.77 33.36
CA ILE D 423 42.15 -49.68 32.05
C ILE D 423 40.82 -50.42 32.04
N VAL D 424 40.78 -51.59 32.68
CA VAL D 424 39.54 -52.36 32.73
C VAL D 424 38.46 -51.59 33.46
N ASN D 425 38.80 -50.98 34.61
CA ASN D 425 37.82 -50.20 35.36
C ASN D 425 37.37 -48.99 34.56
N HIS D 426 38.28 -48.37 33.80
CA HIS D 426 37.91 -47.22 33.00
C HIS D 426 36.91 -47.59 31.91
N MET D 427 37.16 -48.72 31.23
CA MET D 427 36.20 -49.22 30.25
C MET D 427 34.85 -49.53 30.89
N LYS D 428 34.87 -50.14 32.09
CA LYS D 428 33.61 -50.47 32.75
C LYS D 428 32.81 -49.21 33.10
N ASP D 429 33.49 -48.20 33.65
CA ASP D 429 32.80 -46.97 34.00
C ASP D 429 32.25 -46.26 32.76
N GLN D 430 33.02 -46.25 31.67
CA GLN D 430 32.54 -45.62 30.45
C GLN D 430 31.33 -46.36 29.90
N ASN D 431 31.32 -47.70 29.97
CA ASN D 431 30.17 -48.45 29.49
C ASN D 431 28.93 -48.17 30.34
N ASN D 432 29.09 -48.06 31.66
CA ASN D 432 27.94 -47.73 32.51
C ASN D 432 27.40 -46.33 32.18
N TYR D 433 28.32 -45.37 32.01
CA TYR D 433 27.93 -44.02 31.60
C TYR D 433 27.12 -44.06 30.30
N ASN D 434 27.64 -44.78 29.30
CA ASN D 434 26.97 -44.85 28.01
C ASN D 434 25.60 -45.52 28.14
N GLU D 435 25.52 -46.60 28.92
CA GLU D 435 24.25 -47.31 29.03
C GLU D 435 23.18 -46.43 29.66
N GLU D 436 23.53 -45.67 30.69
CA GLU D 436 22.53 -44.78 31.26
C GLU D 436 22.18 -43.66 30.27
N LYS D 437 23.13 -43.27 29.40
CA LYS D 437 22.81 -42.28 28.37
C LYS D 437 21.76 -42.81 27.39
N ASP D 438 21.94 -44.03 26.88
CA ASP D 438 20.90 -44.63 26.04
C ASP D 438 19.59 -44.84 26.80
N CYS D 439 19.65 -45.08 28.11
CA CYS D 439 18.40 -45.17 28.87
C CYS D 439 17.65 -43.85 28.84
N TRP D 440 18.36 -42.74 29.05
CA TRP D 440 17.72 -41.43 28.98
C TRP D 440 17.20 -41.15 27.57
N ASN D 441 17.95 -41.57 26.55
CA ASN D 441 17.50 -41.39 25.18
C ASN D 441 16.20 -42.16 24.91
N ARG D 442 16.10 -43.37 25.44
CA ARG D 442 14.89 -44.17 25.24
C ARG D 442 13.70 -43.54 25.96
N VAL D 443 13.93 -42.98 27.16
CA VAL D 443 12.87 -42.24 27.84
C VAL D 443 12.42 -41.06 27.00
N ALA D 444 13.37 -40.33 26.41
CA ALA D 444 13.00 -39.19 25.56
C ALA D 444 12.18 -39.64 24.36
N ARG D 445 12.57 -40.77 23.74
CA ARG D 445 11.81 -41.30 22.61
C ARG D 445 10.39 -41.67 23.02
N THR D 446 10.23 -42.30 24.19
CA THR D 446 8.90 -42.68 24.64
C THR D 446 8.03 -41.45 24.88
N VAL D 447 8.59 -40.42 25.52
CA VAL D 447 7.82 -39.20 25.76
C VAL D 447 7.45 -38.54 24.44
N ASP D 448 8.35 -38.59 23.46
CA ASP D 448 8.07 -38.03 22.14
C ASP D 448 6.90 -38.76 21.49
N ARG D 449 6.89 -40.10 21.57
CA ARG D 449 5.80 -40.86 20.97
C ARG D 449 4.47 -40.59 21.66
N LEU D 450 4.49 -40.46 22.99
CA LEU D 450 3.26 -40.12 23.72
C LEU D 450 2.74 -38.75 23.29
N CYS D 451 3.64 -37.77 23.15
CA CYS D 451 3.21 -36.45 22.72
C CYS D 451 2.72 -36.47 21.28
N LEU D 452 3.26 -37.34 20.43
CA LEU D 452 2.71 -37.50 19.08
C LEU D 452 1.28 -37.99 19.16
N PHE D 453 1.03 -39.02 19.96
CA PHE D 453 -0.32 -39.59 20.01
C PHE D 453 -1.31 -38.67 20.71
N VAL D 454 -0.83 -37.69 21.48
CA VAL D 454 -1.74 -36.74 22.14
C VAL D 454 -1.97 -35.50 21.28
N VAL D 455 -0.91 -34.89 20.77
CA VAL D 455 -1.02 -33.57 20.16
C VAL D 455 -1.73 -33.65 18.81
N THR D 456 -1.37 -34.62 17.97
CA THR D 456 -1.88 -34.65 16.60
C THR D 456 -3.40 -34.81 16.53
N PRO D 457 -4.05 -35.72 17.26
CA PRO D 457 -5.51 -35.76 17.21
C PRO D 457 -6.16 -34.49 17.71
N ILE D 458 -5.55 -33.82 18.69
CA ILE D 458 -6.09 -32.55 19.18
C ILE D 458 -6.10 -31.53 18.06
N MET D 459 -5.01 -31.45 17.30
CA MET D 459 -4.93 -30.46 16.23
C MET D 459 -5.87 -30.83 15.08
N VAL D 460 -6.00 -32.12 14.78
CA VAL D 460 -6.92 -32.54 13.73
C VAL D 460 -8.35 -32.19 14.11
N VAL D 461 -8.73 -32.47 15.36
CA VAL D 461 -10.09 -32.19 15.80
C VAL D 461 -10.34 -30.69 15.83
N GLY D 462 -9.37 -29.92 16.31
CA GLY D 462 -9.56 -28.48 16.37
C GLY D 462 -9.69 -27.86 14.99
N THR D 463 -8.86 -28.30 14.05
CA THR D 463 -8.94 -27.78 12.69
C THR D 463 -10.27 -28.18 12.03
N ALA D 464 -10.69 -29.43 12.20
CA ALA D 464 -11.96 -29.84 11.63
C ALA D 464 -13.12 -29.06 12.23
N TRP D 465 -13.09 -28.85 13.55
CA TRP D 465 -14.15 -28.09 14.21
C TRP D 465 -14.18 -26.65 13.72
N ILE D 466 -13.01 -26.04 13.55
CA ILE D 466 -12.98 -24.65 13.09
C ILE D 466 -13.50 -24.56 11.66
N PHE D 467 -13.13 -25.50 10.81
CA PHE D 467 -13.43 -25.36 9.38
C PHE D 467 -14.83 -25.83 9.03
N LEU D 468 -15.45 -26.70 9.83
CA LEU D 468 -16.82 -27.08 9.56
C LEU D 468 -17.83 -25.98 9.89
N GLN D 469 -17.41 -24.92 10.61
CA GLN D 469 -18.29 -23.77 10.75
C GLN D 469 -18.37 -22.99 9.45
N GLY D 470 -17.22 -22.77 8.81
CA GLY D 470 -17.21 -22.05 7.55
C GLY D 470 -17.71 -22.86 6.38
N ALA D 471 -17.43 -24.17 6.38
CA ALA D 471 -17.89 -25.01 5.28
C ALA D 471 -19.40 -25.18 5.28
N TYR D 472 -20.02 -25.16 6.46
CA TYR D 472 -21.46 -25.29 6.61
C TYR D 472 -22.15 -23.95 6.82
N ASN D 473 -21.42 -22.83 6.68
CA ASN D 473 -22.02 -21.51 6.72
C ASN D 473 -22.61 -21.18 5.35
N GLN D 474 -23.93 -21.03 5.29
CA GLN D 474 -24.66 -20.73 4.08
C GLN D 474 -25.62 -19.59 4.35
N PRO D 475 -25.95 -18.76 3.35
CA PRO D 475 -27.01 -17.78 3.55
C PRO D 475 -28.34 -18.48 3.75
N PRO D 476 -29.31 -17.85 4.43
CA PRO D 476 -30.60 -18.49 4.61
C PRO D 476 -31.32 -18.64 3.29
N PRO D 477 -32.23 -19.62 3.16
CA PRO D 477 -32.96 -19.76 1.89
C PRO D 477 -33.96 -18.65 1.64
N GLN D 478 -34.36 -17.88 2.68
CA GLN D 478 -35.27 -16.75 2.55
C GLN D 478 -34.54 -15.46 2.91
N PRO D 479 -34.78 -14.34 2.19
CA PRO D 479 -33.99 -13.13 2.49
C PRO D 479 -34.28 -12.51 3.85
N PHE D 480 -35.44 -12.79 4.45
CA PHE D 480 -35.84 -12.20 5.72
C PHE D 480 -36.28 -13.33 6.65
N PRO D 481 -35.57 -13.59 7.75
CA PRO D 481 -36.05 -14.61 8.71
C PRO D 481 -37.44 -14.25 9.23
N GLY D 482 -38.37 -15.20 9.07
CA GLY D 482 -39.76 -15.01 9.42
C GLY D 482 -40.66 -14.80 8.22
N ASP D 483 -40.14 -14.18 7.16
CA ASP D 483 -40.89 -14.00 5.93
C ASP D 483 -40.76 -15.25 5.06
N PRO D 484 -41.86 -15.95 4.73
CA PRO D 484 -41.73 -17.12 3.85
C PRO D 484 -41.53 -16.77 2.37
N PHE D 485 -41.72 -15.51 1.99
CA PHE D 485 -41.60 -15.13 0.59
C PHE D 485 -40.15 -15.18 0.13
N SER D 486 -39.93 -15.77 -1.05
CA SER D 486 -38.58 -15.89 -1.62
C SER D 486 -38.15 -14.66 -2.40
N TYR D 487 -39.08 -13.75 -2.76
CA TYR D 487 -38.77 -12.52 -3.48
C TYR D 487 -38.09 -12.82 -4.82
N LEU D 488 -38.58 -13.83 -5.52
CA LEU D 488 -38.07 -14.22 -6.83
C LEU D 488 -39.05 -13.83 -7.93
N GLU D 489 -38.52 -13.73 -9.14
CA GLU D 489 -39.36 -13.42 -10.30
C GLU D 489 -40.41 -14.49 -10.53
N LYS D 490 -40.04 -15.75 -10.32
CA LYS D 490 -40.95 -16.87 -10.61
C LYS D 490 -42.11 -16.96 -9.61
N ASP D 491 -42.00 -16.33 -8.44
CA ASP D 491 -43.03 -16.34 -7.42
C ASP D 491 -43.67 -14.97 -7.28
N LYS D 492 -43.91 -14.32 -8.42
CA LYS D 492 -44.44 -12.97 -8.45
C LYS D 492 -45.87 -12.97 -7.93
N ARG D 493 -46.20 -11.97 -7.11
CA ARG D 493 -47.45 -11.93 -6.36
C ARG D 493 -48.45 -11.01 -7.07
N PHE D 494 -49.41 -11.61 -7.76
CA PHE D 494 -50.46 -10.83 -8.40
C PHE D 494 -51.47 -10.36 -7.36
N ILE D 495 -52.18 -9.28 -7.69
CA ILE D 495 -53.35 -8.87 -6.93
C ILE D 495 -54.58 -9.73 -7.31
N LYS E 1 -11.91 55.18 -10.48
CA LYS E 1 -12.11 54.29 -11.65
C LYS E 1 -12.71 55.08 -12.79
N ASN E 2 -12.61 56.41 -12.70
CA ASN E 2 -13.43 57.27 -13.56
C ASN E 2 -13.08 57.11 -15.02
N GLU E 3 -11.85 56.67 -15.33
CA GLU E 3 -11.43 56.40 -16.70
C GLU E 3 -11.40 54.92 -17.04
N GLU E 4 -11.13 54.05 -16.07
CA GLU E 4 -11.19 52.62 -16.34
C GLU E 4 -12.61 52.18 -16.65
N LEU E 5 -13.60 52.74 -15.96
CA LEU E 5 -15.00 52.43 -16.28
C LEU E 5 -15.37 52.93 -17.67
N ARG E 6 -14.91 54.14 -18.02
CA ARG E 6 -15.12 54.65 -19.37
C ARG E 6 -14.50 53.72 -20.42
N LEU E 7 -13.27 53.27 -20.17
CA LEU E 7 -12.62 52.35 -21.09
C LEU E 7 -13.36 51.03 -21.20
N TYR E 8 -13.83 50.51 -20.07
CA TYR E 8 -14.55 49.24 -20.08
C TYR E 8 -15.83 49.35 -20.89
N HIS E 9 -16.55 50.45 -20.73
CA HIS E 9 -17.75 50.67 -21.53
C HIS E 9 -17.41 50.89 -23.01
N TYR E 10 -16.30 51.56 -23.29
CA TYR E 10 -15.88 51.77 -24.67
C TYR E 10 -15.50 50.48 -25.36
N LEU E 11 -14.92 49.54 -24.63
CA LEU E 11 -14.39 48.32 -25.23
C LEU E 11 -15.43 47.19 -25.29
N PHE E 12 -16.14 46.95 -24.19
CA PHE E 12 -16.92 45.73 -24.01
C PHE E 12 -18.42 45.94 -24.15
N ASP E 13 -18.87 47.13 -24.55
CA ASP E 13 -20.29 47.32 -24.79
C ASP E 13 -20.75 46.52 -26.01
N THR E 14 -19.96 46.55 -27.08
CA THR E 14 -20.22 45.79 -28.30
C THR E 14 -18.99 44.91 -28.54
N TYR E 15 -18.99 43.73 -27.93
CA TYR E 15 -17.87 42.80 -28.04
C TYR E 15 -18.40 41.39 -27.87
N ASP E 16 -17.87 40.47 -28.66
CA ASP E 16 -18.28 39.06 -28.65
C ASP E 16 -17.07 38.19 -28.33
N PRO E 17 -16.97 37.58 -27.14
CA PRO E 17 -15.80 36.72 -26.88
C PRO E 17 -15.83 35.40 -27.64
N GLY E 18 -16.94 35.05 -28.28
CA GLY E 18 -17.01 33.80 -29.02
C GLY E 18 -16.37 33.83 -30.40
N ARG E 19 -15.93 34.99 -30.87
CA ARG E 19 -15.41 35.17 -32.21
C ARG E 19 -13.93 35.51 -32.15
N ARG E 20 -13.16 34.99 -33.11
CA ARG E 20 -11.73 35.26 -33.15
C ARG E 20 -11.48 36.73 -33.50
N PRO E 21 -10.38 37.32 -33.00
CA PRO E 21 -10.08 38.71 -33.42
C PRO E 21 -9.43 38.78 -34.80
N VAL E 22 -10.23 38.59 -35.84
CA VAL E 22 -9.78 38.68 -37.22
C VAL E 22 -10.79 39.48 -38.02
N GLN E 23 -10.29 40.35 -38.91
CA GLN E 23 -11.18 41.14 -39.75
C GLN E 23 -11.78 40.29 -40.87
N GLU E 24 -11.07 39.26 -41.32
CA GLU E 24 -11.53 38.33 -42.34
C GLU E 24 -11.45 36.91 -41.80
N PRO E 25 -12.32 35.99 -42.26
CA PRO E 25 -12.21 34.60 -41.77
C PRO E 25 -10.90 33.93 -42.11
N GLU E 26 -10.31 34.25 -43.25
CA GLU E 26 -9.10 33.56 -43.70
C GLU E 26 -7.86 34.01 -42.94
N ASP E 27 -7.95 35.08 -42.15
CA ASP E 27 -6.81 35.52 -41.36
C ASP E 27 -6.58 34.56 -40.19
N THR E 28 -5.34 34.57 -39.69
CA THR E 28 -4.90 33.71 -38.60
C THR E 28 -4.54 34.56 -37.39
N VAL E 29 -4.91 34.07 -36.21
CA VAL E 29 -4.55 34.70 -34.95
C VAL E 29 -3.19 34.15 -34.52
N THR E 30 -2.19 35.02 -34.46
CA THR E 30 -0.86 34.64 -34.01
C THR E 30 -0.78 34.77 -32.50
N ILE E 31 -0.24 33.74 -31.85
CA ILE E 31 -0.18 33.66 -30.39
C ILE E 31 1.24 33.29 -29.97
N SER E 32 1.84 34.15 -29.16
CA SER E 32 3.15 33.91 -28.57
C SER E 32 2.97 33.07 -27.31
N LEU E 33 3.67 31.95 -27.25
CA LEU E 33 3.58 30.98 -26.15
C LEU E 33 4.89 30.91 -25.40
N LYS E 34 4.80 30.98 -24.07
CA LYS E 34 5.90 30.66 -23.17
C LYS E 34 5.36 29.78 -22.06
N VAL E 35 6.18 28.83 -21.60
CA VAL E 35 5.80 27.94 -20.51
C VAL E 35 6.88 28.03 -19.46
N THR E 36 6.49 28.45 -18.25
CA THR E 36 7.40 28.56 -17.12
C THR E 36 7.09 27.41 -16.17
N LEU E 37 8.10 26.62 -15.84
CA LEU E 37 7.96 25.51 -14.89
C LEU E 37 8.31 26.00 -13.49
N THR E 38 7.32 26.04 -12.60
CA THR E 38 7.57 26.44 -11.22
C THR E 38 8.12 25.28 -10.41
N ASN E 39 7.42 24.14 -10.43
CA ASN E 39 7.83 22.95 -9.69
C ASN E 39 7.64 21.72 -10.55
N LEU E 40 8.59 20.80 -10.44
CA LEU E 40 8.43 19.43 -10.89
C LEU E 40 8.02 18.63 -9.66
N ILE E 41 6.73 18.32 -9.55
CA ILE E 41 6.22 17.71 -8.32
C ILE E 41 6.64 16.25 -8.25
N SER E 42 6.30 15.46 -9.28
CA SER E 42 6.61 14.04 -9.18
C SER E 42 6.58 13.37 -10.54
N LEU E 43 7.17 12.18 -10.59
CA LEU E 43 6.95 11.21 -11.66
C LEU E 43 6.53 9.90 -11.00
N ASN E 44 5.23 9.64 -10.99
CA ASN E 44 4.68 8.37 -10.50
C ASN E 44 4.95 7.30 -11.55
N GLU E 45 5.85 6.38 -11.25
CA GLU E 45 6.26 5.39 -12.24
C GLU E 45 5.19 4.31 -12.41
N LYS E 46 4.55 3.91 -11.31
CA LYS E 46 3.50 2.91 -11.41
C LYS E 46 2.30 3.44 -12.19
N GLU E 47 1.96 4.72 -11.97
CA GLU E 47 0.92 5.37 -12.74
C GLU E 47 1.42 6.00 -14.03
N GLU E 48 2.74 6.06 -14.23
CA GLU E 48 3.33 6.57 -15.47
C GLU E 48 2.90 8.02 -15.73
N THR E 49 2.95 8.83 -14.69
CA THR E 49 2.35 10.16 -14.69
C THR E 49 3.34 11.19 -14.16
N LEU E 50 3.55 12.26 -14.92
CA LEU E 50 4.38 13.38 -14.50
C LEU E 50 3.47 14.48 -13.99
N THR E 51 3.67 14.90 -12.73
CA THR E 51 2.91 15.97 -12.10
C THR E 51 3.80 17.20 -12.02
N THR E 52 3.35 18.30 -12.62
CA THR E 52 4.11 19.54 -12.72
C THR E 52 3.19 20.73 -12.44
N SER E 53 3.83 21.84 -12.06
CA SER E 53 3.17 23.13 -11.88
C SER E 53 3.76 24.11 -12.88
N VAL E 54 2.92 24.71 -13.72
CA VAL E 54 3.36 25.57 -14.80
C VAL E 54 2.58 26.88 -14.79
N TRP E 55 3.19 27.91 -15.38
CA TRP E 55 2.53 29.17 -15.71
C TRP E 55 2.64 29.34 -17.21
N ILE E 56 1.51 29.53 -17.90
CA ILE E 56 1.51 29.58 -19.36
C ILE E 56 1.34 31.04 -19.76
N GLY E 57 2.38 31.64 -20.32
CA GLY E 57 2.28 32.98 -20.86
C GLY E 57 1.78 32.96 -22.29
N ILE E 58 0.63 33.59 -22.54
CA ILE E 58 0.00 33.64 -23.85
C ILE E 58 -0.17 35.11 -24.21
N ASP E 59 0.35 35.49 -25.38
CA ASP E 59 0.26 36.87 -25.87
C ASP E 59 -0.38 36.85 -27.25
N TRP E 60 -1.35 37.73 -27.48
CA TRP E 60 -1.92 37.87 -28.82
C TRP E 60 -2.46 39.28 -28.97
N GLN E 61 -3.14 39.53 -30.09
CA GLN E 61 -3.65 40.86 -30.44
C GLN E 61 -5.13 40.79 -30.72
N ASP E 62 -5.85 41.80 -30.26
CA ASP E 62 -7.30 41.93 -30.46
C ASP E 62 -7.58 43.34 -30.98
N TYR E 63 -7.86 43.45 -32.28
CA TYR E 63 -8.11 44.76 -32.87
C TYR E 63 -9.39 45.39 -32.35
N ARG E 64 -10.34 44.58 -31.89
CA ARG E 64 -11.58 45.11 -31.33
C ARG E 64 -11.37 45.73 -29.95
N LEU E 65 -10.29 45.38 -29.26
CA LEU E 65 -9.95 45.94 -27.96
C LEU E 65 -8.88 47.02 -28.05
N ASN E 66 -8.72 47.63 -29.24
CA ASN E 66 -7.77 48.72 -29.41
C ASN E 66 -8.28 50.00 -28.78
N TYR E 67 -7.38 50.75 -28.14
CA TYR E 67 -7.67 52.09 -27.65
C TYR E 67 -6.36 52.84 -27.54
N SER E 68 -6.45 54.10 -27.09
CA SER E 68 -5.29 54.96 -26.93
C SER E 68 -5.28 55.55 -25.52
N LYS E 69 -4.08 55.76 -24.99
CA LYS E 69 -3.93 56.29 -23.64
C LYS E 69 -4.50 57.71 -23.54
N GLY E 70 -4.32 58.52 -24.57
CA GLY E 70 -4.67 59.92 -24.48
C GLY E 70 -6.14 60.20 -24.37
N ASP E 71 -7.00 59.31 -24.86
CA ASP E 71 -8.44 59.50 -24.83
C ASP E 71 -9.08 58.92 -23.56
N PHE E 72 -8.28 58.43 -22.61
CA PHE E 72 -8.81 57.87 -21.37
C PHE E 72 -7.96 58.28 -20.17
N GLY E 73 -7.34 59.45 -20.22
CA GLY E 73 -6.67 59.99 -19.06
C GLY E 73 -5.38 59.30 -18.69
N GLY E 74 -4.83 58.45 -19.54
CA GLY E 74 -3.56 57.80 -19.28
C GLY E 74 -3.65 56.38 -18.77
N VAL E 75 -4.74 55.67 -19.04
CA VAL E 75 -4.88 54.26 -18.65
C VAL E 75 -4.05 53.44 -19.62
N GLU E 76 -2.88 52.97 -19.18
CA GLU E 76 -2.02 52.19 -20.04
C GLU E 76 -2.56 50.78 -20.25
N THR E 77 -3.04 50.15 -19.18
CA THR E 77 -3.46 48.75 -19.22
C THR E 77 -4.72 48.58 -18.38
N LEU E 78 -5.52 47.57 -18.74
CA LEU E 78 -6.77 47.25 -18.06
C LEU E 78 -6.82 45.76 -17.80
N ARG E 79 -7.16 45.38 -16.56
CA ARG E 79 -7.22 43.98 -16.16
C ARG E 79 -8.69 43.55 -16.15
N VAL E 80 -9.01 42.53 -16.95
CA VAL E 80 -10.39 42.06 -17.11
C VAL E 80 -10.45 40.57 -16.85
N PRO E 81 -11.57 40.02 -16.34
CA PRO E 81 -11.67 38.56 -16.23
C PRO E 81 -11.60 37.91 -17.60
N SER E 82 -10.99 36.71 -17.63
CA SER E 82 -10.67 36.07 -18.90
C SER E 82 -11.90 35.58 -19.66
N GLU E 83 -13.08 35.56 -19.02
CA GLU E 83 -14.29 35.16 -19.73
C GLU E 83 -14.86 36.26 -20.62
N LEU E 84 -14.52 37.52 -20.37
CA LEU E 84 -15.05 38.63 -21.17
C LEU E 84 -14.29 38.85 -22.47
N VAL E 85 -13.16 38.16 -22.69
CA VAL E 85 -12.39 38.28 -23.92
C VAL E 85 -12.36 36.92 -24.61
N TRP E 86 -12.18 36.96 -25.93
CA TRP E 86 -11.90 35.75 -26.67
C TRP E 86 -10.57 35.18 -26.22
N LEU E 87 -10.52 33.86 -26.02
CA LEU E 87 -9.31 33.16 -25.63
C LEU E 87 -8.98 32.11 -26.67
N PRO E 88 -7.71 31.77 -26.90
CA PRO E 88 -7.41 30.54 -27.64
C PRO E 88 -7.40 29.38 -26.66
N GLU E 89 -8.23 28.38 -26.90
CA GLU E 89 -8.43 27.30 -25.93
C GLU E 89 -7.23 26.37 -25.95
N ILE E 90 -6.15 26.84 -25.32
CA ILE E 90 -4.93 26.05 -25.23
C ILE E 90 -5.16 24.97 -24.18
N VAL E 91 -4.86 23.73 -24.54
CA VAL E 91 -5.02 22.59 -23.67
C VAL E 91 -3.76 21.74 -23.76
N LEU E 92 -3.48 21.04 -22.66
CA LEU E 92 -2.42 20.03 -22.67
C LEU E 92 -3.03 18.75 -23.24
N GLU E 93 -2.57 18.34 -24.42
CA GLU E 93 -3.18 17.19 -25.08
C GLU E 93 -2.85 15.89 -24.37
N ASN E 94 -1.59 15.69 -23.97
CA ASN E 94 -1.19 14.42 -23.39
C ASN E 94 -1.40 14.40 -21.88
N ASN E 95 -2.57 14.82 -21.43
CA ASN E 95 -2.92 14.72 -20.02
C ASN E 95 -3.48 13.33 -19.74
N ILE E 96 -3.27 12.86 -18.52
CA ILE E 96 -3.66 11.52 -18.12
C ILE E 96 -4.84 11.50 -17.16
N ASP E 97 -5.10 12.59 -16.44
CA ASP E 97 -6.16 12.63 -15.44
C ASP E 97 -7.47 13.17 -15.99
N GLY E 98 -7.54 13.47 -17.29
CA GLY E 98 -8.72 14.05 -17.89
C GLY E 98 -8.82 15.55 -17.82
N GLN E 99 -7.85 16.23 -17.19
CA GLN E 99 -7.87 17.68 -17.04
C GLN E 99 -7.08 18.29 -18.19
N PHE E 100 -7.76 19.11 -19.00
CA PHE E 100 -7.17 19.77 -20.15
C PHE E 100 -6.83 21.23 -19.93
N GLY E 101 -7.57 21.92 -19.05
CA GLY E 101 -7.48 23.35 -18.90
C GLY E 101 -6.59 23.79 -17.76
N VAL E 102 -6.57 25.11 -17.54
CA VAL E 102 -5.71 25.69 -16.51
C VAL E 102 -6.38 25.57 -15.14
N ALA E 103 -5.58 25.80 -14.10
CA ALA E 103 -6.08 25.66 -12.73
C ALA E 103 -6.79 26.93 -12.27
N TYR E 104 -6.23 28.10 -12.58
CA TYR E 104 -6.77 29.39 -12.16
C TYR E 104 -6.94 30.27 -13.39
N GLU E 105 -8.19 30.61 -13.70
CA GLU E 105 -8.50 31.48 -14.84
C GLU E 105 -8.28 32.92 -14.39
N ALA E 106 -7.05 33.39 -14.54
CA ALA E 106 -6.64 34.69 -14.07
C ALA E 106 -7.19 35.80 -14.96
N ASN E 107 -6.91 37.05 -14.59
CA ASN E 107 -7.29 38.18 -15.41
C ASN E 107 -6.36 38.29 -16.61
N VAL E 108 -6.92 38.76 -17.73
CA VAL E 108 -6.16 39.13 -18.91
C VAL E 108 -5.84 40.61 -18.84
N LEU E 109 -4.61 40.96 -19.22
CA LEU E 109 -4.18 42.35 -19.34
C LEU E 109 -4.40 42.81 -20.77
N VAL E 110 -5.21 43.85 -20.93
CA VAL E 110 -5.47 44.49 -22.22
C VAL E 110 -4.70 45.79 -22.26
N SER E 111 -3.74 45.89 -23.16
CA SER E 111 -2.87 47.05 -23.32
C SER E 111 -3.42 47.93 -24.44
N GLU E 112 -2.64 48.94 -24.84
CA GLU E 112 -3.16 50.02 -25.67
C GLU E 112 -3.54 49.53 -27.07
N GLY E 113 -2.57 48.98 -27.80
CA GLY E 113 -2.79 48.64 -29.20
C GLY E 113 -3.41 47.28 -29.44
N GLY E 114 -4.37 46.88 -28.60
CA GLY E 114 -5.00 45.60 -28.74
C GLY E 114 -4.20 44.43 -28.21
N TYR E 115 -3.05 44.66 -27.59
CA TYR E 115 -2.20 43.59 -27.09
C TYR E 115 -2.84 42.98 -25.84
N LEU E 116 -2.92 41.65 -25.81
CA LEU E 116 -3.57 40.93 -24.73
C LEU E 116 -2.61 39.89 -24.19
N SER E 117 -2.35 39.95 -22.88
CA SER E 117 -1.44 39.05 -22.19
C SER E 117 -2.19 38.29 -21.11
N TRP E 118 -2.01 36.97 -21.07
CA TRP E 118 -2.69 36.10 -20.12
C TRP E 118 -1.69 35.12 -19.55
N LEU E 119 -1.59 35.06 -18.22
CA LEU E 119 -0.66 34.18 -17.51
C LEU E 119 -1.43 33.35 -16.48
N PRO E 120 -2.18 32.35 -16.92
CA PRO E 120 -2.81 31.44 -15.99
C PRO E 120 -1.83 30.40 -15.48
N PRO E 121 -1.91 30.03 -14.19
CA PRO E 121 -1.18 28.86 -13.71
C PRO E 121 -2.01 27.59 -13.81
N ALA E 122 -1.30 26.47 -13.86
CA ALA E 122 -1.92 25.16 -14.02
C ALA E 122 -1.13 24.10 -13.26
N ILE E 123 -1.86 23.11 -12.77
CA ILE E 123 -1.28 21.85 -12.29
C ILE E 123 -1.63 20.79 -13.33
N TYR E 124 -0.61 20.12 -13.87
CA TYR E 124 -0.78 19.21 -14.98
C TYR E 124 -0.24 17.84 -14.60
N ARG E 125 -1.06 16.81 -14.81
CA ARG E 125 -0.67 15.41 -14.72
C ARG E 125 -0.66 14.85 -16.14
N SER E 126 0.53 14.60 -16.67
CA SER E 126 0.74 14.25 -18.07
C SER E 126 1.27 12.83 -18.20
N THR E 127 1.10 12.26 -19.38
CA THR E 127 1.55 10.91 -19.67
C THR E 127 3.04 10.93 -19.97
N CYS E 128 3.81 10.13 -19.22
CA CYS E 128 5.23 9.91 -19.48
C CYS E 128 5.48 8.43 -19.56
N ALA E 129 5.90 7.96 -20.72
CA ALA E 129 6.29 6.56 -20.89
C ALA E 129 7.64 6.34 -20.23
N VAL E 130 7.66 5.58 -19.15
CA VAL E 130 8.85 5.36 -18.36
C VAL E 130 9.65 4.23 -19.00
N GLU E 131 10.82 4.56 -19.56
CA GLU E 131 11.74 3.54 -20.06
C GLU E 131 12.46 2.91 -18.88
N VAL E 132 12.26 1.61 -18.68
CA VAL E 132 12.57 0.96 -17.43
C VAL E 132 13.92 0.25 -17.42
N THR E 133 14.64 0.23 -18.56
CA THR E 133 15.77 -0.70 -18.71
C THR E 133 16.85 -0.46 -17.67
N TYR E 134 17.16 0.80 -17.35
CA TYR E 134 18.27 1.15 -16.47
C TYR E 134 17.80 1.65 -15.10
N PHE E 135 16.55 1.36 -14.73
CA PHE E 135 16.06 1.73 -13.41
C PHE E 135 16.88 1.01 -12.33
N PRO E 136 17.31 1.70 -11.25
CA PRO E 136 17.05 3.08 -10.82
C PRO E 136 18.07 4.11 -11.33
N PHE E 137 18.97 3.76 -12.24
CA PHE E 137 19.92 4.71 -12.81
C PHE E 137 19.45 5.26 -14.16
N ASP E 138 18.13 5.29 -14.36
CA ASP E 138 17.52 5.69 -15.61
C ASP E 138 17.38 7.20 -15.71
N TRP E 139 17.17 7.66 -16.96
CA TRP E 139 16.72 9.02 -17.25
C TRP E 139 15.52 8.91 -18.18
N GLN E 140 14.63 9.90 -18.09
CA GLN E 140 13.35 9.88 -18.80
C GLN E 140 13.19 11.09 -19.71
N ASN E 141 12.37 10.91 -20.73
CA ASN E 141 12.01 11.92 -21.71
C ASN E 141 10.51 12.13 -21.59
N CYS E 142 10.10 13.17 -20.87
CA CYS E 142 8.71 13.47 -20.62
C CYS E 142 8.28 14.65 -21.50
N SER E 143 7.08 14.54 -22.06
CA SER E 143 6.57 15.47 -23.06
C SER E 143 5.42 16.29 -22.50
N LEU E 144 5.26 17.50 -23.03
CA LEU E 144 4.11 18.35 -22.77
C LEU E 144 3.63 18.90 -24.11
N VAL E 145 2.51 18.37 -24.60
CA VAL E 145 1.92 18.79 -25.87
C VAL E 145 0.82 19.79 -25.58
N PHE E 146 0.97 21.01 -26.09
CA PHE E 146 -0.01 22.07 -25.97
C PHE E 146 -0.60 22.35 -27.34
N ARG E 147 -1.92 22.44 -27.44
CA ARG E 147 -2.59 22.72 -28.75
C ARG E 147 -3.92 23.39 -28.52
N SER E 148 -4.40 24.18 -29.47
CA SER E 148 -5.74 24.74 -29.39
C SER E 148 -6.77 23.62 -29.52
N GLN E 149 -7.75 23.60 -28.61
CA GLN E 149 -8.67 22.48 -28.55
C GLN E 149 -9.71 22.52 -29.67
N THR E 150 -10.07 23.71 -30.15
CA THR E 150 -11.15 23.89 -31.11
C THR E 150 -10.74 24.49 -32.45
N TYR E 151 -9.63 25.21 -32.52
CA TYR E 151 -9.21 25.89 -33.75
C TYR E 151 -8.09 25.12 -34.43
N ASN E 152 -8.07 25.19 -35.76
CA ASN E 152 -7.07 24.52 -36.58
C ASN E 152 -5.93 25.50 -36.86
N ALA E 153 -4.92 25.02 -37.58
CA ALA E 153 -3.72 25.83 -37.80
C ALA E 153 -3.95 27.02 -38.72
N GLU E 154 -5.08 27.07 -39.43
CA GLU E 154 -5.41 28.22 -40.27
C GLU E 154 -6.18 29.32 -39.54
N GLU E 155 -6.64 29.06 -38.32
CA GLU E 155 -7.29 30.04 -37.47
C GLU E 155 -6.45 30.46 -36.28
N VAL E 156 -5.66 29.55 -35.72
CA VAL E 156 -4.77 29.82 -34.61
C VAL E 156 -3.38 29.31 -34.96
N GLU E 157 -2.39 30.19 -34.89
CA GLU E 157 -1.00 29.87 -35.18
C GLU E 157 -0.17 30.13 -33.93
N PHE E 158 0.85 29.30 -33.71
CA PHE E 158 1.69 29.37 -32.52
C PHE E 158 3.09 29.86 -32.90
N VAL E 159 3.58 30.85 -32.17
CA VAL E 159 4.97 31.27 -32.21
C VAL E 159 5.49 31.27 -30.78
N PHE E 160 6.81 31.21 -30.65
CA PHE E 160 7.44 31.28 -29.34
C PHE E 160 7.66 32.74 -28.94
N ALA E 161 7.70 32.97 -27.64
CA ALA E 161 8.02 34.29 -27.12
C ALA E 161 9.50 34.60 -27.31
N VAL E 162 9.85 35.87 -27.12
CA VAL E 162 11.21 36.35 -27.30
C VAL E 162 11.66 37.03 -26.00
N ASP E 163 12.98 37.16 -25.86
CA ASP E 163 13.57 37.77 -24.67
C ASP E 163 13.90 39.23 -24.98
N ASP E 164 14.53 39.92 -24.01
CA ASP E 164 14.87 41.33 -24.20
C ASP E 164 15.85 41.54 -25.34
N GLU E 165 16.66 40.54 -25.68
CA GLU E 165 17.56 40.63 -26.82
C GLU E 165 16.92 40.18 -28.13
N GLY E 166 15.65 39.84 -28.14
CA GLY E 166 14.99 39.42 -29.36
C GLY E 166 15.21 37.98 -29.75
N LYS E 167 15.94 37.21 -28.95
CA LYS E 167 16.16 35.80 -29.25
C LYS E 167 14.92 34.98 -28.91
N THR E 168 14.61 34.01 -29.77
CA THR E 168 13.41 33.22 -29.61
C THR E 168 13.60 32.22 -28.47
N ILE E 169 12.70 32.25 -27.49
CA ILE E 169 12.76 31.34 -26.35
C ILE E 169 12.11 30.02 -26.76
N SER E 170 12.93 29.05 -27.19
CA SER E 170 12.47 27.75 -27.65
C SER E 170 12.62 26.68 -26.57
N LYS E 171 12.40 27.04 -25.31
CA LYS E 171 12.60 26.14 -24.19
C LYS E 171 11.58 26.45 -23.10
N ILE E 172 11.50 25.55 -22.12
CA ILE E 172 10.77 25.85 -20.90
C ILE E 172 11.57 26.87 -20.11
N ASP E 173 10.92 27.99 -19.78
CA ASP E 173 11.56 28.99 -18.92
C ASP E 173 11.54 28.52 -17.47
N ILE E 174 12.64 28.80 -16.77
CA ILE E 174 12.74 28.44 -15.36
C ILE E 174 13.34 29.64 -14.62
N ASP E 175 12.64 30.10 -13.59
CA ASP E 175 13.17 31.14 -12.70
C ASP E 175 14.29 30.51 -11.88
N THR E 176 15.54 30.79 -12.27
CA THR E 176 16.67 30.09 -11.66
C THR E 176 16.85 30.50 -10.21
N GLU E 177 16.45 31.71 -9.83
CA GLU E 177 16.56 32.15 -8.45
C GLU E 177 15.51 31.47 -7.56
N ALA E 178 14.29 31.28 -8.08
CA ALA E 178 13.18 30.76 -7.30
C ALA E 178 12.98 29.26 -7.45
N TYR E 179 13.78 28.57 -8.24
CA TYR E 179 13.57 27.15 -8.51
C TYR E 179 14.13 26.30 -7.39
N THR E 180 13.31 25.37 -6.90
CA THR E 180 13.74 24.32 -5.99
C THR E 180 13.73 23.00 -6.77
N GLU E 181 14.86 22.31 -6.78
CA GLU E 181 14.95 21.07 -7.52
C GLU E 181 14.10 19.98 -6.86
N ASN E 182 13.54 19.11 -7.70
CA ASN E 182 12.86 17.93 -7.19
C ASN E 182 13.85 17.03 -6.47
N GLY E 183 13.41 16.44 -5.36
CA GLY E 183 14.30 15.63 -4.54
C GLY E 183 14.81 14.37 -5.20
N GLU E 184 14.16 13.91 -6.29
CA GLU E 184 14.55 12.71 -7.00
C GLU E 184 14.94 12.95 -8.46
N TRP E 185 14.54 14.08 -9.05
CA TRP E 185 14.67 14.30 -10.49
C TRP E 185 15.41 15.61 -10.74
N ALA E 186 16.40 15.55 -11.62
CA ALA E 186 17.15 16.72 -12.08
C ALA E 186 16.84 16.95 -13.55
N ILE E 187 16.53 18.19 -13.89
CA ILE E 187 16.21 18.55 -15.28
C ILE E 187 17.52 18.90 -15.98
N ASP E 188 17.80 18.20 -17.08
CA ASP E 188 19.01 18.40 -17.86
C ASP E 188 18.77 19.22 -19.13
N PHE E 189 17.68 18.98 -19.84
CA PHE E 189 17.34 19.72 -21.05
C PHE E 189 15.83 19.95 -21.07
N CYS E 190 15.41 21.04 -21.71
CA CYS E 190 13.99 21.33 -21.89
C CYS E 190 13.77 22.10 -23.19
N PRO E 191 14.04 21.46 -24.33
CA PRO E 191 13.77 22.12 -25.61
C PRO E 191 12.28 22.24 -25.91
N GLY E 192 11.97 23.24 -26.71
CA GLY E 192 10.61 23.45 -27.18
C GLY E 192 10.60 23.52 -28.69
N VAL E 193 9.57 22.92 -29.29
CA VAL E 193 9.47 22.81 -30.74
C VAL E 193 8.02 23.05 -31.13
N ILE E 194 7.82 23.82 -32.20
CA ILE E 194 6.51 24.02 -32.80
C ILE E 194 6.37 23.05 -33.97
N ARG E 195 5.33 22.22 -33.94
CA ARG E 195 5.09 21.21 -34.96
C ARG E 195 3.85 21.60 -35.78
N ARG E 196 3.93 21.35 -37.09
CA ARG E 196 2.81 21.52 -38.00
C ARG E 196 2.58 20.21 -38.73
N HIS E 197 1.32 19.78 -38.79
CA HIS E 197 0.94 18.50 -39.39
C HIS E 197 -0.12 18.73 -40.44
N ASP E 198 -0.16 17.83 -41.43
CA ASP E 198 -1.17 17.90 -42.47
C ASP E 198 -2.54 17.56 -41.89
N GLY E 199 -3.58 18.11 -42.50
CA GLY E 199 -4.91 17.99 -41.96
C GLY E 199 -5.46 16.57 -42.05
N ASP E 200 -6.60 16.38 -41.40
CA ASP E 200 -7.27 15.08 -41.40
C ASP E 200 -7.81 14.71 -42.78
N SER E 201 -7.98 15.69 -43.67
CA SER E 201 -8.40 15.44 -45.04
C SER E 201 -7.48 16.22 -45.96
N ALA E 202 -6.91 15.54 -46.96
CA ALA E 202 -5.94 16.15 -47.85
C ALA E 202 -6.55 17.35 -48.57
N GLY E 203 -5.92 18.52 -48.40
CA GLY E 203 -6.42 19.76 -48.93
C GLY E 203 -7.17 20.60 -47.93
N GLY E 204 -7.63 20.01 -46.83
CA GLY E 204 -8.33 20.72 -45.79
C GLY E 204 -7.37 21.40 -44.81
N PRO E 205 -7.90 21.92 -43.71
CA PRO E 205 -7.05 22.68 -42.79
C PRO E 205 -6.14 21.79 -41.98
N GLY E 206 -4.91 22.26 -41.77
CA GLY E 206 -3.92 21.53 -41.01
C GLY E 206 -4.07 21.70 -39.52
N GLU E 207 -3.15 21.08 -38.78
CA GLU E 207 -3.12 21.14 -37.32
C GLU E 207 -1.72 21.50 -36.86
N THR E 208 -1.65 22.16 -35.71
CA THR E 208 -0.39 22.60 -35.12
C THR E 208 -0.42 22.38 -33.62
N ASP E 209 0.76 22.20 -33.03
CA ASP E 209 0.88 22.08 -31.58
C ASP E 209 2.29 22.46 -31.19
N VAL E 210 2.48 22.73 -29.90
CA VAL E 210 3.78 23.03 -29.33
C VAL E 210 4.16 21.88 -28.39
N ILE E 211 5.35 21.33 -28.59
CA ILE E 211 5.88 20.21 -27.81
C ILE E 211 7.04 20.72 -26.98
N TYR E 212 6.98 20.47 -25.67
CA TYR E 212 8.10 20.67 -24.76
C TYR E 212 8.50 19.31 -24.20
N SER E 213 9.79 18.99 -24.29
CA SER E 213 10.33 17.71 -23.84
C SER E 213 11.19 17.95 -22.61
N LEU E 214 10.85 17.32 -21.50
CA LEU E 214 11.63 17.39 -20.27
C LEU E 214 12.55 16.17 -20.20
N ILE E 215 13.84 16.40 -20.35
CA ILE E 215 14.86 15.36 -20.19
C ILE E 215 15.28 15.39 -18.73
N ILE E 216 14.80 14.41 -17.96
CA ILE E 216 14.94 14.39 -16.51
C ILE E 216 15.77 13.17 -16.12
N ARG E 217 16.77 13.39 -15.28
CA ARG E 217 17.68 12.37 -14.79
C ARG E 217 17.37 12.08 -13.33
N ARG E 218 17.27 10.81 -12.99
CA ARG E 218 16.97 10.42 -11.61
C ARG E 218 18.24 10.52 -10.76
N LYS E 219 18.06 10.95 -9.51
CA LYS E 219 19.11 10.86 -8.51
C LYS E 219 18.94 9.53 -7.77
N PRO E 220 19.86 8.56 -7.92
CA PRO E 220 19.57 7.20 -7.42
C PRO E 220 19.95 6.97 -5.96
N LEU E 221 20.18 8.03 -5.19
CA LEU E 221 20.80 7.90 -3.87
C LEU E 221 19.99 6.99 -2.95
N PHE E 222 18.67 7.09 -2.98
CA PHE E 222 17.84 6.27 -2.09
C PHE E 222 18.02 4.78 -2.41
N TYR E 223 18.01 4.42 -3.69
CA TYR E 223 18.15 3.02 -4.05
C TYR E 223 19.55 2.52 -3.77
N VAL E 224 20.56 3.38 -3.92
CA VAL E 224 21.93 2.99 -3.59
C VAL E 224 22.05 2.72 -2.10
N ILE E 225 21.46 3.59 -1.27
CA ILE E 225 21.67 3.52 0.18
C ILE E 225 20.84 2.40 0.79
N ASN E 226 19.55 2.33 0.46
CA ASN E 226 18.61 1.45 1.16
C ASN E 226 18.30 0.15 0.43
N ILE E 227 18.82 -0.07 -0.78
CA ILE E 227 18.53 -1.30 -1.51
C ILE E 227 19.82 -1.92 -2.03
N ILE E 228 20.56 -1.19 -2.85
CA ILE E 228 21.61 -1.82 -3.66
C ILE E 228 22.79 -2.23 -2.79
N VAL E 229 23.30 -1.32 -1.97
CA VAL E 229 24.48 -1.65 -1.16
C VAL E 229 24.18 -2.76 -0.16
N PRO E 230 23.08 -2.74 0.60
CA PRO E 230 22.78 -3.91 1.45
C PRO E 230 22.60 -5.20 0.66
N CYS E 231 21.98 -5.16 -0.51
CA CYS E 231 21.79 -6.38 -1.28
C CYS E 231 23.13 -6.92 -1.77
N VAL E 232 24.03 -6.04 -2.22
CA VAL E 232 25.34 -6.47 -2.68
C VAL E 232 26.13 -7.07 -1.53
N LEU E 233 26.11 -6.41 -0.37
CA LEU E 233 26.90 -6.90 0.76
C LEU E 233 26.34 -8.22 1.29
N ILE E 234 25.02 -8.37 1.30
CA ILE E 234 24.40 -9.61 1.76
C ILE E 234 24.66 -10.73 0.76
N SER E 235 24.57 -10.44 -0.54
CA SER E 235 24.84 -11.44 -1.56
C SER E 235 26.31 -11.80 -1.61
N GLY E 236 27.19 -10.95 -1.10
CA GLY E 236 28.59 -11.31 -0.98
C GLY E 236 28.88 -12.32 0.13
N LEU E 237 27.99 -12.46 1.11
CA LEU E 237 28.23 -13.39 2.21
C LEU E 237 28.19 -14.84 1.76
N VAL E 238 27.52 -15.15 0.65
CA VAL E 238 27.44 -16.52 0.17
C VAL E 238 28.80 -17.09 -0.24
N LEU E 239 29.78 -16.23 -0.55
CA LEU E 239 31.13 -16.70 -0.85
C LEU E 239 31.90 -17.09 0.40
N LEU E 240 31.42 -16.73 1.59
CA LEU E 240 32.07 -17.11 2.83
C LEU E 240 31.83 -18.56 3.20
N ALA E 241 30.83 -19.22 2.61
CA ALA E 241 30.61 -20.64 2.86
C ALA E 241 31.77 -21.50 2.35
N TYR E 242 32.60 -20.97 1.47
CA TYR E 242 33.75 -21.71 0.97
C TYR E 242 34.89 -21.80 1.97
N PHE E 243 34.81 -21.09 3.10
CA PHE E 243 35.84 -21.11 4.11
C PHE E 243 35.40 -21.77 5.41
N LEU E 244 34.10 -22.08 5.55
CA LEU E 244 33.61 -22.83 6.69
C LEU E 244 33.89 -24.32 6.50
N PRO E 245 34.15 -25.06 7.59
CA PRO E 245 34.49 -26.48 7.43
C PRO E 245 33.32 -27.30 6.92
N ALA E 246 33.64 -28.40 6.25
CA ALA E 246 32.64 -29.32 5.70
C ALA E 246 32.46 -30.47 6.68
N GLN E 247 31.63 -30.22 7.70
CA GLN E 247 31.34 -31.22 8.72
C GLN E 247 30.10 -30.75 9.48
N ALA E 248 29.64 -31.57 10.42
CA ALA E 248 28.58 -31.14 11.31
C ALA E 248 29.07 -29.99 12.18
N GLY E 249 28.26 -28.94 12.25
CA GLY E 249 28.61 -27.75 12.99
C GLY E 249 29.35 -26.69 12.21
N GLY E 250 29.74 -26.98 10.96
CA GLY E 250 30.38 -25.98 10.13
C GLY E 250 29.44 -24.92 9.59
N GLN E 251 28.12 -25.19 9.59
CA GLN E 251 27.10 -24.21 9.20
C GLN E 251 27.24 -23.79 7.73
N LYS E 252 27.71 -24.68 6.85
CA LYS E 252 27.94 -24.31 5.45
C LYS E 252 26.63 -23.93 4.77
N CYS E 253 25.58 -24.72 4.95
CA CYS E 253 24.31 -24.47 4.27
C CYS E 253 23.51 -23.35 4.91
N THR E 254 23.70 -23.11 6.22
CA THR E 254 22.94 -22.09 6.92
C THR E 254 23.16 -20.72 6.28
N VAL E 255 24.42 -20.36 6.06
CA VAL E 255 24.75 -19.07 5.47
C VAL E 255 24.15 -18.97 4.08
N SER E 256 24.33 -20.01 3.26
CA SER E 256 24.00 -19.90 1.85
C SER E 256 22.50 -19.84 1.63
N ILE E 257 21.72 -20.56 2.43
CA ILE E 257 20.27 -20.53 2.24
C ILE E 257 19.62 -19.34 2.94
N ASN E 258 20.16 -18.87 4.06
CA ASN E 258 19.59 -17.70 4.70
C ASN E 258 19.94 -16.41 3.99
N VAL E 259 21.02 -16.40 3.19
CA VAL E 259 21.25 -15.28 2.30
C VAL E 259 20.14 -15.22 1.26
N LEU E 260 19.69 -16.37 0.76
CA LEU E 260 18.57 -16.40 -0.18
C LEU E 260 17.28 -15.94 0.47
N LEU E 261 17.07 -16.28 1.74
CA LEU E 261 15.88 -15.80 2.44
C LEU E 261 15.90 -14.27 2.55
N ALA E 262 17.03 -13.69 2.91
CA ALA E 262 17.15 -12.24 2.94
C ALA E 262 16.96 -11.64 1.55
N GLN E 263 17.45 -12.32 0.52
CA GLN E 263 17.27 -11.82 -0.85
C GLN E 263 15.79 -11.85 -1.24
N THR E 264 15.02 -12.82 -0.74
CA THR E 264 13.59 -12.80 -0.97
C THR E 264 12.94 -11.61 -0.27
N VAL E 265 13.42 -11.26 0.92
CA VAL E 265 12.93 -10.04 1.56
C VAL E 265 13.24 -8.82 0.68
N PHE E 266 14.42 -8.80 0.06
CA PHE E 266 14.72 -7.70 -0.85
C PHE E 266 13.86 -7.73 -2.11
N LEU E 267 13.42 -8.92 -2.55
CA LEU E 267 12.42 -8.98 -3.62
C LEU E 267 11.14 -8.28 -3.21
N PHE E 268 10.70 -8.49 -1.96
CA PHE E 268 9.53 -7.74 -1.49
C PHE E 268 9.81 -6.24 -1.41
N LEU E 269 11.03 -5.86 -1.06
CA LEU E 269 11.35 -4.43 -1.04
C LEU E 269 11.27 -3.83 -2.43
N ILE E 270 11.75 -4.55 -3.43
CA ILE E 270 11.86 -3.98 -4.77
C ILE E 270 10.51 -4.03 -5.50
N ALA E 271 9.66 -5.00 -5.17
CA ALA E 271 8.37 -5.10 -5.85
C ALA E 271 7.45 -3.91 -5.56
N GLN E 272 7.71 -3.16 -4.49
CA GLN E 272 6.90 -2.01 -4.15
C GLN E 272 7.29 -0.74 -4.91
N LYS E 273 8.46 -0.73 -5.54
CA LYS E 273 9.03 0.48 -6.18
C LYS E 273 9.14 0.34 -7.70
N THR E 274 9.46 -0.83 -8.23
CA THR E 274 9.71 -0.95 -9.67
C THR E 274 8.44 -0.72 -10.45
N PRO E 275 8.52 -0.19 -11.68
CA PRO E 275 7.32 -0.09 -12.50
C PRO E 275 6.83 -1.45 -12.96
N GLU E 276 5.56 -1.51 -13.33
CA GLU E 276 4.89 -2.77 -13.66
C GLU E 276 4.71 -2.95 -15.16
N THR E 277 5.62 -2.42 -15.96
CA THR E 277 5.60 -2.59 -17.41
C THR E 277 6.45 -3.79 -17.81
N SER E 278 6.19 -4.31 -19.02
CA SER E 278 6.82 -5.51 -19.52
C SER E 278 7.55 -5.29 -20.84
N LEU E 279 7.86 -4.05 -21.19
CA LEU E 279 8.64 -3.79 -22.39
C LEU E 279 10.11 -4.14 -22.18
N SER E 280 10.61 -4.03 -20.95
CA SER E 280 11.99 -4.35 -20.63
C SER E 280 12.07 -4.77 -19.17
N VAL E 281 13.19 -5.37 -18.80
CA VAL E 281 13.46 -5.81 -17.44
C VAL E 281 14.29 -4.73 -16.75
N PRO E 282 13.89 -4.23 -15.58
CA PRO E 282 14.71 -3.22 -14.91
C PRO E 282 16.07 -3.77 -14.49
N LEU E 283 17.05 -2.87 -14.43
CA LEU E 283 18.41 -3.26 -14.06
C LEU E 283 18.46 -3.85 -12.67
N LEU E 284 17.70 -3.27 -11.73
CA LEU E 284 17.63 -3.82 -10.38
C LEU E 284 17.02 -5.22 -10.39
N GLY E 285 16.02 -5.44 -11.24
CA GLY E 285 15.45 -6.76 -11.37
C GLY E 285 16.46 -7.77 -11.89
N ARG E 286 17.23 -7.39 -12.92
CA ARG E 286 18.26 -8.30 -13.42
C ARG E 286 19.30 -8.59 -12.37
N TYR E 287 19.70 -7.60 -11.57
CA TYR E 287 20.70 -7.87 -10.54
C TYR E 287 20.16 -8.81 -9.47
N LEU E 288 18.92 -8.60 -9.04
CA LEU E 288 18.36 -9.48 -8.01
C LEU E 288 18.24 -10.91 -8.51
N ILE E 289 17.75 -11.09 -9.74
CA ILE E 289 17.68 -12.44 -10.31
C ILE E 289 19.07 -13.04 -10.43
N PHE E 290 20.06 -12.23 -10.81
CA PHE E 290 21.44 -12.72 -10.93
C PHE E 290 21.97 -13.20 -9.59
N VAL E 291 21.85 -12.39 -8.54
CA VAL E 291 22.44 -12.78 -7.27
C VAL E 291 21.70 -13.97 -6.69
N MET E 292 20.39 -14.10 -6.96
CA MET E 292 19.67 -15.27 -6.49
C MET E 292 20.08 -16.53 -7.24
N VAL E 293 20.33 -16.43 -8.55
CA VAL E 293 20.83 -17.58 -9.29
C VAL E 293 22.21 -17.97 -8.77
N VAL E 294 23.05 -16.99 -8.50
CA VAL E 294 24.39 -17.26 -7.99
C VAL E 294 24.30 -17.95 -6.63
N ALA E 295 23.44 -17.43 -5.74
CA ALA E 295 23.27 -18.03 -4.42
C ALA E 295 22.74 -19.45 -4.52
N THR E 296 21.82 -19.70 -5.45
CA THR E 296 21.33 -21.05 -5.68
C THR E 296 22.46 -21.98 -6.11
N LEU E 297 23.30 -21.51 -7.02
CA LEU E 297 24.42 -22.34 -7.47
C LEU E 297 25.38 -22.63 -6.33
N ILE E 298 25.59 -21.68 -5.42
CA ILE E 298 26.50 -21.92 -4.32
C ILE E 298 25.86 -22.80 -3.25
N VAL E 299 24.54 -22.74 -3.07
CA VAL E 299 23.87 -23.74 -2.23
C VAL E 299 24.07 -25.14 -2.82
N MET E 300 23.92 -25.26 -4.15
CA MET E 300 24.15 -26.54 -4.79
C MET E 300 25.59 -27.01 -4.62
N ASN E 301 26.54 -26.10 -4.76
CA ASN E 301 27.95 -26.48 -4.65
C ASN E 301 28.30 -26.83 -3.21
N CYS E 302 27.73 -26.15 -2.23
CA CYS E 302 27.95 -26.52 -0.84
C CYS E 302 27.35 -27.88 -0.54
N VAL E 303 26.19 -28.18 -1.12
CA VAL E 303 25.58 -29.50 -0.93
C VAL E 303 26.49 -30.57 -1.50
N ILE E 304 27.04 -30.32 -2.70
CA ILE E 304 27.93 -31.29 -3.34
C ILE E 304 29.20 -31.46 -2.52
N VAL E 305 29.77 -30.37 -2.01
CA VAL E 305 31.00 -30.44 -1.23
C VAL E 305 30.75 -31.22 0.06
N LEU E 306 29.62 -30.97 0.73
CA LEU E 306 29.31 -31.70 1.94
C LEU E 306 29.05 -33.17 1.66
N ASN E 307 28.46 -33.47 0.50
CA ASN E 307 28.31 -34.87 0.10
C ASN E 307 29.66 -35.54 -0.07
N VAL E 308 30.60 -34.86 -0.74
CA VAL E 308 31.91 -35.45 -1.01
C VAL E 308 32.68 -35.63 0.29
N SER E 309 32.64 -34.64 1.18
CA SER E 309 33.50 -34.65 2.35
C SER E 309 33.07 -35.66 3.40
N LEU E 310 31.79 -36.06 3.42
CA LEU E 310 31.25 -36.92 4.46
C LEU E 310 31.00 -38.34 3.97
N ARG E 311 31.69 -38.77 2.91
CA ARG E 311 31.55 -40.15 2.43
C ARG E 311 32.25 -41.08 3.41
N THR E 312 31.48 -41.86 4.15
CA THR E 312 32.10 -42.80 5.07
C THR E 312 32.74 -43.95 4.29
N PRO E 313 33.92 -44.45 4.71
CA PRO E 313 34.57 -45.51 3.93
C PRO E 313 33.84 -46.84 3.95
N THR E 314 32.89 -47.03 4.87
CA THR E 314 32.23 -48.33 4.99
C THR E 314 31.27 -48.57 3.82
N THR E 315 30.65 -47.49 3.34
CA THR E 315 29.59 -47.57 2.29
C THR E 315 30.01 -46.90 0.98
N HIS E 316 31.13 -46.18 0.96
CA HIS E 316 31.54 -45.43 -0.23
C HIS E 316 32.95 -45.80 -0.63
N ALA E 317 33.11 -46.16 -1.90
CA ALA E 317 34.38 -46.58 -2.46
C ALA E 317 35.12 -45.39 -3.03
N MET E 318 36.43 -45.32 -2.75
CA MET E 318 37.27 -44.26 -3.30
C MET E 318 37.40 -44.44 -4.80
N SER E 319 37.00 -43.41 -5.55
CA SER E 319 37.16 -43.43 -6.99
C SER E 319 38.63 -43.18 -7.34
N PRO E 320 39.30 -44.08 -8.08
CA PRO E 320 40.71 -43.80 -8.39
C PRO E 320 40.90 -42.66 -9.37
N ARG E 321 39.97 -42.47 -10.31
CA ARG E 321 40.13 -41.39 -11.29
C ARG E 321 39.95 -40.02 -10.65
N LEU E 322 39.09 -39.93 -9.62
CA LEU E 322 38.93 -38.64 -8.93
C LEU E 322 40.14 -38.32 -8.07
N ARG E 323 40.76 -39.33 -7.46
CA ARG E 323 42.04 -39.09 -6.81
C ARG E 323 43.11 -38.71 -7.82
N TYR E 324 43.05 -39.28 -9.02
CA TYR E 324 44.00 -38.93 -10.07
C TYR E 324 43.82 -37.47 -10.50
N VAL E 325 42.58 -37.01 -10.64
CA VAL E 325 42.39 -35.60 -11.01
C VAL E 325 42.70 -34.68 -9.85
N LEU E 326 42.57 -35.14 -8.59
CA LEU E 326 43.09 -34.38 -7.47
C LEU E 326 44.59 -34.19 -7.59
N LEU E 327 45.32 -35.27 -7.86
CA LEU E 327 46.77 -35.18 -8.03
C LEU E 327 47.15 -34.43 -9.30
N GLU E 328 46.24 -34.29 -10.26
CA GLU E 328 46.48 -33.41 -11.40
C GLU E 328 46.30 -31.95 -11.03
N LEU E 329 45.29 -31.63 -10.23
CA LEU E 329 45.02 -30.24 -9.89
C LEU E 329 45.96 -29.69 -8.83
N LEU E 330 46.57 -30.55 -8.00
CA LEU E 330 47.45 -30.02 -6.95
C LEU E 330 48.67 -29.31 -7.51
N PRO E 331 49.41 -29.85 -8.50
CA PRO E 331 50.56 -29.11 -9.04
C PRO E 331 50.19 -28.02 -10.02
N GLN E 332 48.98 -28.02 -10.57
CA GLN E 332 48.61 -27.00 -11.55
C GLN E 332 48.51 -25.61 -10.91
N LEU E 333 48.26 -25.56 -9.60
CA LEU E 333 47.95 -24.32 -8.88
C LEU E 333 49.12 -23.89 -8.02
N ALA E 397 48.12 -72.61 30.45
CA ALA E 397 48.51 -72.41 29.06
C ALA E 397 47.33 -72.03 28.15
N PRO E 398 46.21 -72.77 28.23
CA PRO E 398 45.02 -72.29 27.50
C PRO E 398 44.55 -70.93 27.96
N GLU E 399 44.66 -70.65 29.26
CA GLU E 399 44.27 -69.34 29.79
C GLU E 399 45.16 -68.23 29.22
N ILE E 400 46.42 -68.55 28.94
CA ILE E 400 47.31 -67.56 28.33
C ILE E 400 46.96 -67.37 26.85
N ARG E 401 46.59 -68.47 26.18
CA ARG E 401 46.25 -68.39 24.77
C ARG E 401 45.00 -67.55 24.54
N CYS E 402 44.01 -67.68 25.44
CA CYS E 402 42.78 -66.92 25.27
C CYS E 402 43.02 -65.42 25.37
N CYS E 403 43.80 -64.99 26.37
CA CYS E 403 44.06 -63.56 26.50
C CYS E 403 44.98 -63.06 25.38
N VAL E 404 45.86 -63.92 24.87
CA VAL E 404 46.68 -63.54 23.73
C VAL E 404 45.79 -63.25 22.52
N ASP E 405 44.81 -64.14 22.27
CA ASP E 405 43.88 -63.90 21.18
C ASP E 405 43.05 -62.65 21.40
N ALA E 406 42.66 -62.37 22.64
CA ALA E 406 41.91 -61.16 22.93
C ALA E 406 42.74 -59.91 22.63
N VAL E 407 44.01 -59.91 23.02
CA VAL E 407 44.88 -58.78 22.77
C VAL E 407 45.07 -58.59 21.26
N ASN E 408 45.21 -59.69 20.52
CA ASN E 408 45.33 -59.58 19.07
C ASN E 408 44.07 -58.98 18.47
N PHE E 409 42.89 -59.36 18.98
CA PHE E 409 41.64 -58.82 18.46
C PHE E 409 41.54 -57.32 18.70
N VAL E 410 41.87 -56.86 19.92
CA VAL E 410 41.77 -55.43 20.19
C VAL E 410 42.87 -54.64 19.47
N ALA E 411 43.96 -55.29 19.06
CA ALA E 411 44.91 -54.61 18.18
C ALA E 411 44.37 -54.47 16.76
N SER E 412 43.75 -55.53 16.24
CA SER E 412 43.22 -55.49 14.88
C SER E 412 42.07 -54.50 14.76
N SER E 413 41.28 -54.34 15.83
CA SER E 413 40.20 -53.35 15.80
C SER E 413 40.75 -51.94 15.62
N THR E 414 41.82 -51.62 16.34
CA THR E 414 42.45 -50.30 16.21
C THR E 414 43.01 -50.11 14.81
N ARG E 415 43.64 -51.15 14.24
CA ARG E 415 44.13 -51.02 12.87
C ARG E 415 42.99 -50.77 11.89
N ASP E 416 41.86 -51.44 12.10
CA ASP E 416 40.68 -51.20 11.27
C ASP E 416 40.23 -49.75 11.34
N GLN E 417 40.11 -49.23 12.56
CA GLN E 417 39.65 -47.85 12.72
C GLN E 417 40.64 -46.83 12.18
N GLU E 418 41.94 -47.13 12.19
CA GLU E 418 42.90 -46.21 11.58
C GLU E 418 42.86 -46.25 10.05
N ALA E 419 42.61 -47.41 9.44
CA ALA E 419 42.37 -47.38 7.99
C ALA E 419 41.13 -46.56 7.67
N THR E 420 40.08 -46.71 8.49
CA THR E 420 38.86 -45.93 8.26
C THR E 420 39.12 -44.45 8.40
N GLY E 421 39.89 -44.04 9.42
CA GLY E 421 40.19 -42.64 9.59
C GLY E 421 41.03 -42.07 8.47
N GLU E 422 41.98 -42.85 7.95
CA GLU E 422 42.78 -42.36 6.83
C GLU E 422 41.92 -42.13 5.59
N GLU E 423 41.00 -43.05 5.31
CA GLU E 423 40.15 -42.87 4.13
C GLU E 423 39.16 -41.71 4.34
N VAL E 424 38.71 -41.52 5.58
CA VAL E 424 37.90 -40.34 5.91
C VAL E 424 38.67 -39.07 5.61
N SER E 425 39.93 -39.02 6.02
CA SER E 425 40.76 -37.85 5.75
C SER E 425 40.96 -37.64 4.25
N ASP E 426 41.03 -38.72 3.47
CA ASP E 426 41.14 -38.58 2.03
C ASP E 426 39.91 -37.88 1.46
N TRP E 427 38.71 -38.33 1.85
CA TRP E 427 37.49 -37.64 1.41
C TRP E 427 37.45 -36.19 1.88
N VAL E 428 37.91 -35.93 3.11
CA VAL E 428 37.92 -34.57 3.63
C VAL E 428 38.82 -33.67 2.78
N ARG E 429 40.01 -34.17 2.45
CA ARG E 429 40.94 -33.38 1.64
C ARG E 429 40.39 -33.13 0.24
N MET E 430 39.72 -34.13 -0.34
CA MET E 430 39.11 -33.92 -1.65
C MET E 430 38.05 -32.82 -1.59
N GLY E 431 37.21 -32.85 -0.55
CA GLY E 431 36.23 -31.80 -0.38
C GLY E 431 36.87 -30.43 -0.21
N LYS E 432 37.99 -30.36 0.52
CA LYS E 432 38.68 -29.08 0.70
C LYS E 432 39.19 -28.54 -0.63
N ALA E 433 39.80 -29.40 -1.45
CA ALA E 433 40.35 -28.92 -2.73
C ALA E 433 39.23 -28.47 -3.67
N LEU E 434 38.15 -29.24 -3.74
CA LEU E 434 37.03 -28.87 -4.60
C LEU E 434 36.41 -27.55 -4.15
N ASP E 435 36.30 -27.37 -2.83
CA ASP E 435 35.75 -26.13 -2.30
C ASP E 435 36.65 -24.94 -2.61
N SER E 436 37.97 -25.13 -2.50
CA SER E 436 38.90 -24.04 -2.80
C SER E 436 38.82 -23.64 -4.27
N ILE E 437 38.61 -24.61 -5.16
CA ILE E 437 38.53 -24.27 -6.58
C ILE E 437 37.24 -23.52 -6.86
N CYS E 438 36.13 -24.03 -6.34
CA CYS E 438 34.85 -23.42 -6.62
C CYS E 438 34.72 -22.06 -5.96
N PHE E 439 35.54 -21.75 -4.95
CA PHE E 439 35.54 -20.40 -4.41
C PHE E 439 35.99 -19.39 -5.46
N TRP E 440 37.12 -19.65 -6.12
CA TRP E 440 37.58 -18.72 -7.16
C TRP E 440 36.60 -18.68 -8.33
N ALA E 441 36.04 -19.83 -8.71
CA ALA E 441 35.05 -19.81 -9.79
C ALA E 441 33.86 -18.92 -9.43
N ALA E 442 33.33 -19.07 -8.21
CA ALA E 442 32.18 -18.30 -7.78
C ALA E 442 32.52 -16.82 -7.60
N LEU E 443 33.72 -16.52 -7.11
CA LEU E 443 34.14 -15.13 -6.94
C LEU E 443 34.22 -14.42 -8.29
N VAL E 444 34.81 -15.09 -9.29
CA VAL E 444 34.87 -14.50 -10.63
C VAL E 444 33.47 -14.29 -11.16
N LEU E 445 32.59 -15.28 -10.98
CA LEU E 445 31.21 -15.13 -11.45
C LEU E 445 30.53 -13.93 -10.82
N PHE E 446 30.59 -13.83 -9.48
CA PHE E 446 29.93 -12.74 -8.77
C PHE E 446 30.47 -11.39 -9.18
N LEU E 447 31.80 -11.24 -9.20
CA LEU E 447 32.39 -9.94 -9.48
C LEU E 447 32.15 -9.52 -10.92
N VAL E 448 32.38 -10.43 -11.87
CA VAL E 448 32.19 -10.08 -13.27
C VAL E 448 30.73 -9.77 -13.56
N GLY E 449 29.80 -10.55 -13.00
CA GLY E 449 28.39 -10.27 -13.23
C GLY E 449 27.95 -8.95 -12.64
N SER E 450 28.37 -8.64 -11.41
CA SER E 450 27.98 -7.39 -10.81
C SER E 450 28.56 -6.20 -11.57
N SER E 451 29.84 -6.30 -11.96
CA SER E 451 30.45 -5.22 -12.71
C SER E 451 29.78 -5.03 -14.06
N LEU E 452 29.46 -6.12 -14.76
CA LEU E 452 28.82 -5.98 -16.06
C LEU E 452 27.41 -5.42 -15.93
N ILE E 453 26.68 -5.78 -14.87
CA ILE E 453 25.32 -5.28 -14.72
C ILE E 453 25.35 -3.79 -14.40
N PHE E 454 26.24 -3.36 -13.50
CA PHE E 454 26.27 -1.95 -13.10
C PHE E 454 27.08 -1.06 -14.03
N LEU E 455 27.87 -1.61 -14.94
CA LEU E 455 28.52 -0.75 -15.92
C LEU E 455 27.50 -0.24 -16.94
N GLY E 456 26.43 -0.99 -17.18
CA GLY E 456 25.33 -0.47 -17.97
C GLY E 456 24.70 0.75 -17.32
N ALA E 457 24.60 0.75 -15.99
CA ALA E 457 24.20 1.95 -15.28
C ALA E 457 25.23 3.06 -15.43
N TYR E 458 26.51 2.71 -15.37
CA TYR E 458 27.57 3.72 -15.46
C TYR E 458 27.59 4.39 -16.83
N PHE E 459 27.25 3.67 -17.90
CA PHE E 459 27.28 4.22 -19.25
C PHE E 459 25.93 4.76 -19.72
N ASN E 460 24.90 4.74 -18.88
CA ASN E 460 23.58 5.28 -19.24
C ASN E 460 23.47 6.75 -18.84
N ARG E 461 24.28 7.58 -19.49
CA ARG E 461 24.27 9.00 -19.19
C ARG E 461 23.27 9.72 -20.09
N VAL E 462 22.87 10.90 -19.65
CA VAL E 462 21.99 11.74 -20.48
C VAL E 462 22.75 12.15 -21.73
N PRO E 463 22.22 11.94 -22.95
CA PRO E 463 23.04 12.25 -24.13
C PRO E 463 23.32 13.73 -24.26
N GLN E 464 24.46 14.04 -24.87
CA GLN E 464 24.89 15.41 -25.12
C GLN E 464 24.12 15.94 -26.32
N LEU E 465 22.89 16.43 -26.05
CA LEU E 465 22.05 16.94 -27.12
C LEU E 465 22.49 18.35 -27.53
N PRO E 466 22.16 18.79 -28.79
CA PRO E 466 22.56 20.13 -29.26
C PRO E 466 21.59 21.23 -28.81
N TYR E 467 21.34 21.28 -27.49
CA TYR E 467 20.46 22.26 -26.87
C TYR E 467 21.20 22.92 -25.72
N PRO E 468 20.77 24.11 -25.26
CA PRO E 468 21.36 24.70 -24.05
C PRO E 468 20.86 23.94 -22.81
N PRO E 469 21.49 24.08 -21.63
CA PRO E 469 20.96 23.41 -20.43
C PRO E 469 19.61 24.02 -20.06
N CYS E 470 18.78 23.32 -19.29
CA CYS E 470 17.45 23.83 -18.83
C CYS E 470 17.64 24.87 -17.72
N MET E 471 18.82 24.93 -17.11
CA MET E 471 19.12 25.90 -16.03
C MET E 471 20.61 25.82 -15.71
N SER F 2 36.89 49.70 5.24
CA SER F 2 35.50 49.65 4.68
C SER F 2 35.55 49.64 3.15
N MET F 3 34.38 49.60 2.52
CA MET F 3 34.33 49.55 1.07
C MET F 3 32.93 49.96 0.63
N ILE F 4 32.86 50.82 -0.38
CA ILE F 4 31.60 51.38 -0.87
C ILE F 4 31.14 50.53 -2.04
N CYS F 5 29.91 50.01 -1.96
CA CYS F 5 29.29 49.23 -3.03
C CYS F 5 27.97 49.86 -3.44
N TYR F 6 27.58 49.62 -4.69
CA TYR F 6 26.23 49.96 -5.12
C TYR F 6 25.26 48.90 -4.63
N ASN F 7 24.03 49.31 -4.32
CA ASN F 7 23.04 48.39 -3.77
C ASN F 7 21.63 48.60 -4.31
N GLN F 8 21.49 49.28 -5.45
CA GLN F 8 20.17 49.50 -6.04
C GLN F 8 19.75 48.29 -6.87
N GLN F 9 18.46 48.22 -7.14
CA GLN F 9 17.90 47.14 -7.97
C GLN F 9 18.01 47.55 -9.44
N SER F 10 17.45 46.75 -10.33
CA SER F 10 17.64 46.92 -11.77
C SER F 10 17.06 48.24 -12.24
N SER F 11 17.87 49.02 -12.95
CA SER F 11 17.45 50.26 -13.62
C SER F 11 16.89 51.30 -12.66
N GLN F 12 17.15 51.16 -11.36
CA GLN F 12 16.71 52.13 -10.37
C GLN F 12 17.76 53.23 -10.26
N PRO F 13 17.43 54.38 -9.67
CA PRO F 13 18.44 55.41 -9.45
C PRO F 13 19.59 54.87 -8.61
N PRO F 14 20.84 55.19 -8.91
CA PRO F 14 21.94 54.59 -8.15
C PRO F 14 21.95 55.00 -6.69
N THR F 15 22.20 54.03 -5.81
CA THR F 15 22.41 54.26 -4.40
C THR F 15 23.55 53.37 -3.91
N THR F 16 24.23 53.83 -2.86
CA THR F 16 25.43 53.20 -2.36
C THR F 16 25.29 52.84 -0.88
N LYS F 17 26.18 51.98 -0.41
CA LYS F 17 26.25 51.60 0.99
C LYS F 17 27.70 51.25 1.32
N THR F 18 27.99 51.20 2.62
CA THR F 18 29.31 50.93 3.16
C THR F 18 29.30 49.55 3.80
N CYS F 19 30.34 48.76 3.55
CA CYS F 19 30.41 47.41 4.07
C CYS F 19 31.84 46.96 4.29
N SER F 20 32.01 46.00 5.20
CA SER F 20 33.31 45.52 5.65
C SER F 20 33.92 44.44 4.76
N GLU F 21 33.15 43.84 3.86
CA GLU F 21 33.72 42.85 2.95
C GLU F 21 34.58 43.54 1.89
N THR F 22 35.43 42.75 1.25
CA THR F 22 36.39 43.22 0.27
C THR F 22 35.91 43.04 -1.17
N SER F 23 34.63 42.71 -1.38
CA SER F 23 34.10 42.47 -2.71
C SER F 23 32.70 43.04 -2.84
N CYS F 24 32.44 43.67 -3.98
CA CYS F 24 31.09 44.00 -4.42
C CYS F 24 30.62 42.90 -5.37
N TYR F 25 29.30 42.71 -5.45
CA TYR F 25 28.69 41.74 -6.32
C TYR F 25 27.53 42.36 -7.08
N LYS F 26 27.43 42.00 -8.35
CA LYS F 26 26.24 42.20 -9.18
C LYS F 26 25.72 40.83 -9.59
N LYS F 27 24.46 40.55 -9.26
CA LYS F 27 23.83 39.27 -9.52
C LYS F 27 22.65 39.53 -10.46
N THR F 28 22.67 38.91 -11.63
CA THR F 28 21.65 39.09 -12.64
C THR F 28 20.98 37.76 -12.94
N TRP F 29 19.66 37.77 -13.03
CA TRP F 29 18.94 36.59 -13.51
C TRP F 29 17.68 37.05 -14.22
N ARG F 30 17.00 36.10 -14.85
CA ARG F 30 15.79 36.34 -15.61
C ARG F 30 14.68 35.44 -15.09
N ASP F 31 13.48 35.99 -14.95
CA ASP F 31 12.28 35.23 -14.66
C ASP F 31 11.28 35.42 -15.81
N HIS F 32 10.06 34.94 -15.61
CA HIS F 32 9.06 34.99 -16.66
C HIS F 32 8.70 36.41 -17.08
N ARG F 33 8.96 37.40 -16.22
CA ARG F 33 8.54 38.77 -16.48
C ARG F 33 9.66 39.60 -17.11
N GLY F 34 10.89 39.43 -16.65
CA GLY F 34 12.01 40.19 -17.20
C GLY F 34 13.32 39.89 -16.50
N THR F 35 14.21 40.88 -16.41
CA THR F 35 15.55 40.72 -15.89
C THR F 35 15.64 41.44 -14.55
N ILE F 36 16.11 40.74 -13.52
CA ILE F 36 16.33 41.30 -12.21
C ILE F 36 17.84 41.40 -11.98
N ILE F 37 18.28 42.56 -11.50
CA ILE F 37 19.67 42.81 -11.14
C ILE F 37 19.67 43.22 -9.67
N GLU F 38 20.51 42.56 -8.88
CA GLU F 38 20.67 42.83 -7.46
C GLU F 38 22.12 43.16 -7.20
N ARG F 39 22.37 44.24 -6.45
CA ARG F 39 23.71 44.72 -6.19
C ARG F 39 23.96 44.72 -4.68
N GLY F 40 25.19 44.39 -4.28
CA GLY F 40 25.51 44.42 -2.87
C GLY F 40 26.97 44.14 -2.63
N CYS F 41 27.29 43.79 -1.39
CA CYS F 41 28.65 43.45 -0.98
C CYS F 41 28.78 41.95 -0.77
N GLY F 42 30.02 41.49 -0.76
CA GLY F 42 30.33 40.08 -0.62
C GLY F 42 30.49 39.42 -1.97
N CYS F 43 30.65 38.10 -1.93
CA CYS F 43 30.60 37.25 -3.11
C CYS F 43 29.72 36.05 -2.76
N PRO F 44 28.40 36.21 -2.83
CA PRO F 44 27.52 35.13 -2.37
C PRO F 44 27.57 33.93 -3.30
N LYS F 45 27.13 32.79 -2.78
CA LYS F 45 26.98 31.60 -3.57
C LYS F 45 25.63 31.66 -4.27
N VAL F 46 25.64 31.50 -5.58
CA VAL F 46 24.44 31.61 -6.40
C VAL F 46 24.01 30.23 -6.84
N LYS F 47 22.71 30.07 -7.06
CA LYS F 47 22.21 28.88 -7.68
C LYS F 47 22.69 28.83 -9.13
N PRO F 48 22.71 27.65 -9.76
CA PRO F 48 23.13 27.58 -11.16
C PRO F 48 22.20 28.40 -12.06
N GLY F 49 22.77 28.96 -13.12
CA GLY F 49 22.01 29.75 -14.07
C GLY F 49 21.87 31.22 -13.75
N ILE F 50 22.58 31.72 -12.74
CA ILE F 50 22.53 33.11 -12.32
C ILE F 50 23.87 33.74 -12.64
N LYS F 51 23.87 34.82 -13.41
CA LYS F 51 25.11 35.52 -13.73
C LYS F 51 25.57 36.24 -12.47
N LEU F 52 26.80 35.99 -12.06
CA LEU F 52 27.42 36.63 -10.91
C LEU F 52 28.69 37.34 -11.35
N HIS F 53 28.84 38.59 -10.95
CA HIS F 53 30.04 39.37 -11.22
C HIS F 53 30.53 39.95 -9.91
N CYS F 54 31.64 39.40 -9.40
CA CYS F 54 32.26 39.88 -8.18
C CYS F 54 33.48 40.70 -8.57
N CYS F 55 33.62 41.88 -7.96
CA CYS F 55 34.76 42.76 -8.22
C CYS F 55 35.30 43.28 -6.90
N ARG F 56 36.56 43.70 -6.92
CA ARG F 56 37.33 43.98 -5.71
C ARG F 56 37.62 45.46 -5.47
N THR F 57 37.13 46.37 -6.32
CA THR F 57 37.39 47.80 -6.18
C THR F 57 36.09 48.55 -5.87
N ASP F 58 36.22 49.86 -5.67
CA ASP F 58 35.13 50.68 -5.17
C ASP F 58 34.13 50.99 -6.26
N LYS F 59 32.84 50.83 -5.94
CA LYS F 59 31.73 51.21 -6.83
C LYS F 59 31.85 50.54 -8.19
N CYS F 60 32.14 49.23 -8.18
CA CYS F 60 32.35 48.47 -9.40
C CYS F 60 31.16 47.63 -9.84
N ASN F 61 30.00 47.76 -9.16
CA ASN F 61 28.84 46.98 -9.59
C ASN F 61 28.35 47.44 -10.96
N ASN F 62 28.13 48.73 -11.13
CA ASN F 62 27.59 49.27 -12.37
C ASN F 62 28.44 50.42 -12.87
N GLY G 1 -28.04 -33.08 -45.29
CA GLY G 1 -28.97 -32.80 -44.16
C GLY G 1 -29.07 -31.33 -43.85
N SER G 2 -30.28 -30.79 -43.94
CA SER G 2 -30.55 -29.38 -43.69
C SER G 2 -31.70 -29.26 -42.70
N MET G 3 -32.06 -28.02 -42.38
CA MET G 3 -33.08 -27.73 -41.39
C MET G 3 -33.58 -26.32 -41.65
N ILE G 4 -34.86 -26.07 -41.41
CA ILE G 4 -35.47 -24.75 -41.58
C ILE G 4 -35.75 -24.19 -40.19
N CYS G 5 -35.28 -22.97 -39.95
CA CYS G 5 -35.24 -22.37 -38.63
C CYS G 5 -35.90 -21.00 -38.70
N TYR G 6 -36.53 -20.56 -37.61
CA TYR G 6 -36.92 -19.16 -37.49
C TYR G 6 -35.75 -18.38 -36.89
N ASN G 7 -35.65 -17.09 -37.25
CA ASN G 7 -34.57 -16.26 -36.74
C ASN G 7 -34.99 -14.81 -36.53
N GLN G 8 -36.27 -14.55 -36.26
CA GLN G 8 -36.75 -13.21 -36.00
C GLN G 8 -36.54 -12.83 -34.54
N GLN G 9 -36.62 -11.53 -34.27
CA GLN G 9 -36.51 -11.00 -32.91
C GLN G 9 -37.90 -10.69 -32.36
N SER G 10 -38.15 -11.16 -31.13
CA SER G 10 -39.33 -10.79 -30.34
C SER G 10 -40.63 -10.97 -31.14
N SER G 11 -41.40 -9.90 -31.36
CA SER G 11 -42.66 -9.98 -32.10
C SER G 11 -42.55 -9.33 -33.48
N GLN G 12 -41.36 -9.39 -34.08
CA GLN G 12 -41.18 -8.89 -35.42
C GLN G 12 -41.85 -9.85 -36.41
N PRO G 13 -42.08 -9.43 -37.65
CA PRO G 13 -42.65 -10.34 -38.64
C PRO G 13 -41.77 -11.56 -38.82
N PRO G 14 -42.32 -12.78 -38.95
CA PRO G 14 -41.45 -13.96 -38.95
C PRO G 14 -40.53 -14.01 -40.17
N THR G 15 -39.31 -14.48 -39.92
CA THR G 15 -38.30 -14.70 -40.95
C THR G 15 -37.71 -16.09 -40.76
N THR G 16 -37.10 -16.61 -41.82
CA THR G 16 -36.64 -17.98 -41.88
C THR G 16 -35.21 -18.03 -42.41
N LYS G 17 -34.39 -18.90 -41.81
CA LYS G 17 -33.06 -19.22 -42.29
C LYS G 17 -32.91 -20.74 -42.41
N THR G 18 -31.79 -21.16 -43.00
CA THR G 18 -31.47 -22.57 -43.20
C THR G 18 -30.39 -22.96 -42.20
N CYS G 19 -30.79 -23.67 -41.16
CA CYS G 19 -29.86 -24.23 -40.19
C CYS G 19 -29.22 -25.49 -40.76
N SER G 20 -27.89 -25.56 -40.68
CA SER G 20 -27.17 -26.81 -40.94
C SER G 20 -27.12 -27.73 -39.73
N GLU G 21 -27.48 -27.24 -38.55
CA GLU G 21 -27.52 -28.05 -37.35
C GLU G 21 -28.84 -28.83 -37.29
N THR G 22 -28.95 -29.69 -36.26
CA THR G 22 -30.09 -30.58 -36.11
C THR G 22 -31.15 -30.04 -35.14
N SER G 23 -31.03 -28.79 -34.72
CA SER G 23 -31.99 -28.20 -33.78
C SER G 23 -32.07 -26.70 -34.02
N CYS G 24 -33.23 -26.13 -33.70
CA CYS G 24 -33.42 -24.69 -33.62
C CYS G 24 -33.82 -24.33 -32.19
N TYR G 25 -33.42 -23.13 -31.76
CA TYR G 25 -33.60 -22.69 -30.39
C TYR G 25 -34.37 -21.38 -30.30
N LYS G 26 -35.10 -21.27 -29.18
CA LYS G 26 -35.76 -20.05 -28.72
C LYS G 26 -35.15 -19.67 -27.38
N LYS G 27 -34.76 -18.41 -27.25
CA LYS G 27 -34.12 -17.87 -26.06
C LYS G 27 -34.92 -16.68 -25.59
N THR G 28 -35.34 -16.68 -24.33
CA THR G 28 -36.19 -15.62 -23.78
C THR G 28 -35.57 -15.09 -22.50
N TRP G 29 -35.51 -13.76 -22.39
CA TRP G 29 -35.07 -13.14 -21.14
C TRP G 29 -35.73 -11.78 -21.01
N ARG G 30 -35.66 -11.23 -19.79
CA ARG G 30 -36.27 -9.94 -19.48
C ARG G 30 -35.27 -9.04 -18.78
N ASP G 31 -35.04 -7.87 -19.37
CA ASP G 31 -34.31 -6.77 -18.76
C ASP G 31 -35.30 -5.72 -18.26
N HIS G 32 -34.78 -4.56 -17.85
CA HIS G 32 -35.64 -3.52 -17.30
C HIS G 32 -36.63 -2.96 -18.31
N ARG G 33 -36.33 -3.05 -19.61
CA ARG G 33 -37.18 -2.47 -20.63
C ARG G 33 -38.27 -3.41 -21.14
N GLY G 34 -38.13 -4.71 -20.93
CA GLY G 34 -39.14 -5.65 -21.38
C GLY G 34 -38.52 -7.01 -21.66
N THR G 35 -39.19 -7.74 -22.54
CA THR G 35 -38.82 -9.11 -22.90
C THR G 35 -38.16 -9.13 -24.26
N ILE G 36 -37.03 -9.84 -24.36
CA ILE G 36 -36.34 -10.10 -25.61
C ILE G 36 -36.43 -11.59 -25.89
N ILE G 37 -36.80 -11.93 -27.13
CA ILE G 37 -36.81 -13.29 -27.63
C ILE G 37 -35.86 -13.35 -28.82
N GLU G 38 -34.95 -14.33 -28.80
CA GLU G 38 -33.97 -14.54 -29.85
C GLU G 38 -34.15 -15.95 -30.40
N ARG G 39 -34.24 -16.06 -31.72
CA ARG G 39 -34.49 -17.33 -32.41
C ARG G 39 -33.31 -17.65 -33.30
N GLY G 40 -32.94 -18.92 -33.37
CA GLY G 40 -31.85 -19.29 -34.26
C GLY G 40 -31.50 -20.75 -34.27
N CYS G 41 -30.25 -21.03 -34.61
CA CYS G 41 -29.76 -22.37 -34.88
C CYS G 41 -29.11 -22.99 -33.65
N GLY G 42 -29.13 -24.32 -33.60
CA GLY G 42 -28.40 -25.06 -32.60
C GLY G 42 -29.09 -25.05 -31.25
N CYS G 43 -28.31 -25.40 -30.23
CA CYS G 43 -28.71 -25.31 -28.83
C CYS G 43 -27.57 -24.65 -28.06
N PRO G 44 -27.50 -23.31 -28.05
CA PRO G 44 -26.35 -22.66 -27.40
C PRO G 44 -26.41 -22.78 -25.89
N LYS G 45 -25.25 -22.55 -25.28
CA LYS G 45 -25.13 -22.54 -23.82
C LYS G 45 -25.47 -21.13 -23.32
N VAL G 46 -26.53 -21.03 -22.53
CA VAL G 46 -27.05 -19.74 -22.09
C VAL G 46 -26.59 -19.45 -20.67
N LYS G 47 -26.58 -18.17 -20.32
CA LYS G 47 -26.26 -17.74 -18.98
C LYS G 47 -27.42 -18.09 -18.04
N PRO G 48 -27.16 -18.20 -16.73
CA PRO G 48 -28.26 -18.45 -15.79
C PRO G 48 -29.26 -17.31 -15.81
N GLY G 49 -30.54 -17.66 -15.65
CA GLY G 49 -31.63 -16.70 -15.68
C GLY G 49 -32.29 -16.52 -17.02
N ILE G 50 -31.88 -17.27 -18.04
CA ILE G 50 -32.42 -17.18 -19.39
C ILE G 50 -33.20 -18.46 -19.68
N LYS G 51 -34.42 -18.31 -20.18
CA LYS G 51 -35.21 -19.45 -20.61
C LYS G 51 -34.74 -19.88 -22.00
N LEU G 52 -34.52 -21.18 -22.17
CA LEU G 52 -34.11 -21.75 -23.45
C LEU G 52 -35.01 -22.92 -23.80
N HIS G 53 -35.38 -22.99 -25.08
CA HIS G 53 -36.22 -24.06 -25.62
C HIS G 53 -35.63 -24.50 -26.94
N CYS G 54 -34.98 -25.67 -26.95
CA CYS G 54 -34.42 -26.25 -28.15
C CYS G 54 -35.33 -27.34 -28.67
N CYS G 55 -35.44 -27.45 -29.99
CA CYS G 55 -36.32 -28.45 -30.59
C CYS G 55 -35.81 -28.82 -31.99
N ARG G 56 -36.06 -30.09 -32.34
CA ARG G 56 -35.44 -30.74 -33.49
C ARG G 56 -36.36 -30.79 -34.72
N THR G 57 -37.48 -30.09 -34.69
CA THR G 57 -38.43 -30.09 -35.81
C THR G 57 -38.26 -28.80 -36.60
N ASP G 58 -38.57 -28.87 -37.89
CA ASP G 58 -38.44 -27.71 -38.75
C ASP G 58 -39.52 -26.68 -38.40
N LYS G 59 -39.14 -25.40 -38.38
CA LYS G 59 -40.06 -24.30 -38.07
C LYS G 59 -40.68 -24.47 -36.68
N CYS G 60 -39.81 -24.67 -35.68
CA CYS G 60 -40.23 -25.07 -34.34
C CYS G 60 -39.90 -24.08 -33.22
N ASN G 61 -39.29 -22.93 -33.53
CA ASN G 61 -38.94 -21.95 -32.50
C ASN G 61 -39.98 -20.84 -32.43
N ASN G 62 -41.13 -21.03 -33.04
CA ASN G 62 -42.28 -20.16 -32.88
C ASN G 62 -43.52 -20.85 -33.43
#